data_5VLG
#
_entry.id   5VLG
#
_cell.length_a   100.145
_cell.length_b   85.985
_cell.length_c   102.275
_cell.angle_alpha   90.00
_cell.angle_beta   101.69
_cell.angle_gamma   90.00
#
_symmetry.space_group_name_H-M   'P 1 21 1'
#
loop_
_entity.id
_entity.type
_entity.pdbx_description
1 polymer 'Regulatory protein TetR'
2 non-polymer 'MALACHITE GREEN'
3 water water
#
_entity_poly.entity_id   1
_entity_poly.type   'polypeptide(L)'
_entity_poly.pdbx_seq_one_letter_code
;MGYLNREERRETIMQAAMRVALDQGFTGMTVRNIATAAGVAAGQVHHHFTSSGELKSQAFIRVIREMMDLQRLSRTAGWR
EQLFSALGSEDGRLEPYIRLWRQAQLLADSDPEIKSAYLLTMNLWHDEAVRIIRAGHAAGEFTLRDSAENIAWRLISLVC
GLDGIYVLGMPEVDDAAFTRHLQHVIQLELFS
;
_entity_poly.pdbx_strand_id   A,B,C,D,E,F,G,H
#
loop_
_chem_comp.id
_chem_comp.type
_chem_comp.name
_chem_comp.formula
MGR non-polymer 'MALACHITE GREEN' 'C23 H25 N2 1'
#
# COMPACT_ATOMS: atom_id res chain seq x y z
N ASN A 5 8.52 49.00 -46.09
CA ASN A 5 7.19 48.99 -45.49
C ASN A 5 6.81 47.58 -45.02
N ARG A 6 6.11 46.83 -45.87
CA ARG A 6 5.51 45.57 -45.45
C ARG A 6 6.58 44.59 -44.97
N GLU A 7 7.45 44.15 -45.87
CA GLU A 7 8.48 43.17 -45.53
C GLU A 7 9.77 43.80 -45.03
N GLU A 8 9.96 45.10 -45.26
CA GLU A 8 11.20 45.75 -44.86
C GLU A 8 11.22 46.08 -43.38
N ARG A 9 10.09 46.56 -42.84
CA ARG A 9 9.99 46.75 -41.40
C ARG A 9 9.96 45.42 -40.67
N ARG A 10 9.26 44.43 -41.25
CA ARG A 10 9.33 43.07 -40.72
C ARG A 10 10.78 42.58 -40.67
N GLU A 11 11.57 42.91 -41.70
CA GLU A 11 12.95 42.46 -41.73
C GLU A 11 13.80 43.21 -40.71
N THR A 12 13.53 44.49 -40.50
CA THR A 12 14.27 45.23 -39.47
C THR A 12 13.94 44.70 -38.08
N ILE A 13 12.66 44.41 -37.83
CA ILE A 13 12.27 43.80 -36.55
C ILE A 13 12.96 42.47 -36.38
N MET A 14 13.00 41.66 -37.43
CA MET A 14 13.69 40.37 -37.36
C MET A 14 15.16 40.56 -37.02
N GLN A 15 15.82 41.52 -37.67
CA GLN A 15 17.22 41.81 -37.36
C GLN A 15 17.37 42.19 -35.89
N ALA A 16 16.43 42.96 -35.36
CA ALA A 16 16.47 43.29 -33.93
C ALA A 16 16.41 42.02 -33.08
N ALA A 17 15.43 41.16 -33.35
CA ALA A 17 15.32 39.91 -32.60
C ALA A 17 16.62 39.11 -32.67
N MET A 18 17.26 39.11 -33.83
CA MET A 18 18.51 38.36 -33.99
C MET A 18 19.62 38.96 -33.14
N ARG A 19 19.75 40.29 -33.15
CA ARG A 19 20.80 40.93 -32.35
C ARG A 19 20.58 40.67 -30.87
N VAL A 20 19.33 40.81 -30.39
CA VAL A 20 19.04 40.54 -28.99
C VAL A 20 19.28 39.06 -28.67
N ALA A 21 19.05 38.17 -29.63
CA ALA A 21 19.28 36.75 -29.40
C ALA A 21 20.76 36.46 -29.23
N LEU A 22 21.60 37.04 -30.09
CA LEU A 22 23.04 36.84 -29.97
C LEU A 22 23.62 37.56 -28.77
N ASP A 23 22.95 38.59 -28.26
CA ASP A 23 23.50 39.38 -27.16
C ASP A 23 23.08 38.86 -25.80
N GLN A 24 21.83 38.41 -25.65
CA GLN A 24 21.28 38.01 -24.36
C GLN A 24 20.69 36.61 -24.32
N GLY A 25 20.33 36.03 -25.45
CA GLY A 25 19.65 34.76 -25.47
C GLY A 25 18.15 34.91 -25.39
N PHE A 26 17.48 33.76 -25.29
CA PHE A 26 16.02 33.73 -25.34
C PHE A 26 15.39 34.51 -24.19
N THR A 27 16.03 34.52 -23.02
CA THR A 27 15.42 35.16 -21.85
C THR A 27 15.22 36.66 -22.08
N GLY A 28 16.18 37.31 -22.73
CA GLY A 28 16.11 38.73 -22.99
C GLY A 28 15.34 39.13 -24.21
N MET A 29 14.71 38.17 -24.91
CA MET A 29 14.00 38.47 -26.15
C MET A 29 12.56 38.89 -25.86
N THR A 30 12.42 39.93 -25.05
CA THR A 30 11.13 40.52 -24.76
C THR A 30 10.81 41.58 -25.81
N VAL A 31 9.51 41.69 -26.14
CA VAL A 31 9.08 42.66 -27.15
C VAL A 31 9.47 44.07 -26.74
N ARG A 32 9.54 44.34 -25.43
CA ARG A 32 9.90 45.68 -24.97
C ARG A 32 11.36 45.99 -25.26
N ASN A 33 12.23 44.98 -25.27
CA ASN A 33 13.64 45.19 -25.59
C ASN A 33 13.89 45.08 -27.09
N ILE A 34 13.22 44.14 -27.77
CA ILE A 34 13.37 44.03 -29.22
C ILE A 34 12.89 45.32 -29.90
N ALA A 35 11.73 45.82 -29.48
CA ALA A 35 11.21 47.06 -30.07
C ALA A 35 12.20 48.20 -29.88
N THR A 36 12.85 48.27 -28.72
CA THR A 36 13.83 49.32 -28.47
C THR A 36 15.06 49.15 -29.35
N ALA A 37 15.55 47.91 -29.49
CA ALA A 37 16.69 47.67 -30.37
C ALA A 37 16.36 47.94 -31.83
N ALA A 38 15.08 47.89 -32.20
CA ALA A 38 14.67 48.23 -33.56
C ALA A 38 14.31 49.70 -33.73
N GLY A 39 14.09 50.42 -32.64
CA GLY A 39 13.72 51.82 -32.73
C GLY A 39 12.27 52.07 -33.03
N VAL A 40 11.39 51.13 -32.69
CA VAL A 40 9.96 51.25 -32.95
C VAL A 40 9.20 51.13 -31.64
N ALA A 41 7.91 51.40 -31.71
CA ALA A 41 7.05 51.27 -30.53
C ALA A 41 6.79 49.80 -30.23
N ALA A 42 6.39 49.53 -28.99
CA ALA A 42 6.23 48.15 -28.55
C ALA A 42 5.07 47.45 -29.26
N GLY A 43 4.07 48.21 -29.72
CA GLY A 43 2.90 47.59 -30.30
C GLY A 43 3.09 47.12 -31.73
N GLN A 44 3.95 47.79 -32.50
CA GLN A 44 4.17 47.41 -33.89
C GLN A 44 4.68 45.97 -33.99
N VAL A 45 5.51 45.55 -33.05
CA VAL A 45 5.98 44.16 -33.05
C VAL A 45 4.81 43.21 -32.90
N HIS A 46 3.80 43.61 -32.11
CA HIS A 46 2.58 42.81 -32.03
C HIS A 46 1.79 42.88 -33.33
N HIS A 47 1.90 44.00 -34.07
CA HIS A 47 1.28 44.06 -35.39
C HIS A 47 1.91 43.05 -36.34
N HIS A 48 3.23 42.83 -36.22
CA HIS A 48 3.94 42.00 -37.18
C HIS A 48 4.09 40.55 -36.77
N PHE A 49 4.03 40.23 -35.47
CA PHE A 49 4.21 38.87 -35.00
C PHE A 49 3.10 38.53 -34.01
N THR A 50 2.27 37.56 -34.39
CA THR A 50 1.13 37.21 -33.56
C THR A 50 1.55 36.78 -32.16
N SER A 51 2.47 35.82 -32.08
CA SER A 51 2.93 35.29 -30.80
C SER A 51 4.38 35.69 -30.56
N SER A 52 4.68 36.05 -29.31
CA SER A 52 6.07 36.32 -28.93
C SER A 52 6.93 35.09 -29.17
N GLY A 53 6.40 33.90 -28.88
CA GLY A 53 7.14 32.68 -29.13
C GLY A 53 7.45 32.49 -30.60
N GLU A 54 6.51 32.82 -31.47
CA GLU A 54 6.77 32.78 -32.90
C GLU A 54 7.97 33.64 -33.26
N LEU A 55 8.04 34.85 -32.70
CA LEU A 55 9.18 35.72 -32.97
C LEU A 55 10.48 35.10 -32.46
N LYS A 56 10.49 34.66 -31.20
CA LYS A 56 11.68 34.04 -30.64
C LYS A 56 12.18 32.89 -31.53
N SER A 57 11.27 32.00 -31.93
CA SER A 57 11.66 30.84 -32.72
C SER A 57 12.18 31.25 -34.10
N GLN A 58 11.39 32.03 -34.83
CA GLN A 58 11.80 32.44 -36.17
C GLN A 58 13.15 33.16 -36.14
N ALA A 59 13.30 34.11 -35.22
CA ALA A 59 14.57 34.83 -35.11
C ALA A 59 15.71 33.88 -34.80
N PHE A 60 15.48 32.90 -33.92
CA PHE A 60 16.51 31.89 -33.67
C PHE A 60 16.92 31.20 -34.96
N ILE A 61 15.93 30.73 -35.73
CA ILE A 61 16.23 30.07 -37.00
C ILE A 61 17.10 30.96 -37.87
N ARG A 62 16.73 32.24 -37.97
CA ARG A 62 17.52 33.17 -38.79
C ARG A 62 18.95 33.28 -38.26
N VAL A 63 19.11 33.35 -36.94
CA VAL A 63 20.45 33.42 -36.36
C VAL A 63 21.30 32.24 -36.81
N ILE A 64 20.73 31.03 -36.71
CA ILE A 64 21.48 29.83 -37.08
C ILE A 64 21.78 29.82 -38.58
N ARG A 65 20.81 30.23 -39.40
CA ARG A 65 21.05 30.34 -40.83
C ARG A 65 22.24 31.26 -41.12
N GLU A 66 22.30 32.41 -40.44
CA GLU A 66 23.43 33.31 -40.62
C GLU A 66 24.73 32.65 -40.17
N MET A 67 24.69 31.91 -39.06
CA MET A 67 25.87 31.17 -38.64
C MET A 67 26.39 30.28 -39.76
N MET A 68 25.49 29.51 -40.36
CA MET A 68 25.90 28.61 -41.43
C MET A 68 26.40 29.38 -42.64
N ASP A 69 25.84 30.55 -42.92
CA ASP A 69 26.36 31.36 -44.02
C ASP A 69 27.77 31.84 -43.73
N LEU A 70 28.07 32.15 -42.47
CA LEU A 70 29.42 32.57 -42.11
C LEU A 70 30.41 31.42 -42.13
N GLN A 71 29.94 30.19 -41.86
CA GLN A 71 30.83 29.04 -41.82
C GLN A 71 31.05 28.39 -43.17
N ARG A 72 30.33 28.81 -44.22
CA ARG A 72 30.55 28.26 -45.55
C ARG A 72 31.79 28.88 -46.17
N LEU A 73 32.65 28.03 -46.74
CA LEU A 73 33.95 28.46 -47.24
C LEU A 73 33.88 28.77 -48.74
N SER A 74 35.02 29.14 -49.31
CA SER A 74 35.11 29.73 -50.64
C SER A 74 34.84 28.74 -51.77
N ARG A 75 34.46 27.50 -51.47
CA ARG A 75 34.02 26.54 -52.48
C ARG A 75 35.17 25.98 -53.31
N THR A 76 36.38 26.54 -53.15
CA THR A 76 37.55 26.04 -53.86
C THR A 76 38.55 25.35 -52.93
N ALA A 77 38.44 25.59 -51.62
CA ALA A 77 39.27 24.88 -50.66
C ALA A 77 38.89 23.41 -50.64
N GLY A 78 39.80 22.60 -50.11
CA GLY A 78 39.56 21.17 -50.00
C GLY A 78 38.22 20.85 -49.37
N TRP A 79 37.62 19.74 -49.77
CA TRP A 79 36.30 19.39 -49.24
C TRP A 79 36.36 19.05 -47.76
N ARG A 80 37.45 18.42 -47.31
CA ARG A 80 37.62 18.16 -45.89
C ARG A 80 37.53 19.44 -45.09
N GLU A 81 38.20 20.50 -45.56
CA GLU A 81 38.18 21.77 -44.85
C GLU A 81 36.78 22.37 -44.84
N GLN A 82 36.07 22.28 -45.97
CA GLN A 82 34.70 22.78 -46.02
C GLN A 82 33.82 22.08 -44.99
N LEU A 83 33.89 20.74 -44.96
CA LEU A 83 33.08 19.97 -44.01
C LEU A 83 33.42 20.36 -42.57
N PHE A 84 34.70 20.32 -42.23
CA PHE A 84 35.12 20.67 -40.87
C PHE A 84 34.60 22.05 -40.48
N SER A 85 34.79 23.04 -41.35
CA SER A 85 34.29 24.37 -41.06
C SER A 85 32.78 24.35 -40.86
N ALA A 86 32.07 23.50 -41.62
CA ALA A 86 30.64 23.37 -41.44
C ALA A 86 30.26 22.63 -40.17
N LEU A 87 31.23 22.03 -39.48
CA LEU A 87 30.94 21.24 -38.28
C LEU A 87 31.49 21.83 -36.99
N GLY A 88 32.78 22.18 -36.94
CA GLY A 88 33.43 22.40 -35.66
C GLY A 88 34.38 23.57 -35.48
N SER A 89 34.13 24.71 -36.11
CA SER A 89 35.05 25.84 -35.97
C SER A 89 35.17 26.29 -34.53
N GLU A 90 36.41 26.57 -34.10
CA GLU A 90 36.71 27.04 -32.76
C GLU A 90 36.75 28.56 -32.65
N ASP A 91 36.11 29.28 -33.57
CA ASP A 91 36.20 30.73 -33.56
C ASP A 91 35.34 31.30 -32.43
N GLY A 92 35.94 32.17 -31.63
CA GLY A 92 35.22 32.74 -30.49
C GLY A 92 34.01 33.56 -30.90
N ARG A 93 34.10 34.25 -32.04
CA ARG A 93 32.99 35.10 -32.48
C ARG A 93 31.70 34.31 -32.67
N LEU A 94 31.79 32.98 -32.82
CA LEU A 94 30.60 32.17 -33.00
C LEU A 94 29.93 31.80 -31.69
N GLU A 95 30.64 31.89 -30.56
CA GLU A 95 30.07 31.48 -29.29
C GLU A 95 28.70 32.10 -29.01
N PRO A 96 28.44 33.38 -29.33
CA PRO A 96 27.06 33.86 -29.15
C PRO A 96 26.05 33.08 -29.98
N TYR A 97 26.40 32.72 -31.22
CA TYR A 97 25.57 31.80 -31.98
C TYR A 97 25.45 30.46 -31.26
N ILE A 98 26.60 29.80 -31.04
CA ILE A 98 26.61 28.49 -30.39
C ILE A 98 25.79 28.53 -29.11
N ARG A 99 26.09 29.49 -28.23
CA ARG A 99 25.31 29.67 -27.02
C ARG A 99 23.82 29.54 -27.31
N LEU A 100 23.31 30.44 -28.17
CA LEU A 100 21.90 30.40 -28.52
C LEU A 100 21.48 28.98 -28.90
N TRP A 101 22.20 28.36 -29.83
CA TRP A 101 21.84 27.02 -30.27
C TRP A 101 21.74 26.08 -29.07
N ARG A 102 22.78 26.05 -28.22
CA ARG A 102 22.72 25.25 -27.00
C ARG A 102 21.43 25.52 -26.26
N GLN A 103 21.18 26.81 -25.95
CA GLN A 103 19.98 27.19 -25.25
C GLN A 103 18.75 26.56 -25.90
N ALA A 104 18.65 26.67 -27.22
CA ALA A 104 17.52 26.08 -27.92
C ALA A 104 17.36 24.61 -27.57
N GLN A 105 18.43 23.82 -27.73
CA GLN A 105 18.36 22.39 -27.45
C GLN A 105 17.76 22.14 -26.07
N LEU A 106 18.09 22.99 -25.10
CA LEU A 106 17.51 22.85 -23.77
C LEU A 106 16.02 23.18 -23.80
N LEU A 107 15.68 24.37 -24.27
CA LEU A 107 14.28 24.81 -24.24
C LEU A 107 13.38 23.91 -25.07
N ALA A 108 13.94 23.16 -26.03
CA ALA A 108 13.12 22.24 -26.80
C ALA A 108 12.39 21.25 -25.91
N ASP A 109 12.94 20.96 -24.73
CA ASP A 109 12.31 19.99 -23.84
C ASP A 109 11.02 20.53 -23.22
N SER A 110 10.81 21.86 -23.26
CA SER A 110 9.70 22.48 -22.56
C SER A 110 8.94 23.48 -23.41
N ASP A 111 9.22 23.57 -24.71
CA ASP A 111 8.58 24.56 -25.59
C ASP A 111 8.39 23.94 -26.97
N PRO A 112 7.18 23.51 -27.31
CA PRO A 112 6.98 22.86 -28.62
C PRO A 112 7.40 23.72 -29.80
N GLU A 113 7.23 25.05 -29.72
CA GLU A 113 7.64 25.91 -30.82
C GLU A 113 9.16 25.90 -30.99
N ILE A 114 9.88 26.19 -29.91
CA ILE A 114 11.34 26.13 -29.95
C ILE A 114 11.81 24.72 -30.29
N LYS A 115 11.02 23.71 -29.94
CA LYS A 115 11.34 22.34 -30.32
C LYS A 115 11.28 22.18 -31.84
N SER A 116 10.19 22.64 -32.45
CA SER A 116 10.06 22.58 -33.91
C SER A 116 11.22 23.31 -34.57
N ALA A 117 11.49 24.53 -34.13
CA ALA A 117 12.59 25.30 -34.73
C ALA A 117 13.91 24.56 -34.59
N TYR A 118 14.21 24.05 -33.39
CA TYR A 118 15.48 23.37 -33.17
C TYR A 118 15.60 22.16 -34.10
N LEU A 119 14.56 21.33 -34.15
CA LEU A 119 14.53 20.24 -35.12
C LEU A 119 14.87 20.75 -36.52
N LEU A 120 14.27 21.89 -36.90
CA LEU A 120 14.51 22.44 -38.23
C LEU A 120 15.98 22.79 -38.44
N THR A 121 16.61 23.44 -37.45
CA THR A 121 18.02 23.79 -37.59
C THR A 121 18.89 22.54 -37.67
N MET A 122 18.53 21.49 -36.93
CA MET A 122 19.27 20.23 -37.05
C MET A 122 19.15 19.67 -38.47
N ASN A 123 17.96 19.73 -39.06
CA ASN A 123 17.82 19.26 -40.43
C ASN A 123 18.58 20.13 -41.42
N LEU A 124 18.69 21.44 -41.15
CA LEU A 124 19.50 22.31 -42.01
C LEU A 124 20.97 21.92 -41.93
N TRP A 125 21.51 21.84 -40.71
CA TRP A 125 22.86 21.34 -40.50
C TRP A 125 23.08 20.05 -41.28
N HIS A 126 22.14 19.11 -41.15
CA HIS A 126 22.26 17.84 -41.86
C HIS A 126 22.34 18.06 -43.36
N ASP A 127 21.43 18.85 -43.92
CA ASP A 127 21.43 19.10 -45.36
C ASP A 127 22.77 19.66 -45.82
N GLU A 128 23.34 20.58 -45.04
CA GLU A 128 24.64 21.14 -45.40
C GLU A 128 25.72 20.05 -45.41
N ALA A 129 25.81 19.28 -44.32
CA ALA A 129 26.80 18.22 -44.27
C ALA A 129 26.66 17.26 -45.44
N VAL A 130 25.42 16.89 -45.78
CA VAL A 130 25.19 16.00 -46.92
C VAL A 130 25.66 16.64 -48.21
N ARG A 131 25.38 17.93 -48.38
CA ARG A 131 25.85 18.64 -49.57
C ARG A 131 27.36 18.50 -49.71
N ILE A 132 28.10 18.83 -48.66
CA ILE A 132 29.56 18.79 -48.73
C ILE A 132 30.05 17.37 -48.97
N ILE A 133 29.38 16.38 -48.36
CA ILE A 133 29.83 14.99 -48.50
C ILE A 133 29.63 14.52 -49.93
N ARG A 134 28.46 14.80 -50.52
CA ARG A 134 28.20 14.41 -51.90
C ARG A 134 29.16 15.09 -52.85
N ALA A 135 29.36 16.41 -52.68
CA ALA A 135 30.25 17.14 -53.57
C ALA A 135 31.69 16.61 -53.46
N GLY A 136 32.14 16.31 -52.24
CA GLY A 136 33.47 15.76 -52.08
C GLY A 136 33.60 14.34 -52.62
N HIS A 137 32.53 13.56 -52.55
CA HIS A 137 32.56 12.21 -53.12
C HIS A 137 32.62 12.27 -54.63
N ALA A 138 31.87 13.19 -55.25
CA ALA A 138 31.94 13.35 -56.70
C ALA A 138 33.34 13.78 -57.13
N ALA A 139 33.96 14.68 -56.37
CA ALA A 139 35.31 15.15 -56.67
C ALA A 139 36.39 14.10 -56.43
N GLY A 140 36.02 12.90 -55.98
CA GLY A 140 36.98 11.85 -55.76
C GLY A 140 37.80 11.98 -54.50
N GLU A 141 37.50 12.97 -53.65
CA GLU A 141 38.23 13.14 -52.40
C GLU A 141 37.68 12.28 -51.28
N PHE A 142 36.37 12.11 -51.23
CA PHE A 142 35.72 11.33 -50.18
C PHE A 142 35.43 9.92 -50.67
N THR A 143 35.68 8.94 -49.79
CA THR A 143 35.36 7.55 -50.04
C THR A 143 34.24 7.14 -49.09
N LEU A 144 33.09 6.80 -49.65
CA LEU A 144 31.89 6.53 -48.86
C LEU A 144 31.68 5.03 -48.72
N ARG A 145 31.83 4.53 -47.50
CA ARG A 145 31.40 3.18 -47.16
C ARG A 145 29.97 3.15 -46.66
N ASP A 146 29.31 4.31 -46.59
CA ASP A 146 27.91 4.40 -46.20
C ASP A 146 27.32 5.64 -46.85
N SER A 147 25.99 5.77 -46.75
CA SER A 147 25.32 6.89 -47.37
C SER A 147 25.74 8.21 -46.73
N ALA A 148 25.75 9.27 -47.54
CA ALA A 148 26.10 10.60 -47.02
C ALA A 148 25.17 11.02 -45.89
N GLU A 149 23.92 10.54 -45.92
CA GLU A 149 22.96 10.90 -44.88
C GLU A 149 23.37 10.30 -43.54
N ASN A 150 23.64 8.99 -43.51
CA ASN A 150 24.06 8.34 -42.28
C ASN A 150 25.37 8.93 -41.77
N ILE A 151 26.36 9.09 -42.64
CA ILE A 151 27.61 9.71 -42.24
C ILE A 151 27.35 11.08 -41.63
N ALA A 152 26.47 11.87 -42.26
CA ALA A 152 26.15 13.18 -41.72
C ALA A 152 25.59 13.07 -40.31
N TRP A 153 24.61 12.18 -40.11
CA TRP A 153 24.02 12.04 -38.79
C TRP A 153 25.06 11.65 -37.75
N ARG A 154 25.99 10.76 -38.11
CA ARG A 154 27.00 10.33 -37.14
C ARG A 154 27.97 11.46 -36.81
N LEU A 155 28.35 12.27 -37.82
CA LEU A 155 29.27 13.37 -37.57
C LEU A 155 28.61 14.44 -36.71
N ILE A 156 27.39 14.87 -37.08
CA ILE A 156 26.68 15.84 -36.28
C ILE A 156 26.46 15.33 -34.86
N SER A 157 26.19 14.04 -34.72
CA SER A 157 26.05 13.46 -33.39
C SER A 157 27.34 13.57 -32.61
N LEU A 158 28.47 13.29 -33.26
CA LEU A 158 29.77 13.45 -32.61
C LEU A 158 29.94 14.89 -32.11
N VAL A 159 29.59 15.87 -32.94
CA VAL A 159 29.76 17.27 -32.56
C VAL A 159 28.87 17.61 -31.36
N CYS A 160 27.59 17.24 -31.44
CA CYS A 160 26.66 17.55 -30.34
C CYS A 160 27.13 16.92 -29.03
N GLY A 161 27.47 15.63 -29.06
CA GLY A 161 27.94 14.97 -27.86
C GLY A 161 29.18 15.62 -27.28
N LEU A 162 30.21 15.79 -28.11
CA LEU A 162 31.45 16.41 -27.62
C LEU A 162 31.20 17.80 -27.07
N ASP A 163 30.24 18.54 -27.65
CA ASP A 163 29.88 19.82 -27.08
C ASP A 163 29.23 19.66 -25.71
N GLY A 164 28.34 18.67 -25.57
CA GLY A 164 27.72 18.43 -24.29
C GLY A 164 28.72 18.11 -23.20
N ILE A 165 29.78 17.39 -23.54
CA ILE A 165 30.83 17.12 -22.56
C ILE A 165 31.73 18.33 -22.37
N TYR A 166 31.91 19.14 -23.40
CA TYR A 166 32.81 20.29 -23.34
C TYR A 166 32.27 21.36 -22.41
N VAL A 167 30.95 21.57 -22.40
CA VAL A 167 30.35 22.61 -21.56
C VAL A 167 30.44 22.27 -20.08
N LEU A 168 30.60 20.99 -19.74
CA LEU A 168 30.73 20.62 -18.33
C LEU A 168 32.07 21.02 -17.73
N GLY A 169 33.02 21.45 -18.55
CA GLY A 169 34.33 21.82 -18.05
C GLY A 169 35.30 20.66 -17.93
N MET A 170 35.07 19.58 -18.65
CA MET A 170 35.95 18.42 -18.59
C MET A 170 37.33 18.81 -19.11
N PRO A 171 38.40 18.62 -18.33
CA PRO A 171 39.72 19.07 -18.81
C PRO A 171 40.23 18.24 -19.98
N GLU A 172 39.96 16.94 -20.01
CA GLU A 172 40.42 16.11 -21.11
C GLU A 172 39.62 16.34 -22.38
N VAL A 173 38.51 17.07 -22.32
CA VAL A 173 37.75 17.46 -23.51
C VAL A 173 37.76 18.99 -23.53
N ASP A 174 38.76 19.55 -24.21
CA ASP A 174 38.88 20.99 -24.39
C ASP A 174 38.79 21.30 -25.89
N ASP A 175 39.06 22.55 -26.24
CA ASP A 175 39.03 22.96 -27.64
C ASP A 175 39.89 22.02 -28.50
N ALA A 176 41.17 21.92 -28.17
CA ALA A 176 42.10 21.13 -28.97
C ALA A 176 41.61 19.68 -29.10
N ALA A 177 41.30 19.05 -27.97
CA ALA A 177 40.81 17.67 -28.01
C ALA A 177 39.60 17.54 -28.91
N PHE A 178 38.65 18.48 -28.79
CA PHE A 178 37.49 18.50 -29.68
C PHE A 178 37.93 18.43 -31.14
N THR A 179 38.78 19.38 -31.55
CA THR A 179 39.28 19.40 -32.92
C THR A 179 39.85 18.03 -33.31
N ARG A 180 40.75 17.50 -32.47
CA ARG A 180 41.38 16.21 -32.78
C ARG A 180 40.32 15.14 -33.04
N HIS A 181 39.36 15.00 -32.14
CA HIS A 181 38.34 13.96 -32.30
C HIS A 181 37.57 14.13 -33.60
N LEU A 182 37.09 15.36 -33.87
CA LEU A 182 36.32 15.58 -35.08
C LEU A 182 37.12 15.21 -36.32
N GLN A 183 38.34 15.74 -36.43
CA GLN A 183 39.22 15.36 -37.55
C GLN A 183 39.32 13.85 -37.67
N HIS A 184 39.55 13.16 -36.55
CA HIS A 184 39.77 11.72 -36.57
C HIS A 184 38.54 11.00 -37.14
N VAL A 185 37.34 11.35 -36.66
CA VAL A 185 36.15 10.66 -37.12
C VAL A 185 35.90 10.96 -38.60
N ILE A 186 36.21 12.16 -39.06
CA ILE A 186 36.13 12.42 -40.50
C ILE A 186 37.06 11.47 -41.26
N GLN A 187 38.28 11.32 -40.76
CA GLN A 187 39.22 10.40 -41.38
C GLN A 187 38.65 8.99 -41.47
N LEU A 188 38.02 8.52 -40.38
CA LEU A 188 37.48 7.16 -40.39
C LEU A 188 36.29 7.03 -41.33
N GLU A 189 35.42 8.05 -41.37
CA GLU A 189 34.17 7.93 -42.11
C GLU A 189 34.35 8.10 -43.61
N LEU A 190 35.32 8.90 -44.05
CA LEU A 190 35.43 9.25 -45.47
C LEU A 190 36.73 8.84 -46.13
N PHE A 191 37.68 8.25 -45.39
CA PHE A 191 39.00 7.95 -45.95
C PHE A 191 39.45 6.56 -45.53
N SER A 192 38.58 5.58 -45.70
CA SER A 192 38.94 4.19 -45.44
C SER A 192 39.96 3.69 -46.47
N LEU B 4 21.01 -1.12 13.89
CA LEU B 4 21.46 -0.40 12.69
C LEU B 4 22.32 0.80 13.04
N ASN B 5 23.62 0.68 12.81
CA ASN B 5 24.52 1.81 12.99
C ASN B 5 24.17 2.91 12.00
N ARG B 6 24.82 4.06 12.18
CA ARG B 6 24.46 5.24 11.40
C ARG B 6 24.69 5.04 9.90
N GLU B 7 25.77 4.35 9.55
CA GLU B 7 26.07 4.11 8.13
C GLU B 7 24.96 3.31 7.46
N GLU B 8 24.31 2.41 8.20
CA GLU B 8 23.27 1.56 7.62
C GLU B 8 21.95 2.29 7.49
N ARG B 9 21.66 3.25 8.38
CA ARG B 9 20.51 4.12 8.19
C ARG B 9 20.73 5.03 6.98
N ARG B 10 21.86 5.74 6.98
CA ARG B 10 22.24 6.52 5.80
C ARG B 10 22.08 5.69 4.54
N GLU B 11 22.48 4.42 4.59
CA GLU B 11 22.42 3.56 3.40
C GLU B 11 20.98 3.25 3.01
N THR B 12 20.16 2.82 3.96
CA THR B 12 18.77 2.50 3.64
C THR B 12 18.07 3.71 3.04
N ILE B 13 18.26 4.88 3.64
CA ILE B 13 17.67 6.11 3.11
C ILE B 13 18.17 6.35 1.69
N MET B 14 19.47 6.13 1.46
CA MET B 14 20.03 6.32 0.11
C MET B 14 19.31 5.43 -0.90
N GLN B 15 19.12 4.15 -0.56
CA GLN B 15 18.48 3.23 -1.50
C GLN B 15 17.04 3.62 -1.76
N ALA B 16 16.29 3.98 -0.72
CA ALA B 16 14.94 4.49 -0.92
C ALA B 16 14.97 5.67 -1.90
N ALA B 17 15.93 6.59 -1.70
CA ALA B 17 16.07 7.70 -2.62
C ALA B 17 16.34 7.23 -4.05
N MET B 18 17.06 6.11 -4.20
CA MET B 18 17.28 5.57 -5.53
C MET B 18 15.97 5.12 -6.17
N ARG B 19 15.12 4.43 -5.40
CA ARG B 19 13.81 4.06 -5.93
C ARG B 19 13.00 5.28 -6.33
N VAL B 20 12.92 6.28 -5.44
CA VAL B 20 12.15 7.48 -5.75
C VAL B 20 12.68 8.15 -7.01
N ALA B 21 14.01 8.16 -7.17
CA ALA B 21 14.61 8.73 -8.38
C ALA B 21 14.14 7.98 -9.61
N LEU B 22 14.16 6.65 -9.56
CA LEU B 22 13.80 5.86 -10.75
C LEU B 22 12.30 5.85 -11.01
N ASP B 23 11.47 6.19 -10.02
CA ASP B 23 10.02 6.16 -10.19
C ASP B 23 9.41 7.52 -10.52
N GLN B 24 9.95 8.61 -9.97
CA GLN B 24 9.38 9.93 -10.15
C GLN B 24 10.35 10.95 -10.74
N GLY B 25 11.65 10.72 -10.67
CA GLY B 25 12.60 11.69 -11.16
C GLY B 25 13.00 12.69 -10.10
N PHE B 26 13.79 13.68 -10.53
CA PHE B 26 14.35 14.64 -9.60
C PHE B 26 13.27 15.44 -8.89
N THR B 27 12.21 15.81 -9.60
CA THR B 27 11.16 16.61 -8.99
C THR B 27 10.51 15.87 -7.83
N GLY B 28 10.37 14.55 -7.95
CA GLY B 28 9.71 13.74 -6.95
C GLY B 28 10.56 13.32 -5.78
N MET B 29 11.83 13.68 -5.75
CA MET B 29 12.73 13.29 -4.65
C MET B 29 12.61 14.24 -3.47
N THR B 30 11.39 14.50 -3.02
CA THR B 30 11.18 15.25 -1.79
C THR B 30 11.52 14.40 -0.59
N VAL B 31 11.90 15.05 0.51
CA VAL B 31 12.25 14.32 1.72
C VAL B 31 11.07 13.51 2.24
N ARG B 32 9.84 13.95 1.93
CA ARG B 32 8.67 13.20 2.39
C ARG B 32 8.53 11.88 1.61
N ASN B 33 8.72 11.93 0.29
CA ASN B 33 8.63 10.71 -0.50
C ASN B 33 9.78 9.76 -0.20
N ILE B 34 10.99 10.31 0.00
CA ILE B 34 12.14 9.48 0.35
C ILE B 34 11.92 8.83 1.70
N ALA B 35 11.48 9.62 2.68
CA ALA B 35 11.22 9.08 4.01
C ALA B 35 10.16 7.98 3.95
N THR B 36 9.10 8.20 3.18
CA THR B 36 8.08 7.17 3.03
C THR B 36 8.66 5.89 2.43
N ALA B 37 9.35 6.01 1.29
CA ALA B 37 9.89 4.83 0.63
C ALA B 37 10.89 4.11 1.52
N ALA B 38 11.60 4.83 2.39
CA ALA B 38 12.54 4.20 3.30
C ALA B 38 11.86 3.62 4.53
N GLY B 39 10.64 4.06 4.85
CA GLY B 39 9.95 3.56 6.01
C GLY B 39 10.36 4.21 7.32
N VAL B 40 10.88 5.42 7.27
CA VAL B 40 11.33 6.15 8.46
C VAL B 40 10.66 7.52 8.48
N ALA B 41 10.80 8.21 9.61
CA ALA B 41 10.28 9.55 9.74
C ALA B 41 11.18 10.54 9.02
N ALA B 42 10.57 11.62 8.51
CA ALA B 42 11.33 12.63 7.77
C ALA B 42 12.47 13.19 8.60
N GLY B 43 12.22 13.46 9.89
CA GLY B 43 13.26 14.00 10.74
C GLY B 43 14.52 13.17 10.71
N GLN B 44 14.38 11.85 10.59
CA GLN B 44 15.55 10.98 10.49
C GLN B 44 16.28 11.20 9.17
N VAL B 45 15.55 11.40 8.08
CA VAL B 45 16.19 11.69 6.81
C VAL B 45 16.99 12.98 6.91
N HIS B 46 16.42 14.00 7.56
CA HIS B 46 17.17 15.24 7.75
C HIS B 46 18.36 15.03 8.67
N HIS B 47 18.25 14.11 9.63
CA HIS B 47 19.36 13.87 10.55
C HIS B 47 20.51 13.15 9.87
N HIS B 48 20.22 12.30 8.88
CA HIS B 48 21.25 11.55 8.18
C HIS B 48 21.69 12.18 6.87
N PHE B 49 20.89 13.10 6.31
CA PHE B 49 21.26 13.85 5.11
C PHE B 49 20.84 15.29 5.34
N THR B 50 21.81 16.15 5.67
CA THR B 50 21.52 17.53 6.04
C THR B 50 21.17 18.39 4.84
N SER B 51 21.68 18.05 3.66
CA SER B 51 21.39 18.77 2.42
C SER B 51 20.56 17.85 1.54
N SER B 52 19.28 18.19 1.35
CA SER B 52 18.42 17.43 0.45
C SER B 52 19.00 17.43 -0.96
N GLY B 53 19.60 18.54 -1.38
CA GLY B 53 20.25 18.57 -2.68
C GLY B 53 21.38 17.56 -2.79
N GLU B 54 22.26 17.56 -1.79
CA GLU B 54 23.34 16.57 -1.76
C GLU B 54 22.78 15.16 -1.84
N LEU B 55 21.74 14.87 -1.07
CA LEU B 55 21.12 13.55 -1.12
C LEU B 55 20.67 13.24 -2.54
N LYS B 56 19.97 14.18 -3.18
CA LYS B 56 19.50 13.96 -4.54
C LYS B 56 20.65 13.59 -5.47
N SER B 57 21.71 14.42 -5.47
CA SER B 57 22.82 14.17 -6.37
C SER B 57 23.48 12.82 -6.11
N GLN B 58 23.82 12.54 -4.85
CA GLN B 58 24.49 11.27 -4.54
C GLN B 58 23.62 10.09 -4.93
N ALA B 59 22.31 10.18 -4.68
CA ALA B 59 21.40 9.12 -5.09
C ALA B 59 21.43 8.94 -6.60
N PHE B 60 21.45 10.05 -7.35
CA PHE B 60 21.56 9.96 -8.81
C PHE B 60 22.82 9.23 -9.22
N ILE B 61 23.96 9.60 -8.62
CA ILE B 61 25.22 8.92 -8.93
C ILE B 61 25.08 7.42 -8.70
N ARG B 62 24.55 7.04 -7.52
CA ARG B 62 24.37 5.63 -7.21
C ARG B 62 23.46 4.94 -8.23
N VAL B 63 22.45 5.65 -8.73
CA VAL B 63 21.56 5.08 -9.72
C VAL B 63 22.31 4.79 -11.02
N ILE B 64 23.17 5.73 -11.44
CA ILE B 64 23.92 5.50 -12.67
C ILE B 64 24.92 4.37 -12.48
N ARG B 65 25.57 4.30 -11.31
CA ARG B 65 26.43 3.17 -11.02
C ARG B 65 25.67 1.85 -11.15
N GLU B 66 24.48 1.77 -10.53
CA GLU B 66 23.65 0.58 -10.66
C GLU B 66 23.33 0.29 -12.11
N MET B 67 23.13 1.35 -12.91
CA MET B 67 22.89 1.15 -14.34
C MET B 67 24.11 0.50 -15.00
N MET B 68 25.32 0.92 -14.60
CA MET B 68 26.52 0.34 -15.16
C MET B 68 26.69 -1.12 -14.75
N ASP B 69 26.17 -1.50 -13.58
CA ASP B 69 26.24 -2.90 -13.20
C ASP B 69 25.15 -3.74 -13.86
N LEU B 70 23.96 -3.16 -14.09
CA LEU B 70 22.86 -3.90 -14.68
C LEU B 70 23.09 -4.19 -16.15
N GLN B 71 23.76 -3.30 -16.87
CA GLN B 71 23.99 -3.47 -18.29
C GLN B 71 25.12 -4.46 -18.58
N ARG B 72 25.98 -4.72 -17.60
CA ARG B 72 27.18 -5.51 -17.85
C ARG B 72 26.81 -6.94 -18.23
N LEU B 73 27.63 -7.51 -19.11
CA LEU B 73 27.44 -8.87 -19.60
C LEU B 73 28.40 -9.82 -18.89
N SER B 74 28.31 -11.09 -19.24
CA SER B 74 29.23 -12.09 -18.69
C SER B 74 30.60 -11.93 -19.31
N ARG B 75 31.64 -12.23 -18.51
CA ARG B 75 33.01 -12.15 -19.01
C ARG B 75 33.19 -12.97 -20.29
N THR B 76 32.50 -14.10 -20.40
CA THR B 76 32.65 -14.97 -21.56
C THR B 76 32.12 -14.36 -22.85
N ALA B 77 31.34 -13.28 -22.76
CA ALA B 77 30.75 -12.69 -23.95
C ALA B 77 31.82 -11.99 -24.79
N GLY B 78 31.54 -11.88 -26.09
CA GLY B 78 32.44 -11.18 -26.98
C GLY B 78 32.63 -9.73 -26.56
N TRP B 79 33.80 -9.20 -26.87
CA TRP B 79 34.14 -7.84 -26.43
C TRP B 79 33.35 -6.79 -27.21
N ARG B 80 33.07 -7.05 -28.49
CA ARG B 80 32.17 -6.17 -29.23
C ARG B 80 30.82 -6.09 -28.52
N GLU B 81 30.25 -7.24 -28.16
CA GLU B 81 28.96 -7.26 -27.49
C GLU B 81 29.03 -6.52 -26.15
N GLN B 82 30.14 -6.69 -25.42
CA GLN B 82 30.29 -6.02 -24.13
C GLN B 82 30.30 -4.51 -24.31
N LEU B 83 31.14 -4.01 -25.21
CA LEU B 83 31.21 -2.57 -25.44
C LEU B 83 29.85 -2.02 -25.88
N PHE B 84 29.19 -2.72 -26.81
CA PHE B 84 27.89 -2.23 -27.26
C PHE B 84 26.87 -2.25 -26.13
N SER B 85 27.00 -3.17 -25.18
CA SER B 85 26.11 -3.12 -24.02
C SER B 85 26.42 -1.90 -23.17
N ALA B 86 27.69 -1.64 -22.92
CA ALA B 86 28.07 -0.51 -22.08
C ALA B 86 27.74 0.83 -22.72
N LEU B 87 27.49 0.88 -24.02
CA LEU B 87 27.16 2.15 -24.68
C LEU B 87 25.70 2.27 -25.08
N GLY B 88 25.09 1.21 -25.60
CA GLY B 88 23.76 1.29 -26.16
C GLY B 88 22.86 0.10 -25.86
N SER B 89 23.02 -0.53 -24.69
CA SER B 89 22.29 -1.73 -24.37
C SER B 89 20.78 -1.52 -24.55
N GLU B 90 20.16 -2.45 -25.26
CA GLU B 90 18.72 -2.44 -25.48
C GLU B 90 17.94 -3.10 -24.34
N ASP B 91 18.60 -3.39 -23.23
CA ASP B 91 17.97 -4.11 -22.13
C ASP B 91 16.84 -3.25 -21.54
N GLY B 92 15.64 -3.81 -21.50
CA GLY B 92 14.47 -3.08 -21.05
C GLY B 92 14.54 -2.62 -19.60
N ARG B 93 15.36 -3.27 -18.78
CA ARG B 93 15.47 -2.88 -17.38
C ARG B 93 16.10 -1.50 -17.19
N LEU B 94 16.71 -0.94 -18.23
CA LEU B 94 17.47 0.30 -18.11
C LEU B 94 16.65 1.54 -18.38
N GLU B 95 15.40 1.41 -18.81
CA GLU B 95 14.57 2.55 -19.17
C GLU B 95 14.57 3.61 -18.07
N PRO B 96 14.16 3.29 -16.85
CA PRO B 96 14.09 4.34 -15.82
C PRO B 96 15.43 4.98 -15.54
N TYR B 97 16.52 4.22 -15.66
CA TYR B 97 17.85 4.78 -15.45
C TYR B 97 18.17 5.82 -16.52
N ILE B 98 18.04 5.44 -17.79
CA ILE B 98 18.27 6.38 -18.88
C ILE B 98 17.39 7.61 -18.70
N ARG B 99 16.08 7.39 -18.49
CA ARG B 99 15.17 8.50 -18.27
C ARG B 99 15.68 9.45 -17.18
N LEU B 100 16.32 8.90 -16.15
CA LEU B 100 16.88 9.75 -15.11
C LEU B 100 18.12 10.46 -15.62
N TRP B 101 19.04 9.71 -16.23
CA TRP B 101 20.29 10.31 -16.71
C TRP B 101 19.97 11.50 -17.61
N ARG B 102 19.11 11.30 -18.61
CA ARG B 102 18.69 12.41 -19.46
C ARG B 102 18.29 13.61 -18.62
N GLN B 103 17.39 13.41 -17.66
CA GLN B 103 16.95 14.51 -16.81
C GLN B 103 18.14 15.20 -16.16
N ALA B 104 19.05 14.42 -15.58
CA ALA B 104 20.21 15.00 -14.92
C ALA B 104 20.98 15.93 -15.85
N GLN B 105 20.99 15.61 -17.14
CA GLN B 105 21.61 16.51 -18.12
C GLN B 105 20.96 17.88 -18.09
N LEU B 106 19.64 17.92 -18.30
CA LEU B 106 18.93 19.20 -18.39
C LEU B 106 19.13 20.01 -17.11
N LEU B 107 18.76 19.45 -15.97
CA LEU B 107 18.91 20.15 -14.70
C LEU B 107 20.35 20.50 -14.39
N ALA B 108 21.32 19.92 -15.11
CA ALA B 108 22.71 20.33 -14.90
C ALA B 108 22.92 21.79 -15.26
N ASP B 109 22.07 22.34 -16.14
CA ASP B 109 22.25 23.72 -16.58
C ASP B 109 21.90 24.72 -15.50
N SER B 110 21.03 24.34 -14.55
CA SER B 110 20.52 25.26 -13.55
C SER B 110 20.80 24.84 -12.12
N ASP B 111 21.53 23.75 -11.91
CA ASP B 111 21.77 23.25 -10.56
C ASP B 111 23.23 22.85 -10.41
N PRO B 112 24.04 23.61 -9.66
CA PRO B 112 25.49 23.29 -9.60
C PRO B 112 25.77 21.87 -9.17
N GLU B 113 25.14 21.42 -8.08
CA GLU B 113 25.43 20.09 -7.53
C GLU B 113 25.07 19.00 -8.54
N ILE B 114 23.89 19.12 -9.17
CA ILE B 114 23.49 18.16 -10.18
C ILE B 114 24.47 18.17 -11.34
N LYS B 115 25.03 19.34 -11.67
CA LYS B 115 26.01 19.42 -12.75
C LYS B 115 27.27 18.64 -12.38
N SER B 116 27.78 18.86 -11.16
CA SER B 116 28.94 18.11 -10.70
C SER B 116 28.68 16.61 -10.78
N ALA B 117 27.54 16.17 -10.25
CA ALA B 117 27.22 14.74 -10.27
C ALA B 117 27.15 14.22 -11.70
N TYR B 118 26.54 14.99 -12.60
CA TYR B 118 26.43 14.55 -14.00
C TYR B 118 27.80 14.39 -14.62
N LEU B 119 28.70 15.35 -14.40
CA LEU B 119 30.07 15.21 -14.86
C LEU B 119 30.70 13.94 -14.33
N LEU B 120 30.51 13.68 -13.03
CA LEU B 120 31.07 12.47 -12.43
C LEU B 120 30.54 11.22 -13.11
N THR B 121 29.24 11.18 -13.40
CA THR B 121 28.67 10.01 -14.08
C THR B 121 29.24 9.87 -15.49
N MET B 122 29.50 10.99 -16.17
CA MET B 122 30.18 10.90 -17.45
C MET B 122 31.55 10.25 -17.31
N ASN B 123 32.28 10.61 -16.25
CA ASN B 123 33.57 9.98 -16.00
C ASN B 123 33.40 8.48 -15.73
N LEU B 124 32.33 8.08 -15.04
CA LEU B 124 32.11 6.67 -14.79
C LEU B 124 31.84 5.92 -16.09
N TRP B 125 30.90 6.42 -16.89
CA TRP B 125 30.62 5.85 -18.21
C TRP B 125 31.92 5.66 -18.99
N HIS B 126 32.74 6.71 -19.02
CA HIS B 126 34.03 6.63 -19.71
C HIS B 126 34.90 5.53 -19.12
N ASP B 127 34.95 5.41 -17.80
CA ASP B 127 35.76 4.38 -17.16
C ASP B 127 35.35 2.99 -17.61
N GLU B 128 34.04 2.71 -17.60
CA GLU B 128 33.56 1.42 -18.08
C GLU B 128 33.99 1.18 -19.53
N ALA B 129 33.73 2.16 -20.41
CA ALA B 129 34.07 1.96 -21.82
C ALA B 129 35.56 1.68 -22.00
N VAL B 130 36.42 2.41 -21.28
CA VAL B 130 37.86 2.20 -21.41
C VAL B 130 38.24 0.81 -20.91
N ARG B 131 37.68 0.41 -19.76
CA ARG B 131 37.95 -0.93 -19.25
C ARG B 131 37.66 -1.99 -20.31
N ILE B 132 36.48 -1.91 -20.93
CA ILE B 132 36.12 -2.91 -21.94
C ILE B 132 37.07 -2.84 -23.13
N ILE B 133 37.43 -1.63 -23.57
CA ILE B 133 38.30 -1.51 -24.74
C ILE B 133 39.67 -2.10 -24.45
N ARG B 134 40.19 -1.88 -23.25
CA ARG B 134 41.49 -2.43 -22.89
C ARG B 134 41.44 -3.95 -22.82
N ALA B 135 40.40 -4.51 -22.20
CA ALA B 135 40.29 -5.95 -22.11
C ALA B 135 40.21 -6.57 -23.50
N GLY B 136 39.33 -6.03 -24.36
CA GLY B 136 39.20 -6.56 -25.71
C GLY B 136 40.46 -6.38 -26.52
N HIS B 137 41.19 -5.29 -26.30
CA HIS B 137 42.46 -5.08 -26.98
C HIS B 137 43.47 -6.16 -26.57
N ALA B 138 43.59 -6.41 -25.26
CA ALA B 138 44.51 -7.43 -24.78
C ALA B 138 44.09 -8.81 -25.28
N ALA B 139 42.80 -9.04 -25.49
CA ALA B 139 42.34 -10.34 -25.98
C ALA B 139 42.59 -10.52 -27.48
N GLY B 140 42.83 -9.42 -28.21
CA GLY B 140 43.13 -9.50 -29.63
C GLY B 140 41.93 -9.30 -30.55
N GLU B 141 40.76 -8.98 -30.00
CA GLU B 141 39.59 -8.75 -30.83
C GLU B 141 39.53 -7.30 -31.33
N PHE B 142 39.89 -6.35 -30.49
CA PHE B 142 39.91 -4.94 -30.87
C PHE B 142 41.27 -4.56 -31.45
N THR B 143 41.24 -3.65 -32.41
CA THR B 143 42.44 -3.09 -33.01
C THR B 143 42.45 -1.60 -32.71
N LEU B 144 43.42 -1.16 -31.92
CA LEU B 144 43.52 0.23 -31.48
C LEU B 144 44.53 0.96 -32.35
N ARG B 145 44.03 1.88 -33.17
CA ARG B 145 44.87 2.87 -33.83
C ARG B 145 44.84 4.21 -33.10
N ASP B 146 44.23 4.24 -31.91
CA ASP B 146 44.24 5.39 -31.02
C ASP B 146 44.06 4.86 -29.60
N SER B 147 44.29 5.74 -28.62
CA SER B 147 44.18 5.33 -27.23
C SER B 147 42.73 5.02 -26.86
N ALA B 148 42.56 4.07 -25.94
CA ALA B 148 41.22 3.66 -25.53
C ALA B 148 40.43 4.82 -24.93
N GLU B 149 41.12 5.77 -24.29
CA GLU B 149 40.43 6.93 -23.72
C GLU B 149 39.76 7.74 -24.81
N ASN B 150 40.55 8.18 -25.81
CA ASN B 150 39.99 8.98 -26.90
C ASN B 150 38.85 8.25 -27.59
N ILE B 151 39.07 6.99 -27.95
CA ILE B 151 38.02 6.19 -28.60
C ILE B 151 36.76 6.19 -27.74
N ALA B 152 36.94 6.03 -26.42
CA ALA B 152 35.79 6.00 -25.53
C ALA B 152 35.04 7.32 -25.55
N TRP B 153 35.77 8.44 -25.52
CA TRP B 153 35.12 9.75 -25.56
C TRP B 153 34.36 9.95 -26.85
N ARG B 154 34.91 9.46 -27.97
CA ARG B 154 34.23 9.62 -29.24
C ARG B 154 32.96 8.76 -29.31
N LEU B 155 33.02 7.52 -28.80
CA LEU B 155 31.84 6.67 -28.80
C LEU B 155 30.76 7.24 -27.89
N ILE B 156 31.13 7.61 -26.66
CA ILE B 156 30.16 8.22 -25.75
C ILE B 156 29.55 9.46 -26.39
N SER B 157 30.38 10.29 -27.03
CA SER B 157 29.86 11.47 -27.71
C SER B 157 28.82 11.08 -28.77
N LEU B 158 29.13 10.05 -29.56
CA LEU B 158 28.16 9.59 -30.55
C LEU B 158 26.84 9.21 -29.90
N VAL B 159 26.88 8.48 -28.78
CA VAL B 159 25.64 8.08 -28.12
C VAL B 159 24.89 9.30 -27.60
N CYS B 160 25.60 10.24 -26.98
CA CYS B 160 24.95 11.44 -26.44
C CYS B 160 24.27 12.24 -27.54
N GLY B 161 24.98 12.50 -28.63
CA GLY B 161 24.37 13.25 -29.73
C GLY B 161 23.19 12.53 -30.34
N LEU B 162 23.39 11.25 -30.70
CA LEU B 162 22.31 10.50 -31.31
C LEU B 162 21.08 10.41 -30.41
N ASP B 163 21.28 10.40 -29.09
CA ASP B 163 20.13 10.41 -28.18
C ASP B 163 19.48 11.78 -28.15
N GLY B 164 20.29 12.84 -28.08
CA GLY B 164 19.75 14.19 -28.13
C GLY B 164 18.92 14.44 -29.36
N ILE B 165 19.22 13.73 -30.45
CA ILE B 165 18.39 13.83 -31.65
C ILE B 165 17.23 12.84 -31.62
N TYR B 166 17.44 11.67 -31.02
CA TYR B 166 16.38 10.67 -30.94
C TYR B 166 15.19 11.18 -30.13
N VAL B 167 15.45 11.87 -29.02
CA VAL B 167 14.37 12.34 -28.17
C VAL B 167 13.51 13.39 -28.86
N LEU B 168 14.04 14.07 -29.88
CA LEU B 168 13.26 15.08 -30.58
C LEU B 168 12.16 14.46 -31.43
N GLY B 169 12.28 13.19 -31.78
CA GLY B 169 11.25 12.52 -32.57
C GLY B 169 11.50 12.55 -34.06
N MET B 170 12.75 12.51 -34.49
CA MET B 170 13.04 12.50 -35.91
C MET B 170 12.90 11.08 -36.45
N PRO B 171 12.11 10.87 -37.51
CA PRO B 171 11.80 9.48 -37.91
C PRO B 171 12.99 8.74 -38.48
N GLU B 172 13.85 9.41 -39.25
CA GLU B 172 14.98 8.71 -39.85
C GLU B 172 16.05 8.33 -38.83
N VAL B 173 15.92 8.76 -37.58
CA VAL B 173 16.81 8.33 -36.50
C VAL B 173 15.92 7.73 -35.41
N ASP B 174 15.69 6.42 -35.50
CA ASP B 174 14.91 5.68 -34.52
C ASP B 174 15.80 4.61 -33.88
N ASP B 175 15.19 3.79 -33.02
CA ASP B 175 15.92 2.74 -32.32
C ASP B 175 16.86 1.99 -33.25
N ALA B 176 16.30 1.42 -34.32
CA ALA B 176 17.10 0.65 -35.27
C ALA B 176 18.26 1.48 -35.81
N ALA B 177 17.97 2.70 -36.25
CA ALA B 177 19.03 3.58 -36.75
C ALA B 177 20.09 3.81 -35.68
N PHE B 178 19.67 4.03 -34.43
CA PHE B 178 20.61 4.23 -33.33
C PHE B 178 21.58 3.05 -33.24
N THR B 179 21.02 1.84 -33.12
CA THR B 179 21.86 0.66 -33.00
C THR B 179 22.79 0.52 -34.20
N ARG B 180 22.27 0.74 -35.41
CA ARG B 180 23.11 0.67 -36.61
C ARG B 180 24.30 1.60 -36.50
N HIS B 181 24.05 2.87 -36.16
CA HIS B 181 25.13 3.84 -36.07
C HIS B 181 26.17 3.42 -35.03
N LEU B 182 25.70 3.03 -33.84
CA LEU B 182 26.64 2.66 -32.77
C LEU B 182 27.51 1.49 -33.21
N GLN B 183 26.89 0.43 -33.72
CA GLN B 183 27.66 -0.71 -34.22
C GLN B 183 28.67 -0.26 -35.28
N HIS B 184 28.26 0.64 -36.16
CA HIS B 184 29.14 1.09 -37.23
C HIS B 184 30.38 1.79 -36.67
N VAL B 185 30.18 2.74 -35.76
CA VAL B 185 31.32 3.47 -35.21
C VAL B 185 32.22 2.52 -34.44
N ILE B 186 31.65 1.52 -33.78
CA ILE B 186 32.49 0.50 -33.13
C ILE B 186 33.35 -0.19 -34.17
N GLN B 187 32.74 -0.60 -35.29
CA GLN B 187 33.49 -1.25 -36.36
C GLN B 187 34.63 -0.37 -36.85
N LEU B 188 34.38 0.94 -37.00
CA LEU B 188 35.42 1.83 -37.50
C LEU B 188 36.52 2.04 -36.48
N GLU B 189 36.17 2.13 -35.20
CA GLU B 189 37.14 2.48 -34.17
C GLU B 189 37.98 1.29 -33.72
N LEU B 190 37.48 0.06 -33.89
CA LEU B 190 38.13 -1.08 -33.26
C LEU B 190 38.28 -2.31 -34.17
N PHE B 191 37.91 -2.23 -35.44
CA PHE B 191 37.97 -3.39 -36.33
C PHE B 191 38.54 -3.00 -37.69
N SER B 192 39.65 -2.28 -37.70
CA SER B 192 40.33 -1.95 -38.95
C SER B 192 40.92 -3.20 -39.58
N ASN C 5 49.21 2.11 -15.84
CA ASN C 5 49.73 0.76 -15.70
C ASN C 5 49.66 0.29 -14.25
N ARG C 6 49.93 -1.00 -14.04
CA ARG C 6 49.93 -1.63 -12.73
C ARG C 6 48.51 -1.83 -12.20
N GLU C 7 47.53 -1.24 -12.87
CA GLU C 7 46.12 -1.46 -12.56
C GLU C 7 45.28 -1.80 -13.78
N GLU C 8 45.72 -1.46 -14.99
CA GLU C 8 45.08 -1.94 -16.20
C GLU C 8 45.52 -3.36 -16.53
N ARG C 9 46.81 -3.65 -16.31
CA ARG C 9 47.30 -5.01 -16.50
C ARG C 9 46.77 -5.94 -15.40
N ARG C 10 46.81 -5.47 -14.15
CA ARG C 10 46.17 -6.21 -13.06
C ARG C 10 44.73 -6.55 -13.40
N GLU C 11 43.98 -5.56 -13.92
CA GLU C 11 42.56 -5.75 -14.17
C GLU C 11 42.32 -6.68 -15.35
N THR C 12 43.09 -6.54 -16.43
CA THR C 12 42.90 -7.42 -17.58
C THR C 12 43.27 -8.86 -17.24
N ILE C 13 44.38 -9.05 -16.50
CA ILE C 13 44.71 -10.38 -16.00
C ILE C 13 43.57 -10.93 -15.16
N MET C 14 42.95 -10.07 -14.34
CA MET C 14 41.79 -10.51 -13.56
C MET C 14 40.66 -10.95 -14.48
N GLN C 15 40.40 -10.21 -15.55
CA GLN C 15 39.38 -10.61 -16.51
C GLN C 15 39.68 -12.01 -17.05
N ALA C 16 40.92 -12.24 -17.46
CA ALA C 16 41.32 -13.58 -17.90
C ALA C 16 40.98 -14.61 -16.83
N ALA C 17 41.41 -14.36 -15.59
CA ALA C 17 41.16 -15.29 -14.50
C ALA C 17 39.68 -15.63 -14.40
N MET C 18 38.82 -14.61 -14.46
CA MET C 18 37.38 -14.85 -14.37
C MET C 18 36.90 -15.72 -15.52
N ARG C 19 37.35 -15.43 -16.75
CA ARG C 19 36.95 -16.24 -17.88
C ARG C 19 37.36 -17.70 -17.67
N VAL C 20 38.59 -17.93 -17.22
CA VAL C 20 39.06 -19.30 -16.98
C VAL C 20 38.20 -19.98 -15.93
N ALA C 21 37.84 -19.24 -14.88
CA ALA C 21 36.98 -19.80 -13.85
C ALA C 21 35.64 -20.22 -14.43
N LEU C 22 35.07 -19.40 -15.30
CA LEU C 22 33.74 -19.70 -15.84
C LEU C 22 33.77 -20.84 -16.83
N ASP C 23 34.84 -21.00 -17.59
CA ASP C 23 34.88 -22.02 -18.63
C ASP C 23 35.43 -23.35 -18.13
N GLN C 24 36.32 -23.34 -17.15
CA GLN C 24 36.99 -24.56 -16.68
C GLN C 24 36.84 -24.83 -15.20
N GLY C 25 36.53 -23.85 -14.37
CA GLY C 25 36.46 -24.05 -12.95
C GLY C 25 37.82 -23.96 -12.27
N PHE C 26 37.82 -24.23 -10.97
CA PHE C 26 39.05 -24.10 -10.19
C PHE C 26 40.17 -24.98 -10.73
N THR C 27 39.84 -26.14 -11.29
CA THR C 27 40.89 -27.03 -11.79
C THR C 27 41.75 -26.33 -12.83
N GLY C 28 41.14 -25.50 -13.66
CA GLY C 28 41.85 -24.80 -14.70
C GLY C 28 42.41 -23.45 -14.30
N MET C 29 42.23 -23.04 -13.05
CA MET C 29 42.73 -21.75 -12.59
C MET C 29 44.15 -21.85 -12.06
N THR C 30 45.03 -22.45 -12.87
CA THR C 30 46.45 -22.48 -12.57
C THR C 30 47.11 -21.21 -13.09
N VAL C 31 48.27 -20.89 -12.53
CA VAL C 31 49.01 -19.71 -12.97
C VAL C 31 49.28 -19.78 -14.47
N ARG C 32 49.62 -20.98 -14.96
CA ARG C 32 49.94 -21.13 -16.38
C ARG C 32 48.72 -20.85 -17.25
N ASN C 33 47.54 -21.30 -16.83
CA ASN C 33 46.36 -21.17 -17.67
C ASN C 33 45.81 -19.76 -17.68
N ILE C 34 45.87 -19.06 -16.54
CA ILE C 34 45.47 -17.66 -16.52
C ILE C 34 46.47 -16.82 -17.31
N ALA C 35 47.77 -17.08 -17.14
CA ALA C 35 48.77 -16.36 -17.93
C ALA C 35 48.58 -16.61 -19.41
N THR C 36 48.22 -17.84 -19.79
CA THR C 36 47.98 -18.15 -21.20
C THR C 36 46.72 -17.46 -21.71
N ALA C 37 45.64 -17.48 -20.91
CA ALA C 37 44.40 -16.84 -21.33
C ALA C 37 44.58 -15.34 -21.47
N ALA C 38 45.48 -14.74 -20.69
CA ALA C 38 45.78 -13.32 -20.80
C ALA C 38 46.83 -13.01 -21.87
N GLY C 39 47.51 -14.03 -22.39
CA GLY C 39 48.55 -13.82 -23.37
C GLY C 39 49.84 -13.27 -22.80
N VAL C 40 50.09 -13.48 -21.51
CA VAL C 40 51.26 -12.92 -20.83
C VAL C 40 52.06 -14.06 -20.21
N ALA C 41 53.28 -13.73 -19.79
CA ALA C 41 54.15 -14.71 -19.18
C ALA C 41 53.74 -14.98 -17.74
N ALA C 42 53.99 -16.21 -17.29
CA ALA C 42 53.61 -16.60 -15.94
C ALA C 42 54.18 -15.66 -14.88
N GLY C 43 55.33 -15.05 -15.17
CA GLY C 43 55.94 -14.14 -14.22
C GLY C 43 55.24 -12.80 -14.09
N GLN C 44 54.38 -12.46 -15.05
CA GLN C 44 53.70 -11.17 -15.01
C GLN C 44 52.54 -11.16 -14.02
N VAL C 45 51.84 -12.28 -13.85
CA VAL C 45 50.77 -12.31 -12.86
C VAL C 45 51.36 -12.20 -11.46
N HIS C 46 52.51 -12.82 -11.22
CA HIS C 46 53.22 -12.64 -9.97
C HIS C 46 53.65 -11.20 -9.78
N HIS C 47 53.80 -10.44 -10.87
CA HIS C 47 54.15 -9.04 -10.77
C HIS C 47 52.98 -8.18 -10.31
N HIS C 48 51.75 -8.66 -10.48
CA HIS C 48 50.55 -7.88 -10.15
C HIS C 48 49.67 -8.52 -9.10
N PHE C 49 49.91 -9.77 -8.72
CA PHE C 49 49.14 -10.45 -7.68
C PHE C 49 50.09 -11.08 -6.68
N THR C 50 49.82 -10.84 -5.39
CA THR C 50 50.78 -11.22 -4.36
C THR C 50 50.96 -12.73 -4.28
N SER C 51 49.86 -13.46 -4.05
CA SER C 51 49.90 -14.91 -4.00
C SER C 51 49.03 -15.49 -5.10
N SER C 52 49.43 -16.66 -5.60
CA SER C 52 48.60 -17.37 -6.57
C SER C 52 47.24 -17.69 -5.97
N GLY C 53 47.21 -18.13 -4.71
CA GLY C 53 45.94 -18.39 -4.05
C GLY C 53 45.07 -17.15 -3.99
N GLU C 54 45.68 -15.98 -3.75
CA GLU C 54 44.92 -14.74 -3.77
C GLU C 54 44.31 -14.50 -5.15
N LEU C 55 45.08 -14.70 -6.21
CA LEU C 55 44.53 -14.57 -7.55
C LEU C 55 43.31 -15.47 -7.71
N LYS C 56 43.45 -16.76 -7.40
CA LYS C 56 42.34 -17.69 -7.54
C LYS C 56 41.11 -17.21 -6.76
N SER C 57 41.28 -16.96 -5.46
CA SER C 57 40.13 -16.66 -4.62
C SER C 57 39.49 -15.33 -5.03
N GLN C 58 40.29 -14.27 -5.20
CA GLN C 58 39.75 -12.97 -5.57
C GLN C 58 39.00 -13.06 -6.91
N ALA C 59 39.56 -13.80 -7.87
CA ALA C 59 38.85 -14.00 -9.12
C ALA C 59 37.50 -14.67 -8.89
N PHE C 60 37.49 -15.74 -8.08
CA PHE C 60 36.23 -16.41 -7.74
C PHE C 60 35.22 -15.41 -7.18
N ILE C 61 35.64 -14.62 -6.18
CA ILE C 61 34.75 -13.63 -5.58
C ILE C 61 34.18 -12.70 -6.66
N ARG C 62 35.04 -12.24 -7.57
CA ARG C 62 34.57 -11.39 -8.65
C ARG C 62 33.52 -12.10 -9.50
N VAL C 63 33.73 -13.39 -9.76
CA VAL C 63 32.76 -14.13 -10.57
C VAL C 63 31.42 -14.19 -9.86
N ILE C 64 31.42 -14.38 -8.54
CA ILE C 64 30.15 -14.45 -7.82
C ILE C 64 29.48 -13.08 -7.78
N ARG C 65 30.24 -12.02 -7.51
CA ARG C 65 29.65 -10.68 -7.57
C ARG C 65 29.02 -10.42 -8.92
N GLU C 66 29.70 -10.82 -9.99
CA GLU C 66 29.13 -10.66 -11.33
C GLU C 66 27.87 -11.48 -11.48
N MET C 67 27.85 -12.69 -10.91
CA MET C 67 26.61 -13.47 -10.89
C MET C 67 25.48 -12.69 -10.24
N MET C 68 25.76 -12.04 -9.12
CA MET C 68 24.73 -11.29 -8.42
C MET C 68 24.27 -10.08 -9.24
N ASP C 69 25.18 -9.44 -9.96
CA ASP C 69 24.77 -8.34 -10.84
C ASP C 69 23.89 -8.85 -11.98
N LEU C 70 24.20 -10.04 -12.50
CA LEU C 70 23.36 -10.63 -13.55
C LEU C 70 21.98 -10.97 -13.01
N GLN C 71 21.86 -11.23 -11.72
CA GLN C 71 20.59 -11.56 -11.10
C GLN C 71 19.78 -10.34 -10.68
N ARG C 72 20.38 -9.16 -10.73
CA ARG C 72 19.66 -7.95 -10.32
C ARG C 72 18.55 -7.64 -11.30
N LEU C 73 17.42 -7.22 -10.75
CA LEU C 73 16.35 -6.60 -11.52
C LEU C 73 16.49 -5.09 -11.41
N SER C 74 15.75 -4.38 -12.27
CA SER C 74 15.68 -2.94 -12.11
C SER C 74 15.10 -2.62 -10.74
N ARG C 75 15.76 -1.70 -10.02
CA ARG C 75 15.30 -1.33 -8.69
C ARG C 75 13.83 -0.96 -8.67
N THR C 76 13.25 -0.60 -9.81
CA THR C 76 11.84 -0.25 -9.89
C THR C 76 10.91 -1.46 -9.80
N ALA C 77 11.43 -2.67 -9.91
CA ALA C 77 10.58 -3.86 -9.90
C ALA C 77 10.12 -4.16 -8.48
N GLY C 78 9.06 -4.96 -8.38
CA GLY C 78 8.57 -5.37 -7.09
C GLY C 78 9.63 -6.10 -6.29
N TRP C 79 9.57 -5.94 -4.97
CA TRP C 79 10.62 -6.47 -4.10
C TRP C 79 10.54 -7.98 -3.95
N ARG C 80 9.35 -8.57 -4.05
CA ARG C 80 9.27 -10.03 -4.05
C ARG C 80 10.00 -10.61 -5.25
N GLU C 81 9.76 -10.04 -6.44
CA GLU C 81 10.46 -10.51 -7.63
C GLU C 81 11.97 -10.32 -7.48
N GLN C 82 12.39 -9.22 -6.86
CA GLN C 82 13.82 -9.00 -6.65
C GLN C 82 14.40 -10.05 -5.72
N LEU C 83 13.66 -10.44 -4.69
CA LEU C 83 14.13 -11.49 -3.79
C LEU C 83 14.24 -12.82 -4.53
N PHE C 84 13.16 -13.22 -5.22
CA PHE C 84 13.15 -14.49 -5.93
C PHE C 84 14.29 -14.55 -6.95
N SER C 85 14.56 -13.44 -7.64
CA SER C 85 15.65 -13.44 -8.60
C SER C 85 17.00 -13.48 -7.88
N ALA C 86 17.10 -12.81 -6.73
CA ALA C 86 18.32 -12.85 -5.95
C ALA C 86 18.59 -14.21 -5.34
N LEU C 87 17.62 -15.12 -5.37
CA LEU C 87 17.79 -16.44 -4.77
C LEU C 87 17.82 -17.59 -5.78
N GLY C 88 16.95 -17.61 -6.79
CA GLY C 88 16.75 -18.84 -7.55
C GLY C 88 16.49 -18.78 -9.05
N SER C 89 16.98 -17.76 -9.76
CA SER C 89 16.72 -17.69 -11.19
C SER C 89 17.18 -18.97 -11.89
N GLU C 90 16.40 -19.42 -12.87
CA GLU C 90 16.69 -20.62 -13.64
C GLU C 90 17.43 -20.33 -14.94
N ASP C 91 17.90 -19.11 -15.14
CA ASP C 91 18.55 -18.76 -16.40
C ASP C 91 19.76 -19.66 -16.64
N GLY C 92 19.76 -20.34 -17.80
CA GLY C 92 20.85 -21.23 -18.11
C GLY C 92 22.21 -20.55 -18.12
N ARG C 93 22.24 -19.24 -18.40
CA ARG C 93 23.50 -18.52 -18.46
C ARG C 93 24.21 -18.47 -17.11
N LEU C 94 23.54 -18.86 -16.03
CA LEU C 94 24.17 -18.94 -14.71
C LEU C 94 24.80 -20.28 -14.45
N GLU C 95 24.47 -21.31 -15.22
CA GLU C 95 24.99 -22.64 -14.95
C GLU C 95 26.50 -22.65 -14.71
N PRO C 96 27.33 -21.96 -15.51
CA PRO C 96 28.76 -21.94 -15.19
C PRO C 96 29.07 -21.19 -13.91
N TYR C 97 28.32 -20.13 -13.58
CA TYR C 97 28.53 -19.45 -12.30
C TYR C 97 28.18 -20.38 -11.14
N ILE C 98 26.94 -20.89 -11.13
CA ILE C 98 26.52 -21.82 -10.09
C ILE C 98 27.54 -22.93 -9.93
N ARG C 99 27.87 -23.60 -11.03
CA ARG C 99 28.93 -24.61 -11.05
C ARG C 99 30.11 -24.15 -10.21
N LEU C 100 30.70 -23.02 -10.57
CA LEU C 100 31.86 -22.52 -9.84
C LEU C 100 31.56 -22.45 -8.35
N TRP C 101 30.47 -21.78 -7.98
CA TRP C 101 30.11 -21.68 -6.57
C TRP C 101 30.07 -23.06 -5.93
N ARG C 102 29.37 -24.00 -6.56
CA ARG C 102 29.32 -25.35 -6.03
C ARG C 102 30.73 -25.85 -5.71
N GLN C 103 31.62 -25.78 -6.70
CA GLN C 103 32.98 -26.28 -6.50
C GLN C 103 33.61 -25.67 -5.26
N ALA C 104 33.46 -24.36 -5.09
CA ALA C 104 34.05 -23.70 -3.93
C ALA C 104 33.59 -24.37 -2.64
N GLN C 105 32.28 -24.60 -2.52
CA GLN C 105 31.74 -25.19 -1.30
C GLN C 105 32.47 -26.47 -0.93
N LEU C 106 32.92 -27.24 -1.94
CA LEU C 106 33.65 -28.46 -1.65
C LEU C 106 35.11 -28.15 -1.31
N LEU C 107 35.76 -27.30 -2.12
CA LEU C 107 37.15 -26.97 -1.84
C LEU C 107 37.32 -26.25 -0.51
N ALA C 108 36.23 -25.66 0.02
CA ALA C 108 36.30 -25.03 1.33
C ALA C 108 36.63 -26.05 2.42
N ASP C 109 36.35 -27.33 2.19
CA ASP C 109 36.66 -28.36 3.18
C ASP C 109 38.15 -28.64 3.28
N SER C 110 38.91 -28.38 2.21
CA SER C 110 40.32 -28.71 2.16
C SER C 110 41.22 -27.54 1.79
N ASP C 111 40.69 -26.33 1.67
CA ASP C 111 41.48 -25.16 1.29
C ASP C 111 41.01 -23.97 2.12
N PRO C 112 41.76 -23.58 3.15
CA PRO C 112 41.31 -22.47 4.01
C PRO C 112 41.10 -21.16 3.26
N GLU C 113 41.90 -20.89 2.22
CA GLU C 113 41.75 -19.64 1.47
C GLU C 113 40.40 -19.59 0.76
N ILE C 114 40.09 -20.63 -0.02
CA ILE C 114 38.79 -20.72 -0.66
C ILE C 114 37.68 -20.77 0.38
N LYS C 115 37.96 -21.26 1.58
CA LYS C 115 36.97 -21.22 2.65
C LYS C 115 36.66 -19.79 3.04
N SER C 116 37.69 -18.96 3.20
CA SER C 116 37.46 -17.55 3.46
C SER C 116 36.59 -16.95 2.36
N ALA C 117 37.02 -17.12 1.09
CA ALA C 117 36.27 -16.53 -0.01
C ALA C 117 34.82 -17.00 -0.01
N TYR C 118 34.60 -18.29 0.27
CA TYR C 118 33.25 -18.83 0.30
C TYR C 118 32.43 -18.22 1.43
N LEU C 119 33.01 -18.14 2.62
CA LEU C 119 32.41 -17.32 3.68
C LEU C 119 32.77 -15.86 3.52
N LEU C 120 32.74 -15.40 2.30
CA LEU C 120 32.56 -14.01 1.91
C LEU C 120 31.42 -13.88 0.92
N THR C 121 31.30 -14.83 -0.01
CA THR C 121 30.18 -14.85 -0.93
C THR C 121 28.88 -15.17 -0.20
N MET C 122 28.93 -16.06 0.79
CA MET C 122 27.71 -16.36 1.56
C MET C 122 27.24 -15.13 2.32
N ASN C 123 28.16 -14.34 2.84
CA ASN C 123 27.78 -13.13 3.56
C ASN C 123 27.32 -12.02 2.61
N LEU C 124 27.88 -11.96 1.39
CA LEU C 124 27.33 -11.05 0.39
C LEU C 124 25.89 -11.44 0.05
N TRP C 125 25.68 -12.70 -0.31
CA TRP C 125 24.34 -13.21 -0.60
C TRP C 125 23.38 -12.88 0.54
N HIS C 126 23.81 -13.13 1.78
CA HIS C 126 22.95 -12.86 2.93
C HIS C 126 22.66 -11.37 3.06
N ASP C 127 23.68 -10.52 2.91
CA ASP C 127 23.46 -9.09 3.02
C ASP C 127 22.50 -8.59 1.94
N GLU C 128 22.54 -9.19 0.75
CA GLU C 128 21.64 -8.77 -0.32
C GLU C 128 20.21 -9.20 -0.01
N ALA C 129 20.02 -10.46 0.39
CA ALA C 129 18.70 -10.91 0.77
C ALA C 129 18.13 -10.06 1.90
N VAL C 130 18.96 -9.71 2.88
CA VAL C 130 18.51 -8.85 3.98
C VAL C 130 18.14 -7.46 3.46
N ARG C 131 18.94 -6.93 2.53
CA ARG C 131 18.59 -5.65 1.93
C ARG C 131 17.20 -5.70 1.31
N ILE C 132 16.94 -6.73 0.52
CA ILE C 132 15.66 -6.83 -0.19
C ILE C 132 14.52 -7.04 0.79
N ILE C 133 14.75 -7.80 1.87
CA ILE C 133 13.70 -8.05 2.85
C ILE C 133 13.37 -6.77 3.61
N ARG C 134 14.39 -6.06 4.08
CA ARG C 134 14.17 -4.77 4.74
C ARG C 134 13.40 -3.84 3.82
N ALA C 135 13.84 -3.71 2.57
CA ALA C 135 13.18 -2.82 1.63
C ALA C 135 11.72 -3.19 1.44
N GLY C 136 11.45 -4.47 1.19
CA GLY C 136 10.08 -4.90 0.98
C GLY C 136 9.20 -4.68 2.21
N HIS C 137 9.78 -4.87 3.40
CA HIS C 137 9.02 -4.63 4.62
C HIS C 137 8.68 -3.15 4.78
N ALA C 138 9.64 -2.27 4.47
CA ALA C 138 9.39 -0.85 4.58
C ALA C 138 8.31 -0.40 3.61
N ALA C 139 8.34 -0.92 2.38
CA ALA C 139 7.36 -0.54 1.36
C ALA C 139 5.97 -1.09 1.63
N GLY C 140 5.81 -1.94 2.64
CA GLY C 140 4.54 -2.55 2.92
C GLY C 140 4.23 -3.80 2.14
N GLU C 141 5.22 -4.36 1.43
CA GLU C 141 5.01 -5.53 0.60
C GLU C 141 5.28 -6.84 1.34
N PHE C 142 6.20 -6.83 2.30
CA PHE C 142 6.50 -8.00 3.11
C PHE C 142 5.93 -7.83 4.51
N THR C 143 5.58 -8.97 5.12
CA THR C 143 5.15 -9.03 6.51
C THR C 143 6.12 -9.94 7.26
N LEU C 144 6.80 -9.39 8.25
CA LEU C 144 7.85 -10.10 8.97
C LEU C 144 7.37 -10.56 10.34
N ARG C 145 7.50 -11.85 10.60
CA ARG C 145 7.34 -12.42 11.93
C ARG C 145 8.68 -12.71 12.59
N ASP C 146 9.79 -12.41 11.91
CA ASP C 146 11.12 -12.66 12.42
C ASP C 146 12.04 -11.61 11.81
N SER C 147 13.29 -11.59 12.27
CA SER C 147 14.26 -10.65 11.73
C SER C 147 14.60 -10.99 10.28
N ALA C 148 14.95 -9.96 9.52
CA ALA C 148 15.37 -10.18 8.13
C ALA C 148 16.57 -11.09 8.05
N GLU C 149 17.46 -11.03 9.03
CA GLU C 149 18.65 -11.88 9.01
C GLU C 149 18.29 -13.35 9.11
N ASN C 150 17.45 -13.70 10.10
CA ASN C 150 17.03 -15.09 10.25
C ASN C 150 16.32 -15.58 8.99
N ILE C 151 15.35 -14.80 8.49
CA ILE C 151 14.65 -15.18 7.27
C ILE C 151 15.63 -15.39 6.14
N ALA C 152 16.65 -14.54 6.05
CA ALA C 152 17.64 -14.68 4.98
C ALA C 152 18.42 -15.98 5.12
N TRP C 153 18.83 -16.34 6.34
CA TRP C 153 19.56 -17.58 6.51
C TRP C 153 18.67 -18.80 6.25
N ARG C 154 17.38 -18.70 6.54
CA ARG C 154 16.50 -19.82 6.26
C ARG C 154 16.21 -19.97 4.76
N LEU C 155 16.05 -18.84 4.05
CA LEU C 155 15.84 -18.90 2.60
C LEU C 155 17.09 -19.40 1.89
N ILE C 156 18.25 -18.81 2.20
CA ILE C 156 19.50 -19.28 1.62
C ILE C 156 19.72 -20.74 1.96
N SER C 157 19.44 -21.14 3.21
CA SER C 157 19.55 -22.54 3.58
C SER C 157 18.68 -23.41 2.68
N LEU C 158 17.43 -23.01 2.46
CA LEU C 158 16.54 -23.76 1.59
C LEU C 158 17.16 -23.91 0.20
N VAL C 159 17.69 -22.82 -0.35
CA VAL C 159 18.29 -22.88 -1.69
C VAL C 159 19.46 -23.84 -1.72
N CYS C 160 20.40 -23.69 -0.78
CA CYS C 160 21.60 -24.51 -0.77
C CYS C 160 21.26 -25.98 -0.61
N GLY C 161 20.42 -26.32 0.37
CA GLY C 161 20.02 -27.71 0.57
C GLY C 161 19.34 -28.29 -0.66
N LEU C 162 18.30 -27.60 -1.15
CA LEU C 162 17.62 -28.07 -2.34
C LEU C 162 18.58 -28.25 -3.51
N ASP C 163 19.63 -27.44 -3.57
CA ASP C 163 20.65 -27.65 -4.60
C ASP C 163 21.43 -28.92 -4.34
N GLY C 164 21.78 -29.18 -3.08
CA GLY C 164 22.45 -30.42 -2.74
C GLY C 164 21.66 -31.64 -3.15
N ILE C 165 20.32 -31.54 -3.11
CA ILE C 165 19.49 -32.66 -3.54
C ILE C 165 19.31 -32.66 -5.06
N TYR C 166 19.26 -31.47 -5.67
CA TYR C 166 19.02 -31.36 -7.11
C TYR C 166 20.16 -31.97 -7.91
N VAL C 167 21.40 -31.75 -7.48
CA VAL C 167 22.56 -32.27 -8.19
C VAL C 167 22.60 -33.80 -8.18
N LEU C 168 21.96 -34.43 -7.20
CA LEU C 168 21.94 -35.89 -7.13
C LEU C 168 21.08 -36.52 -8.22
N GLY C 169 20.34 -35.72 -8.99
CA GLY C 169 19.51 -36.26 -10.03
C GLY C 169 18.17 -36.78 -9.54
N MET C 170 17.63 -36.20 -8.49
CA MET C 170 16.34 -36.63 -7.96
C MET C 170 15.24 -36.23 -8.94
N PRO C 171 14.41 -37.16 -9.42
CA PRO C 171 13.42 -36.78 -10.45
C PRO C 171 12.31 -35.89 -9.91
N GLU C 172 11.97 -35.99 -8.63
CA GLU C 172 10.94 -35.13 -8.05
C GLU C 172 11.49 -33.77 -7.63
N VAL C 173 12.81 -33.61 -7.60
CA VAL C 173 13.42 -32.31 -7.39
C VAL C 173 14.16 -31.89 -8.66
N ASP C 174 13.45 -31.20 -9.55
CA ASP C 174 13.99 -30.71 -10.81
C ASP C 174 13.88 -29.18 -10.81
N ASP C 175 14.18 -28.58 -11.97
CA ASP C 175 14.09 -27.13 -12.11
C ASP C 175 12.76 -26.61 -11.57
N ALA C 176 11.66 -27.07 -12.17
CA ALA C 176 10.34 -26.56 -11.82
C ALA C 176 10.05 -26.74 -10.32
N ALA C 177 10.27 -27.95 -9.81
CA ALA C 177 10.02 -28.20 -8.39
C ALA C 177 10.88 -27.29 -7.52
N PHE C 178 12.14 -27.09 -7.90
CA PHE C 178 13.00 -26.17 -7.17
C PHE C 178 12.35 -24.80 -7.07
N THR C 179 11.97 -24.23 -8.21
CA THR C 179 11.33 -22.92 -8.20
C THR C 179 10.10 -22.91 -7.31
N ARG C 180 9.26 -23.95 -7.42
CA ARG C 180 8.05 -24.00 -6.60
C ARG C 180 8.38 -23.97 -5.13
N HIS C 181 9.39 -24.73 -4.70
CA HIS C 181 9.78 -24.74 -3.29
C HIS C 181 10.23 -23.35 -2.85
N LEU C 182 11.14 -22.74 -3.62
CA LEU C 182 11.64 -21.42 -3.24
C LEU C 182 10.49 -20.42 -3.11
N GLN C 183 9.62 -20.37 -4.12
CA GLN C 183 8.45 -19.49 -4.05
C GLN C 183 7.62 -19.79 -2.81
N HIS C 184 7.47 -21.07 -2.47
CA HIS C 184 6.63 -21.44 -1.34
C HIS C 184 7.21 -20.96 -0.02
N VAL C 185 8.52 -21.08 0.16
CA VAL C 185 9.13 -20.62 1.41
C VAL C 185 9.16 -19.10 1.46
N ILE C 186 9.28 -18.43 0.30
CA ILE C 186 9.15 -16.98 0.29
C ILE C 186 7.76 -16.59 0.78
N GLN C 187 6.73 -17.24 0.22
CA GLN C 187 5.36 -17.00 0.66
C GLN C 187 5.20 -17.23 2.16
N LEU C 188 5.78 -18.32 2.67
CA LEU C 188 5.59 -18.66 4.09
C LEU C 188 6.33 -17.68 4.99
N GLU C 189 7.50 -17.21 4.56
CA GLU C 189 8.33 -16.38 5.42
C GLU C 189 7.93 -14.90 5.38
N LEU C 190 7.26 -14.44 4.32
CA LEU C 190 7.04 -13.00 4.15
C LEU C 190 5.61 -12.62 3.80
N PHE C 191 4.67 -13.56 3.80
CA PHE C 191 3.29 -13.26 3.41
C PHE C 191 2.29 -13.93 4.35
N SER C 192 2.51 -13.79 5.65
CA SER C 192 1.56 -14.33 6.63
C SER C 192 0.23 -13.58 6.56
N LEU D 4 32.20 -70.17 11.52
CA LEU D 4 30.94 -69.50 11.24
C LEU D 4 30.34 -70.01 9.93
N ASN D 5 29.21 -69.42 9.55
CA ASN D 5 28.58 -69.68 8.26
C ASN D 5 28.64 -68.41 7.42
N ARG D 6 28.84 -68.58 6.11
CA ARG D 6 29.16 -67.50 5.18
C ARG D 6 28.52 -66.15 5.48
N GLU D 7 27.19 -66.12 5.56
CA GLU D 7 26.51 -64.82 5.62
C GLU D 7 26.67 -64.15 6.98
N GLU D 8 26.71 -64.92 8.07
CA GLU D 8 26.92 -64.29 9.38
C GLU D 8 28.34 -63.77 9.50
N ARG D 9 29.29 -64.37 8.79
CA ARG D 9 30.62 -63.76 8.65
C ARG D 9 30.51 -62.42 7.94
N ARG D 10 29.81 -62.40 6.80
CA ARG D 10 29.54 -61.12 6.14
C ARG D 10 29.02 -60.09 7.13
N GLU D 11 28.08 -60.49 7.99
CA GLU D 11 27.49 -59.55 8.94
C GLU D 11 28.53 -59.05 9.94
N THR D 12 29.28 -59.97 10.55
CA THR D 12 30.31 -59.56 11.51
C THR D 12 31.25 -58.52 10.90
N ILE D 13 31.81 -58.85 9.74
CA ILE D 13 32.69 -57.91 9.05
C ILE D 13 31.98 -56.57 8.85
N MET D 14 30.71 -56.62 8.45
CA MET D 14 29.95 -55.38 8.25
C MET D 14 29.97 -54.52 9.51
N GLN D 15 29.57 -55.10 10.65
CA GLN D 15 29.54 -54.34 11.89
C GLN D 15 30.90 -53.72 12.19
N ALA D 16 31.97 -54.51 12.11
CA ALA D 16 33.30 -53.96 12.33
C ALA D 16 33.54 -52.74 11.44
N ALA D 17 33.21 -52.87 10.15
CA ALA D 17 33.38 -51.76 9.23
C ALA D 17 32.61 -50.53 9.69
N MET D 18 31.39 -50.74 10.20
CA MET D 18 30.61 -49.61 10.71
C MET D 18 31.38 -48.88 11.82
N ARG D 19 31.88 -49.64 12.80
CA ARG D 19 32.64 -48.99 13.88
C ARG D 19 33.83 -48.23 13.33
N VAL D 20 34.59 -48.84 12.42
CA VAL D 20 35.74 -48.15 11.83
C VAL D 20 35.29 -46.84 11.20
N ALA D 21 34.17 -46.86 10.48
CA ALA D 21 33.65 -45.65 9.85
C ALA D 21 33.36 -44.58 10.89
N LEU D 22 32.71 -44.95 12.00
CA LEU D 22 32.38 -43.94 13.00
C LEU D 22 33.61 -43.39 13.69
N ASP D 23 34.67 -44.20 13.86
CA ASP D 23 35.83 -43.73 14.59
C ASP D 23 36.77 -42.89 13.72
N GLN D 24 36.97 -43.31 12.47
CA GLN D 24 38.00 -42.70 11.63
C GLN D 24 37.48 -42.08 10.34
N GLY D 25 36.23 -42.32 9.96
CA GLY D 25 35.70 -41.78 8.73
C GLY D 25 36.12 -42.61 7.52
N PHE D 26 35.60 -42.21 6.36
CA PHE D 26 35.90 -42.93 5.13
C PHE D 26 37.39 -43.06 4.89
N THR D 27 38.17 -42.04 5.27
CA THR D 27 39.61 -42.08 5.02
C THR D 27 40.27 -43.23 5.77
N GLY D 28 39.74 -43.61 6.92
CA GLY D 28 40.30 -44.68 7.73
C GLY D 28 39.67 -46.04 7.51
N MET D 29 38.86 -46.20 6.47
CA MET D 29 38.21 -47.48 6.20
C MET D 29 39.03 -48.30 5.20
N THR D 30 40.24 -48.66 5.61
CA THR D 30 41.09 -49.53 4.81
C THR D 30 40.94 -50.98 5.27
N VAL D 31 41.29 -51.90 4.36
CA VAL D 31 41.19 -53.33 4.68
C VAL D 31 42.06 -53.68 5.87
N ARG D 32 43.16 -52.95 6.07
CA ARG D 32 44.01 -53.21 7.23
C ARG D 32 43.27 -52.91 8.52
N ASN D 33 42.71 -51.71 8.63
CA ASN D 33 42.03 -51.30 9.87
C ASN D 33 40.74 -52.08 10.07
N ILE D 34 40.01 -52.36 9.00
CA ILE D 34 38.76 -53.10 9.13
C ILE D 34 39.02 -54.54 9.51
N ALA D 35 39.99 -55.17 8.83
CA ALA D 35 40.34 -56.55 9.17
C ALA D 35 40.85 -56.64 10.60
N THR D 36 41.64 -55.66 11.04
CA THR D 36 42.08 -55.65 12.43
C THR D 36 40.90 -55.51 13.38
N ALA D 37 39.99 -54.57 13.09
CA ALA D 37 38.86 -54.33 13.98
C ALA D 37 37.93 -55.53 14.05
N ALA D 38 37.87 -56.33 12.97
CA ALA D 38 37.01 -57.51 12.94
C ALA D 38 37.70 -58.75 13.48
N GLY D 39 39.02 -58.73 13.61
CA GLY D 39 39.75 -59.89 14.10
C GLY D 39 40.00 -60.95 13.05
N VAL D 40 39.98 -60.59 11.77
CA VAL D 40 40.17 -61.54 10.68
C VAL D 40 41.35 -61.08 9.83
N ALA D 41 41.78 -61.96 8.93
CA ALA D 41 42.90 -61.65 8.06
C ALA D 41 42.47 -60.68 6.96
N ALA D 42 43.45 -59.96 6.40
CA ALA D 42 43.15 -58.99 5.36
C ALA D 42 42.52 -59.63 4.13
N GLY D 43 42.89 -60.88 3.84
CA GLY D 43 42.32 -61.57 2.70
C GLY D 43 40.91 -62.08 2.90
N GLN D 44 40.38 -62.00 4.12
CA GLN D 44 39.05 -62.53 4.39
C GLN D 44 37.97 -61.62 3.79
N VAL D 45 38.16 -60.30 3.88
CA VAL D 45 37.12 -59.38 3.43
C VAL D 45 36.91 -59.50 1.93
N HIS D 46 37.97 -59.80 1.17
CA HIS D 46 37.84 -59.94 -0.27
C HIS D 46 36.92 -61.08 -0.67
N HIS D 47 36.65 -62.01 0.24
CA HIS D 47 35.73 -63.11 -0.04
C HIS D 47 34.28 -62.77 0.25
N HIS D 48 34.02 -61.75 1.07
CA HIS D 48 32.66 -61.33 1.38
C HIS D 48 32.26 -60.01 0.75
N PHE D 49 33.22 -59.18 0.35
CA PHE D 49 32.94 -57.92 -0.33
C PHE D 49 33.84 -57.85 -1.56
N THR D 50 33.23 -57.96 -2.74
CA THR D 50 34.00 -57.99 -3.98
C THR D 50 34.88 -56.75 -4.11
N SER D 51 34.28 -55.56 -3.97
CA SER D 51 35.01 -54.31 -4.11
C SER D 51 35.03 -53.56 -2.78
N SER D 52 36.10 -52.80 -2.57
CA SER D 52 36.23 -52.01 -1.36
C SER D 52 35.19 -50.89 -1.32
N GLY D 53 35.00 -50.20 -2.45
CA GLY D 53 33.99 -49.15 -2.50
C GLY D 53 32.60 -49.64 -2.16
N GLU D 54 32.27 -50.88 -2.53
CA GLU D 54 31.00 -51.46 -2.13
C GLU D 54 30.92 -51.60 -0.62
N LEU D 55 32.02 -52.01 0.01
CA LEU D 55 32.04 -52.13 1.47
C LEU D 55 31.83 -50.78 2.12
N LYS D 56 32.56 -49.75 1.66
CA LYS D 56 32.39 -48.42 2.24
C LYS D 56 30.97 -47.91 2.05
N SER D 57 30.40 -48.13 0.86
CA SER D 57 29.06 -47.63 0.58
C SER D 57 28.01 -48.32 1.43
N GLN D 58 27.97 -49.66 1.40
CA GLN D 58 26.96 -50.38 2.17
C GLN D 58 27.14 -50.16 3.66
N ALA D 59 28.39 -50.11 4.13
CA ALA D 59 28.62 -49.81 5.54
C ALA D 59 28.10 -48.42 5.90
N PHE D 60 28.32 -47.44 5.02
CA PHE D 60 27.79 -46.11 5.25
C PHE D 60 26.27 -46.13 5.35
N ILE D 61 25.62 -46.82 4.40
CA ILE D 61 24.16 -46.93 4.43
C ILE D 61 23.70 -47.52 5.77
N ARG D 62 24.41 -48.54 6.26
CA ARG D 62 24.00 -49.16 7.51
C ARG D 62 24.25 -48.25 8.71
N VAL D 63 25.33 -47.45 8.68
CA VAL D 63 25.56 -46.50 9.75
C VAL D 63 24.44 -45.47 9.79
N ILE D 64 23.99 -45.00 8.62
CA ILE D 64 22.91 -44.03 8.61
C ILE D 64 21.58 -44.68 9.02
N ARG D 65 21.39 -45.97 8.70
CA ARG D 65 20.22 -46.66 9.19
C ARG D 65 20.23 -46.75 10.71
N GLU D 66 21.40 -47.02 11.29
CA GLU D 66 21.54 -47.02 12.75
C GLU D 66 21.27 -45.63 13.31
N MET D 67 21.69 -44.59 12.60
CA MET D 67 21.39 -43.23 13.03
C MET D 67 19.89 -42.99 13.07
N MET D 68 19.19 -43.35 11.98
CA MET D 68 17.76 -43.08 11.91
C MET D 68 16.99 -43.87 12.96
N ASP D 69 17.30 -45.17 13.11
CA ASP D 69 16.64 -45.94 14.17
C ASP D 69 16.99 -45.39 15.54
N LEU D 70 18.19 -44.83 15.69
CA LEU D 70 18.62 -44.33 16.99
C LEU D 70 17.89 -43.05 17.36
N GLN D 71 17.61 -42.20 16.38
CA GLN D 71 16.98 -40.91 16.63
C GLN D 71 15.47 -40.95 16.57
N ARG D 72 14.88 -42.02 16.05
CA ARG D 72 13.43 -42.09 15.96
C ARG D 72 12.83 -42.21 17.36
N LEU D 73 11.80 -41.40 17.64
CA LEU D 73 11.17 -41.39 18.94
C LEU D 73 9.98 -42.33 18.98
N SER D 74 9.64 -42.76 20.19
CA SER D 74 8.46 -43.59 20.38
C SER D 74 7.21 -42.84 19.93
N ARG D 75 6.20 -43.60 19.54
CA ARG D 75 4.94 -43.00 19.12
C ARG D 75 4.27 -42.24 20.26
N THR D 76 4.68 -42.48 21.51
CA THR D 76 4.07 -41.81 22.66
C THR D 76 4.38 -40.32 22.68
N ALA D 77 5.46 -39.89 22.07
CA ALA D 77 5.81 -38.47 22.02
C ALA D 77 4.99 -37.76 20.95
N GLY D 78 4.89 -36.43 21.08
CA GLY D 78 4.14 -35.65 20.13
C GLY D 78 4.66 -35.79 18.72
N TRP D 79 3.79 -35.54 17.75
CA TRP D 79 4.15 -35.74 16.35
C TRP D 79 5.18 -34.72 15.89
N ARG D 80 5.08 -33.48 16.36
CA ARG D 80 6.11 -32.50 16.00
C ARG D 80 7.42 -32.79 16.71
N GLU D 81 7.36 -33.33 17.92
CA GLU D 81 8.58 -33.80 18.56
C GLU D 81 9.20 -34.95 17.77
N GLN D 82 8.36 -35.85 17.25
CA GLN D 82 8.86 -36.94 16.42
C GLN D 82 9.53 -36.39 15.17
N LEU D 83 8.87 -35.48 14.47
CA LEU D 83 9.43 -34.90 13.25
C LEU D 83 10.76 -34.20 13.55
N PHE D 84 10.76 -33.33 14.55
CA PHE D 84 12.01 -32.67 14.93
C PHE D 84 13.11 -33.67 15.18
N SER D 85 12.83 -34.70 15.99
CA SER D 85 13.85 -35.71 16.24
C SER D 85 14.30 -36.38 14.95
N ALA D 86 13.41 -36.48 13.97
CA ALA D 86 13.75 -37.08 12.69
C ALA D 86 14.52 -36.12 11.78
N LEU D 87 14.61 -34.84 12.13
CA LEU D 87 15.28 -33.86 11.29
C LEU D 87 16.54 -33.26 11.91
N GLY D 88 16.51 -32.90 13.19
CA GLY D 88 17.61 -32.21 13.82
C GLY D 88 17.90 -32.63 15.25
N SER D 89 17.68 -33.90 15.59
CA SER D 89 17.86 -34.38 16.95
C SER D 89 19.14 -33.85 17.57
N GLU D 90 19.06 -33.49 18.86
CA GLU D 90 20.19 -32.97 19.61
C GLU D 90 20.95 -34.05 20.37
N ASP D 91 20.71 -35.32 20.04
CA ASP D 91 21.35 -36.42 20.78
C ASP D 91 22.84 -36.44 20.49
N GLY D 92 23.66 -36.30 21.55
CA GLY D 92 25.10 -36.31 21.38
C GLY D 92 25.59 -37.56 20.67
N ARG D 93 24.93 -38.69 20.91
CA ARG D 93 25.34 -39.93 20.29
C ARG D 93 25.40 -39.84 18.77
N LEU D 94 24.77 -38.82 18.19
CA LEU D 94 24.71 -38.67 16.73
C LEU D 94 25.89 -37.91 16.15
N GLU D 95 26.78 -37.36 16.99
CA GLU D 95 27.89 -36.57 16.47
C GLU D 95 28.75 -37.34 15.48
N PRO D 96 29.24 -38.54 15.80
CA PRO D 96 30.08 -39.24 14.80
C PRO D 96 29.35 -39.60 13.53
N TYR D 97 28.04 -39.89 13.62
CA TYR D 97 27.28 -40.21 12.42
C TYR D 97 27.22 -39.00 11.48
N ILE D 98 26.88 -37.84 12.03
CA ILE D 98 26.79 -36.62 11.20
C ILE D 98 28.11 -36.37 10.48
N ARG D 99 29.22 -36.39 11.23
CA ARG D 99 30.53 -36.25 10.60
C ARG D 99 30.66 -37.17 9.40
N LEU D 100 30.23 -38.42 9.53
CA LEU D 100 30.26 -39.35 8.42
C LEU D 100 29.34 -38.86 7.29
N TRP D 101 28.08 -38.58 7.63
CA TRP D 101 27.13 -38.14 6.61
C TRP D 101 27.69 -36.97 5.82
N ARG D 102 28.05 -35.88 6.52
CA ARG D 102 28.73 -34.76 5.88
C ARG D 102 29.80 -35.25 4.93
N GLN D 103 30.73 -36.06 5.46
CA GLN D 103 31.84 -36.57 4.65
C GLN D 103 31.32 -37.18 3.35
N ALA D 104 30.31 -38.04 3.45
CA ALA D 104 29.75 -38.67 2.26
C ALA D 104 29.36 -37.61 1.23
N GLN D 105 28.60 -36.60 1.67
CA GLN D 105 28.13 -35.57 0.75
C GLN D 105 29.28 -35.00 -0.08
N LEU D 106 30.48 -34.90 0.51
CA LEU D 106 31.62 -34.40 -0.24
C LEU D 106 32.15 -35.47 -1.20
N LEU D 107 32.41 -36.67 -0.70
CA LEU D 107 32.95 -37.72 -1.55
C LEU D 107 32.01 -38.07 -2.69
N ALA D 108 30.71 -37.81 -2.54
CA ALA D 108 29.77 -38.04 -3.63
C ALA D 108 30.19 -37.32 -4.90
N ASP D 109 30.90 -36.20 -4.76
CA ASP D 109 31.32 -35.44 -5.93
C ASP D 109 32.37 -36.17 -6.75
N SER D 110 33.13 -37.08 -6.13
CA SER D 110 34.24 -37.76 -6.80
C SER D 110 34.19 -39.27 -6.65
N ASP D 111 33.12 -39.83 -6.09
CA ASP D 111 32.99 -41.27 -5.91
C ASP D 111 31.55 -41.67 -6.24
N PRO D 112 31.30 -42.21 -7.43
CA PRO D 112 29.91 -42.55 -7.80
C PRO D 112 29.23 -43.49 -6.82
N GLU D 113 29.94 -44.50 -6.32
CA GLU D 113 29.34 -45.42 -5.36
C GLU D 113 28.87 -44.67 -4.12
N ILE D 114 29.75 -43.86 -3.53
CA ILE D 114 29.36 -43.06 -2.37
C ILE D 114 28.21 -42.14 -2.73
N LYS D 115 28.21 -41.60 -3.94
CA LYS D 115 27.11 -40.74 -4.36
C LYS D 115 25.78 -41.47 -4.30
N SER D 116 25.75 -42.70 -4.82
CA SER D 116 24.53 -43.48 -4.80
C SER D 116 24.10 -43.79 -3.37
N ALA D 117 25.03 -44.22 -2.53
CA ALA D 117 24.69 -44.46 -1.13
C ALA D 117 24.10 -43.21 -0.49
N TYR D 118 24.68 -42.05 -0.79
CA TYR D 118 24.20 -40.80 -0.23
C TYR D 118 22.77 -40.51 -0.68
N LEU D 119 22.53 -40.62 -1.99
CA LEU D 119 21.17 -40.43 -2.50
C LEU D 119 20.20 -41.38 -1.83
N LEU D 120 20.65 -42.62 -1.57
CA LEU D 120 19.80 -43.60 -0.89
C LEU D 120 19.44 -43.12 0.51
N THR D 121 20.44 -42.69 1.29
CA THR D 121 20.17 -42.19 2.63
C THR D 121 19.25 -40.98 2.58
N MET D 122 19.39 -40.14 1.56
CA MET D 122 18.48 -38.99 1.41
C MET D 122 17.05 -39.46 1.20
N ASN D 123 16.86 -40.45 0.31
CA ASN D 123 15.52 -40.98 0.09
C ASN D 123 14.95 -41.59 1.36
N LEU D 124 15.79 -42.23 2.18
CA LEU D 124 15.32 -42.79 3.44
C LEU D 124 14.90 -41.70 4.41
N TRP D 125 15.77 -40.72 4.63
CA TRP D 125 15.43 -39.58 5.48
C TRP D 125 14.10 -38.96 5.05
N HIS D 126 13.97 -38.68 3.75
CA HIS D 126 12.71 -38.16 3.23
C HIS D 126 11.55 -39.07 3.59
N ASP D 127 11.71 -40.38 3.37
CA ASP D 127 10.64 -41.32 3.68
C ASP D 127 10.23 -41.22 5.15
N GLU D 128 11.20 -41.05 6.04
CA GLU D 128 10.87 -40.92 7.47
C GLU D 128 10.09 -39.64 7.72
N ALA D 129 10.59 -38.50 7.24
CA ALA D 129 9.88 -37.25 7.43
C ALA D 129 8.44 -37.35 6.90
N VAL D 130 8.29 -37.92 5.70
CA VAL D 130 6.95 -38.09 5.12
C VAL D 130 6.09 -38.96 6.01
N ARG D 131 6.66 -40.04 6.55
CA ARG D 131 5.92 -40.89 7.47
C ARG D 131 5.36 -40.09 8.63
N ILE D 132 6.23 -39.34 9.31
CA ILE D 132 5.80 -38.61 10.49
C ILE D 132 4.79 -37.52 10.12
N ILE D 133 4.95 -36.90 8.95
CA ILE D 133 4.04 -35.83 8.55
C ILE D 133 2.66 -36.40 8.24
N ARG D 134 2.61 -37.48 7.47
CA ARG D 134 1.33 -38.15 7.21
C ARG D 134 0.66 -38.55 8.52
N ALA D 135 1.41 -39.20 9.41
CA ALA D 135 0.84 -39.65 10.67
C ALA D 135 0.29 -38.49 11.48
N GLY D 136 1.07 -37.41 11.59
CA GLY D 136 0.61 -36.26 12.36
C GLY D 136 -0.59 -35.59 11.73
N HIS D 137 -0.69 -35.61 10.41
CA HIS D 137 -1.89 -35.13 9.74
C HIS D 137 -3.09 -35.98 10.12
N ALA D 138 -2.93 -37.30 10.08
CA ALA D 138 -4.01 -38.20 10.46
C ALA D 138 -4.45 -37.96 11.90
N ALA D 139 -3.49 -37.68 12.79
CA ALA D 139 -3.82 -37.45 14.19
C ALA D 139 -4.53 -36.14 14.43
N GLY D 140 -4.43 -35.19 13.49
CA GLY D 140 -5.02 -33.88 13.66
C GLY D 140 -4.11 -32.85 14.27
N GLU D 141 -2.81 -33.12 14.36
CA GLU D 141 -1.84 -32.17 14.90
C GLU D 141 -1.23 -31.28 13.82
N PHE D 142 -0.93 -31.84 12.67
CA PHE D 142 -0.36 -31.09 11.55
C PHE D 142 -1.46 -30.61 10.61
N THR D 143 -1.28 -29.40 10.08
CA THR D 143 -2.20 -28.81 9.11
C THR D 143 -1.46 -28.67 7.79
N LEU D 144 -2.03 -29.22 6.73
CA LEU D 144 -1.36 -29.35 5.44
C LEU D 144 -1.93 -28.34 4.45
N ARG D 145 -1.11 -27.34 4.10
CA ARG D 145 -1.35 -26.52 2.93
C ARG D 145 -0.70 -27.09 1.68
N ASP D 146 0.20 -28.07 1.84
CA ASP D 146 0.93 -28.68 0.73
C ASP D 146 1.10 -30.15 1.06
N SER D 147 1.66 -30.90 0.11
CA SER D 147 1.81 -32.34 0.31
C SER D 147 2.93 -32.64 1.31
N ALA D 148 2.89 -33.86 1.86
CA ALA D 148 3.92 -34.28 2.80
C ALA D 148 5.29 -34.38 2.13
N GLU D 149 5.32 -34.75 0.85
CA GLU D 149 6.60 -34.88 0.16
C GLU D 149 7.29 -33.51 0.02
N ASN D 150 6.55 -32.50 -0.42
CA ASN D 150 7.12 -31.17 -0.57
C ASN D 150 7.60 -30.62 0.77
N ILE D 151 6.75 -30.73 1.80
CA ILE D 151 7.13 -30.24 3.12
C ILE D 151 8.38 -30.96 3.60
N ALA D 152 8.42 -32.28 3.43
CA ALA D 152 9.58 -33.06 3.84
C ALA D 152 10.85 -32.57 3.15
N TRP D 153 10.79 -32.40 1.83
CA TRP D 153 11.95 -31.93 1.10
C TRP D 153 12.38 -30.54 1.59
N ARG D 154 11.42 -29.66 1.87
CA ARG D 154 11.77 -28.31 2.26
C ARG D 154 12.42 -28.29 3.64
N LEU D 155 11.92 -29.12 4.56
CA LEU D 155 12.53 -29.19 5.89
C LEU D 155 13.93 -29.78 5.81
N ILE D 156 14.09 -30.90 5.13
CA ILE D 156 15.42 -31.50 4.99
C ILE D 156 16.38 -30.52 4.33
N SER D 157 15.89 -29.77 3.33
CA SER D 157 16.72 -28.76 2.70
C SER D 157 17.14 -27.68 3.70
N LEU D 158 16.23 -27.29 4.58
CA LEU D 158 16.60 -26.34 5.63
C LEU D 158 17.71 -26.91 6.52
N VAL D 159 17.61 -28.17 6.89
CA VAL D 159 18.61 -28.78 7.78
C VAL D 159 19.96 -28.83 7.07
N CYS D 160 19.98 -29.36 5.84
CA CYS D 160 21.23 -29.53 5.12
C CYS D 160 21.89 -28.18 4.82
N GLY D 161 21.12 -27.23 4.29
CA GLY D 161 21.69 -25.92 4.01
C GLY D 161 22.17 -25.23 5.28
N LEU D 162 21.31 -25.13 6.28
CA LEU D 162 21.69 -24.47 7.51
C LEU D 162 22.92 -25.11 8.14
N ASP D 163 23.09 -26.43 7.98
CA ASP D 163 24.31 -27.07 8.42
C ASP D 163 25.50 -26.62 7.58
N GLY D 164 25.33 -26.59 6.26
CA GLY D 164 26.38 -26.07 5.41
C GLY D 164 26.85 -24.70 5.85
N ILE D 165 25.97 -23.94 6.51
CA ILE D 165 26.37 -22.66 7.07
C ILE D 165 26.98 -22.80 8.45
N TYR D 166 26.50 -23.77 9.24
CA TYR D 166 27.01 -23.96 10.60
C TYR D 166 28.47 -24.37 10.57
N VAL D 167 28.88 -25.16 9.57
CA VAL D 167 30.26 -25.63 9.50
C VAL D 167 31.21 -24.49 9.13
N LEU D 168 30.71 -23.46 8.45
CA LEU D 168 31.56 -22.33 8.11
C LEU D 168 31.98 -21.53 9.33
N GLY D 169 31.24 -21.63 10.43
CA GLY D 169 31.65 -21.02 11.67
C GLY D 169 31.20 -19.58 11.83
N MET D 170 29.97 -19.27 11.39
CA MET D 170 29.44 -17.94 11.67
C MET D 170 28.76 -17.94 13.03
N PRO D 171 29.04 -16.96 13.89
CA PRO D 171 28.56 -17.05 15.28
C PRO D 171 27.05 -16.93 15.41
N GLU D 172 26.39 -16.19 14.51
CA GLU D 172 24.94 -16.05 14.61
C GLU D 172 24.20 -17.36 14.32
N VAL D 173 24.89 -18.39 13.85
CA VAL D 173 24.30 -19.70 13.58
C VAL D 173 25.03 -20.69 14.48
N ASP D 174 24.49 -20.91 15.68
CA ASP D 174 25.01 -21.89 16.61
C ASP D 174 23.99 -23.00 16.80
N ASP D 175 24.30 -23.95 17.69
CA ASP D 175 23.41 -25.08 17.91
C ASP D 175 22.00 -24.62 18.28
N ALA D 176 21.90 -23.78 19.32
CA ALA D 176 20.60 -23.29 19.75
C ALA D 176 19.86 -22.61 18.61
N ALA D 177 20.55 -21.71 17.90
CA ALA D 177 19.92 -21.02 16.77
C ALA D 177 19.44 -22.02 15.71
N PHE D 178 20.27 -23.01 15.40
CA PHE D 178 19.87 -24.07 14.48
C PHE D 178 18.54 -24.68 14.90
N THR D 179 18.45 -25.14 16.16
CA THR D 179 17.22 -25.70 16.69
C THR D 179 16.06 -24.73 16.48
N ARG D 180 16.24 -23.46 16.86
CA ARG D 180 15.19 -22.48 16.70
C ARG D 180 14.71 -22.42 15.26
N HIS D 181 15.64 -22.35 14.31
CA HIS D 181 15.26 -22.30 12.90
C HIS D 181 14.41 -23.50 12.52
N LEU D 182 14.89 -24.71 12.85
CA LEU D 182 14.14 -25.91 12.48
C LEU D 182 12.71 -25.87 13.05
N GLN D 183 12.59 -25.55 14.33
CA GLN D 183 11.25 -25.45 14.92
C GLN D 183 10.41 -24.40 14.22
N HIS D 184 11.03 -23.31 13.78
CA HIS D 184 10.28 -22.24 13.12
C HIS D 184 9.72 -22.71 11.78
N VAL D 185 10.56 -23.33 10.96
CA VAL D 185 10.08 -23.80 9.66
C VAL D 185 9.02 -24.89 9.84
N ILE D 186 9.17 -25.72 10.88
CA ILE D 186 8.10 -26.67 11.19
C ILE D 186 6.81 -25.93 11.48
N GLN D 187 6.90 -24.88 12.31
CA GLN D 187 5.72 -24.07 12.63
C GLN D 187 5.06 -23.54 11.36
N LEU D 188 5.85 -22.97 10.45
CA LEU D 188 5.28 -22.37 9.25
C LEU D 188 4.66 -23.42 8.33
N GLU D 189 5.28 -24.60 8.24
CA GLU D 189 4.85 -25.58 7.27
C GLU D 189 3.65 -26.40 7.75
N LEU D 190 3.50 -26.57 9.06
CA LEU D 190 2.52 -27.54 9.58
C LEU D 190 1.58 -26.98 10.64
N PHE D 191 1.60 -25.68 10.91
CA PHE D 191 0.75 -25.10 11.94
C PHE D 191 0.17 -23.76 11.47
N SER D 192 -0.33 -23.72 10.24
CA SER D 192 -0.96 -22.51 9.72
C SER D 192 -2.29 -22.26 10.42
N ASN E 5 -31.99 64.43 -13.33
CA ASN E 5 -33.42 64.62 -13.21
C ASN E 5 -34.15 63.27 -13.13
N ARG E 6 -34.95 62.94 -14.15
CA ARG E 6 -36.03 61.96 -14.08
C ARG E 6 -35.74 60.65 -13.34
N GLU E 7 -34.85 59.81 -13.88
CA GLU E 7 -34.55 58.50 -13.28
C GLU E 7 -33.14 58.44 -12.72
N GLU E 8 -32.20 59.17 -13.31
CA GLU E 8 -30.90 59.34 -12.69
C GLU E 8 -30.99 60.05 -11.34
N ARG E 9 -32.14 60.66 -11.04
CA ARG E 9 -32.46 61.02 -9.66
C ARG E 9 -32.10 59.88 -8.74
N ARG E 10 -32.58 58.69 -9.08
CA ARG E 10 -32.33 57.48 -8.32
C ARG E 10 -30.89 56.99 -8.50
N GLU E 11 -30.33 57.18 -9.70
CA GLU E 11 -29.02 56.62 -10.00
C GLU E 11 -27.91 57.31 -9.21
N THR E 12 -27.97 58.63 -9.08
CA THR E 12 -26.96 59.32 -8.28
C THR E 12 -26.98 58.81 -6.84
N ILE E 13 -28.18 58.65 -6.27
CA ILE E 13 -28.29 58.08 -4.94
C ILE E 13 -27.65 56.70 -4.88
N MET E 14 -27.94 55.86 -5.89
CA MET E 14 -27.31 54.54 -5.93
C MET E 14 -25.79 54.65 -5.91
N GLN E 15 -25.24 55.55 -6.73
CA GLN E 15 -23.80 55.77 -6.74
C GLN E 15 -23.28 56.10 -5.35
N ALA E 16 -23.89 57.10 -4.72
CA ALA E 16 -23.49 57.47 -3.37
C ALA E 16 -23.52 56.28 -2.43
N ALA E 17 -24.60 55.50 -2.48
CA ALA E 17 -24.71 54.31 -1.63
C ALA E 17 -23.56 53.35 -1.90
N MET E 18 -23.13 53.24 -3.15
CA MET E 18 -21.98 52.39 -3.46
C MET E 18 -20.73 52.91 -2.77
N ARG E 19 -20.48 54.22 -2.88
CA ARG E 19 -19.32 54.80 -2.18
C ARG E 19 -19.40 54.52 -0.68
N VAL E 20 -20.55 54.77 -0.06
CA VAL E 20 -20.68 54.58 1.38
C VAL E 20 -20.44 53.12 1.73
N ALA E 21 -20.93 52.20 0.90
CA ALA E 21 -20.71 50.79 1.15
C ALA E 21 -19.22 50.47 1.13
N LEU E 22 -18.47 51.06 0.20
CA LEU E 22 -17.04 50.80 0.12
C LEU E 22 -16.26 51.50 1.23
N ASP E 23 -16.79 52.59 1.79
CA ASP E 23 -16.05 53.39 2.76
C ASP E 23 -16.32 52.96 4.20
N GLN E 24 -17.57 52.67 4.54
CA GLN E 24 -17.95 52.34 5.89
C GLN E 24 -18.57 50.95 6.05
N GLY E 25 -18.99 50.32 4.97
CA GLY E 25 -19.65 49.03 5.07
C GLY E 25 -21.14 49.17 5.35
N PHE E 26 -21.77 48.03 5.64
CA PHE E 26 -23.21 48.03 5.88
C PHE E 26 -23.57 48.82 7.13
N THR E 27 -22.73 48.77 8.16
CA THR E 27 -23.03 49.51 9.38
C THR E 27 -23.16 50.99 9.12
N GLY E 28 -22.41 51.52 8.16
CA GLY E 28 -22.40 52.94 7.86
C GLY E 28 -23.36 53.39 6.78
N MET E 29 -24.10 52.46 6.16
CA MET E 29 -25.00 52.84 5.08
C MET E 29 -26.33 53.35 5.61
N THR E 30 -26.28 54.32 6.52
CA THR E 30 -27.49 54.99 6.96
C THR E 30 -27.92 56.02 5.91
N VAL E 31 -29.21 56.37 5.94
CA VAL E 31 -29.74 57.29 4.94
C VAL E 31 -29.09 58.66 5.07
N ARG E 32 -28.67 59.02 6.29
CA ARG E 32 -27.99 60.31 6.47
C ARG E 32 -26.66 60.34 5.72
N ASN E 33 -25.84 59.30 5.89
CA ASN E 33 -24.54 59.28 5.24
C ASN E 33 -24.68 59.17 3.72
N ILE E 34 -25.65 58.38 3.26
CA ILE E 34 -25.88 58.26 1.82
C ILE E 34 -26.33 59.59 1.25
N ALA E 35 -27.32 60.23 1.89
CA ALA E 35 -27.80 61.52 1.43
C ALA E 35 -26.68 62.54 1.41
N THR E 36 -25.81 62.52 2.42
CA THR E 36 -24.66 63.42 2.43
C THR E 36 -23.75 63.15 1.25
N ALA E 37 -23.40 61.88 1.03
CA ALA E 37 -22.53 61.53 -0.09
C ALA E 37 -23.12 61.97 -1.42
N ALA E 38 -24.45 61.91 -1.56
CA ALA E 38 -25.12 62.33 -2.78
C ALA E 38 -25.42 63.83 -2.81
N GLY E 39 -25.25 64.53 -1.69
CA GLY E 39 -25.51 65.95 -1.66
C GLY E 39 -26.96 66.34 -1.64
N VAL E 40 -27.85 65.42 -1.27
CA VAL E 40 -29.28 65.68 -1.22
C VAL E 40 -29.77 65.55 0.22
N ALA E 41 -31.00 65.99 0.45
CA ALA E 41 -31.61 65.85 1.76
C ALA E 41 -32.10 64.42 1.96
N ALA E 42 -32.13 64.00 3.23
CA ALA E 42 -32.53 62.62 3.54
C ALA E 42 -33.90 62.30 2.96
N GLY E 43 -34.83 63.25 3.01
CA GLY E 43 -36.14 63.04 2.45
C GLY E 43 -36.07 62.63 0.98
N GLN E 44 -35.12 63.19 0.24
CA GLN E 44 -34.97 62.83 -1.16
C GLN E 44 -34.55 61.37 -1.31
N VAL E 45 -33.78 60.84 -0.36
CA VAL E 45 -33.39 59.44 -0.44
C VAL E 45 -34.56 58.55 -0.06
N HIS E 46 -35.33 58.94 0.96
CA HIS E 46 -36.51 58.16 1.31
C HIS E 46 -37.57 58.20 0.22
N HIS E 47 -37.59 59.25 -0.60
CA HIS E 47 -38.58 59.39 -1.67
C HIS E 47 -38.27 58.53 -2.89
N HIS E 48 -37.07 57.95 -2.98
CA HIS E 48 -36.69 57.10 -4.10
C HIS E 48 -36.40 55.67 -3.71
N PHE E 49 -36.10 55.40 -2.43
CA PHE E 49 -35.90 54.05 -1.93
C PHE E 49 -36.75 53.93 -0.67
N THR E 50 -37.96 53.38 -0.82
CA THR E 50 -38.88 53.28 0.31
C THR E 50 -38.25 52.55 1.47
N SER E 51 -37.49 51.49 1.19
CA SER E 51 -36.86 50.67 2.22
C SER E 51 -35.34 50.84 2.15
N SER E 52 -34.72 51.05 3.31
CA SER E 52 -33.27 51.12 3.37
C SER E 52 -32.63 49.79 3.01
N GLY E 53 -33.28 48.68 3.37
CA GLY E 53 -32.72 47.37 3.05
C GLY E 53 -32.59 47.14 1.56
N GLU E 54 -33.62 47.52 0.79
CA GLU E 54 -33.55 47.41 -0.66
C GLU E 54 -32.37 48.21 -1.20
N LEU E 55 -32.20 49.44 -0.73
CA LEU E 55 -31.10 50.28 -1.20
C LEU E 55 -29.75 49.63 -0.87
N LYS E 56 -29.60 49.10 0.34
CA LYS E 56 -28.32 48.52 0.74
C LYS E 56 -28.02 47.25 -0.05
N SER E 57 -29.01 46.40 -0.28
CA SER E 57 -28.77 45.16 -1.00
C SER E 57 -28.49 45.42 -2.47
N GLN E 58 -29.32 46.24 -3.11
CA GLN E 58 -29.10 46.57 -4.52
C GLN E 58 -27.76 47.27 -4.71
N ALA E 59 -27.45 48.24 -3.84
CA ALA E 59 -26.17 48.93 -3.92
C ALA E 59 -25.02 47.94 -3.74
N PHE E 60 -25.18 46.98 -2.84
CA PHE E 60 -24.16 45.95 -2.66
C PHE E 60 -23.95 45.16 -3.95
N ILE E 61 -25.04 44.71 -4.57
CA ILE E 61 -24.93 44.01 -5.85
C ILE E 61 -24.13 44.86 -6.84
N ARG E 62 -24.50 46.13 -6.97
CA ARG E 62 -23.77 47.01 -7.89
C ARG E 62 -22.29 47.06 -7.56
N VAL E 63 -21.96 47.20 -6.28
CA VAL E 63 -20.55 47.23 -5.87
C VAL E 63 -19.84 45.97 -6.37
N ILE E 64 -20.47 44.81 -6.22
CA ILE E 64 -19.80 43.57 -6.63
C ILE E 64 -19.65 43.50 -8.14
N ARG E 65 -20.69 43.89 -8.88
CA ARG E 65 -20.56 43.97 -10.34
C ARG E 65 -19.36 44.83 -10.72
N GLU E 66 -19.25 45.99 -10.07
CA GLU E 66 -18.12 46.87 -10.34
C GLU E 66 -16.80 46.17 -10.01
N MET E 67 -16.76 45.40 -8.93
CA MET E 67 -15.57 44.63 -8.62
C MET E 67 -15.23 43.68 -9.76
N MET E 68 -16.25 43.01 -10.33
CA MET E 68 -16.00 42.09 -11.42
C MET E 68 -15.52 42.81 -12.68
N ASP E 69 -15.92 44.08 -12.86
CA ASP E 69 -15.44 44.83 -14.01
C ASP E 69 -14.04 45.39 -13.79
N LEU E 70 -13.66 45.66 -12.53
CA LEU E 70 -12.36 46.25 -12.24
C LEU E 70 -11.23 45.24 -12.35
N GLN E 71 -11.49 43.98 -11.98
CA GLN E 71 -10.45 42.96 -11.99
C GLN E 71 -10.15 42.43 -13.39
N ARG E 72 -11.09 42.57 -14.32
CA ARG E 72 -10.90 42.01 -15.65
C ARG E 72 -9.62 42.54 -16.29
N LEU E 73 -8.94 41.68 -17.03
CA LEU E 73 -7.72 42.03 -17.72
C LEU E 73 -8.01 42.27 -19.21
N SER E 74 -6.95 42.57 -19.96
CA SER E 74 -7.07 42.77 -21.40
C SER E 74 -7.20 41.44 -22.11
N ARG E 75 -7.93 41.46 -23.24
CA ARG E 75 -8.03 40.27 -24.08
C ARG E 75 -6.67 39.73 -24.49
N THR E 76 -5.63 40.58 -24.45
CA THR E 76 -4.30 40.13 -24.82
C THR E 76 -3.68 39.24 -23.74
N ALA E 77 -4.00 39.49 -22.47
CA ALA E 77 -3.38 38.78 -21.37
C ALA E 77 -3.69 37.29 -21.45
N GLY E 78 -2.82 36.48 -20.87
CA GLY E 78 -3.03 35.05 -20.86
C GLY E 78 -4.34 34.68 -20.18
N TRP E 79 -4.90 33.54 -20.59
CA TRP E 79 -6.17 33.10 -20.03
C TRP E 79 -6.01 32.64 -18.58
N ARG E 80 -4.88 32.01 -18.27
CA ARG E 80 -4.58 31.70 -16.88
C ARG E 80 -4.61 32.96 -16.03
N GLU E 81 -3.90 34.00 -16.46
CA GLU E 81 -3.85 35.25 -15.72
C GLU E 81 -5.24 35.87 -15.58
N GLN E 82 -6.09 35.70 -16.60
CA GLN E 82 -7.46 36.21 -16.51
C GLN E 82 -8.25 35.47 -15.44
N LEU E 83 -8.19 34.14 -15.45
CA LEU E 83 -8.93 33.36 -14.46
C LEU E 83 -8.45 33.69 -13.05
N PHE E 84 -7.13 33.73 -12.85
CA PHE E 84 -6.61 34.09 -11.55
C PHE E 84 -7.05 35.50 -11.15
N SER E 85 -7.04 36.44 -12.09
CA SER E 85 -7.51 37.78 -11.77
C SER E 85 -8.98 37.78 -11.39
N ALA E 86 -9.75 36.85 -11.95
CA ALA E 86 -11.17 36.75 -11.63
C ALA E 86 -11.43 36.06 -10.30
N LEU E 87 -10.47 35.29 -9.78
CA LEU E 87 -10.67 34.55 -8.55
C LEU E 87 -9.96 35.11 -7.34
N GLY E 88 -8.70 35.53 -7.47
CA GLY E 88 -7.91 35.93 -6.32
C GLY E 88 -6.98 37.11 -6.53
N SER E 89 -7.38 38.06 -7.37
CA SER E 89 -6.52 39.19 -7.70
C SER E 89 -5.92 39.82 -6.44
N GLU E 90 -4.63 40.14 -6.52
CA GLU E 90 -3.90 40.80 -5.44
C GLU E 90 -3.90 42.32 -5.58
N ASP E 91 -4.71 42.87 -6.46
CA ASP E 91 -4.71 44.31 -6.69
C ASP E 91 -5.23 45.02 -5.44
N GLY E 92 -4.46 46.01 -4.96
CA GLY E 92 -4.78 46.68 -3.71
C GLY E 92 -6.09 47.46 -3.74
N ARG E 93 -6.56 47.84 -4.93
CA ARG E 93 -7.75 48.68 -5.03
C ARG E 93 -9.05 47.91 -4.80
N LEU E 94 -9.00 46.58 -4.71
CA LEU E 94 -10.20 45.78 -4.54
C LEU E 94 -10.51 45.45 -3.08
N GLU E 95 -9.59 45.71 -2.16
CA GLU E 95 -9.82 45.36 -0.77
C GLU E 95 -11.13 45.89 -0.21
N PRO E 96 -11.55 47.14 -0.47
CA PRO E 96 -12.85 47.57 0.05
C PRO E 96 -14.01 46.79 -0.54
N TYR E 97 -13.88 46.31 -1.78
CA TYR E 97 -14.92 45.47 -2.36
C TYR E 97 -14.96 44.12 -1.66
N ILE E 98 -13.79 43.59 -1.28
CA ILE E 98 -13.75 42.31 -0.58
C ILE E 98 -14.38 42.45 0.81
N ARG E 99 -13.92 43.42 1.59
CA ARG E 99 -14.46 43.63 2.93
C ARG E 99 -15.99 43.64 2.90
N LEU E 100 -16.58 44.34 1.94
CA LEU E 100 -18.04 44.36 1.83
C LEU E 100 -18.56 42.96 1.52
N TRP E 101 -18.03 42.32 0.49
CA TRP E 101 -18.51 41.00 0.09
C TRP E 101 -18.52 40.06 1.30
N ARG E 102 -17.36 39.89 1.93
CA ARG E 102 -17.28 39.14 3.18
C ARG E 102 -18.44 39.52 4.10
N GLN E 103 -18.50 40.79 4.45
CA GLN E 103 -19.57 41.29 5.32
C GLN E 103 -20.93 40.75 4.91
N ALA E 104 -21.29 40.92 3.64
CA ALA E 104 -22.60 40.50 3.18
C ALA E 104 -22.86 39.04 3.52
N GLN E 105 -21.90 38.17 3.23
CA GLN E 105 -22.02 36.76 3.57
C GLN E 105 -22.54 36.59 4.99
N LEU E 106 -21.86 37.21 5.96
CA LEU E 106 -22.30 37.10 7.35
C LEU E 106 -23.74 37.57 7.48
N LEU E 107 -24.02 38.80 7.03
CA LEU E 107 -25.37 39.34 7.13
C LEU E 107 -26.38 38.48 6.37
N ALA E 108 -25.93 37.65 5.44
CA ALA E 108 -26.86 36.79 4.71
C ALA E 108 -27.57 35.82 5.65
N ASP E 109 -27.01 35.55 6.83
CA ASP E 109 -27.63 34.61 7.74
C ASP E 109 -28.85 35.19 8.45
N SER E 110 -28.93 36.52 8.59
CA SER E 110 -29.98 37.17 9.35
C SER E 110 -30.80 38.17 8.56
N ASP E 111 -30.52 38.34 7.27
CA ASP E 111 -31.23 39.32 6.44
C ASP E 111 -31.61 38.64 5.13
N PRO E 112 -32.90 38.36 4.90
CA PRO E 112 -33.26 37.64 3.66
C PRO E 112 -32.89 38.39 2.39
N GLU E 113 -33.01 39.72 2.38
CA GLU E 113 -32.68 40.49 1.18
C GLU E 113 -31.19 40.40 0.87
N ILE E 114 -30.34 40.59 1.88
CA ILE E 114 -28.91 40.46 1.66
C ILE E 114 -28.53 39.03 1.32
N LYS E 115 -29.32 38.05 1.78
CA LYS E 115 -29.04 36.66 1.42
C LYS E 115 -29.32 36.43 -0.07
N SER E 116 -30.48 36.88 -0.55
CA SER E 116 -30.77 36.77 -1.98
C SER E 116 -29.72 37.51 -2.80
N ALA E 117 -29.36 38.73 -2.38
CA ALA E 117 -28.35 39.48 -3.11
C ALA E 117 -27.03 38.72 -3.15
N TYR E 118 -26.60 38.20 -2.00
CA TYR E 118 -25.35 37.45 -1.94
C TYR E 118 -25.39 36.24 -2.87
N LEU E 119 -26.50 35.51 -2.85
CA LEU E 119 -26.70 34.41 -3.80
C LEU E 119 -26.49 34.88 -5.23
N LEU E 120 -27.10 36.02 -5.57
CA LEU E 120 -26.98 36.54 -6.94
C LEU E 120 -25.53 36.87 -7.28
N THR E 121 -24.80 37.49 -6.34
CA THR E 121 -23.40 37.79 -6.60
C THR E 121 -22.57 36.53 -6.76
N MET E 122 -22.91 35.46 -6.03
CA MET E 122 -22.24 34.19 -6.25
C MET E 122 -22.51 33.67 -7.65
N ASN E 123 -23.75 33.81 -8.13
CA ASN E 123 -24.05 33.42 -9.50
C ASN E 123 -23.25 34.25 -10.50
N LEU E 124 -23.04 35.54 -10.20
CA LEU E 124 -22.26 36.38 -11.11
C LEU E 124 -20.80 35.94 -11.13
N TRP E 125 -20.18 35.82 -9.96
CA TRP E 125 -18.82 35.32 -9.86
C TRP E 125 -18.67 34.03 -10.66
N HIS E 126 -19.60 33.08 -10.45
CA HIS E 126 -19.58 31.84 -11.21
C HIS E 126 -19.62 32.11 -12.70
N ASP E 127 -20.56 32.96 -13.14
CA ASP E 127 -20.69 33.26 -14.57
C ASP E 127 -19.35 33.73 -15.15
N GLU E 128 -18.72 34.71 -14.50
CA GLU E 128 -17.42 35.19 -14.98
C GLU E 128 -16.41 34.05 -15.07
N ALA E 129 -16.26 33.28 -13.99
CA ALA E 129 -15.29 32.19 -14.00
C ALA E 129 -15.53 31.24 -15.16
N VAL E 130 -16.79 30.87 -15.39
CA VAL E 130 -17.13 29.97 -16.50
C VAL E 130 -16.74 30.60 -17.82
N ARG E 131 -17.06 31.89 -18.00
CA ARG E 131 -16.69 32.58 -19.23
C ARG E 131 -15.19 32.44 -19.49
N ILE E 132 -14.37 32.72 -18.48
CA ILE E 132 -12.92 32.65 -18.68
C ILE E 132 -12.48 31.23 -18.98
N ILE E 133 -13.06 30.25 -18.28
CA ILE E 133 -12.68 28.85 -18.51
C ILE E 133 -12.98 28.46 -19.96
N ARG E 134 -14.18 28.79 -20.44
CA ARG E 134 -14.52 28.48 -21.82
C ARG E 134 -13.60 29.17 -22.79
N ALA E 135 -13.26 30.44 -22.53
CA ALA E 135 -12.37 31.18 -23.42
C ALA E 135 -11.00 30.52 -23.49
N GLY E 136 -10.44 30.16 -22.33
CA GLY E 136 -9.14 29.52 -22.31
C GLY E 136 -9.17 28.12 -22.89
N HIS E 137 -10.33 27.47 -22.86
CA HIS E 137 -10.46 26.15 -23.46
C HIS E 137 -10.51 26.24 -24.98
N ALA E 138 -11.31 27.17 -25.50
CA ALA E 138 -11.41 27.33 -26.96
C ALA E 138 -10.06 27.70 -27.55
N ALA E 139 -9.30 28.56 -26.87
CA ALA E 139 -7.98 28.95 -27.36
C ALA E 139 -6.97 27.81 -27.26
N GLY E 140 -7.28 26.78 -26.48
CA GLY E 140 -6.39 25.65 -26.33
C GLY E 140 -5.41 25.75 -25.18
N GLU E 141 -5.56 26.73 -24.30
CA GLU E 141 -4.63 26.85 -23.18
C GLU E 141 -5.05 25.96 -22.02
N PHE E 142 -6.35 25.85 -21.78
CA PHE E 142 -6.86 25.05 -20.67
C PHE E 142 -7.21 23.64 -21.15
N THR E 143 -7.07 22.68 -20.22
CA THR E 143 -7.40 21.28 -20.46
C THR E 143 -8.49 20.88 -19.48
N LEU E 144 -9.66 20.51 -20.00
CA LEU E 144 -10.84 20.25 -19.19
C LEU E 144 -11.03 18.74 -19.01
N ARG E 145 -11.03 18.31 -17.75
CA ARG E 145 -11.44 16.95 -17.40
C ARG E 145 -12.88 16.91 -16.88
N ASP E 146 -13.55 18.06 -16.83
CA ASP E 146 -14.91 18.15 -16.32
C ASP E 146 -15.56 19.36 -16.98
N SER E 147 -16.84 19.58 -16.68
CA SER E 147 -17.55 20.72 -17.23
C SER E 147 -17.05 22.02 -16.63
N ALA E 148 -17.13 23.10 -17.41
CA ALA E 148 -16.65 24.40 -16.95
C ALA E 148 -17.43 24.86 -15.72
N GLU E 149 -18.72 24.53 -15.64
CA GLU E 149 -19.52 24.93 -14.49
C GLU E 149 -18.97 24.31 -13.21
N ASN E 150 -18.71 23.00 -13.24
CA ASN E 150 -18.19 22.32 -12.06
C ASN E 150 -16.85 22.90 -11.64
N ILE E 151 -15.92 23.03 -12.58
CA ILE E 151 -14.61 23.60 -12.26
C ILE E 151 -14.78 24.98 -11.63
N ALA E 152 -15.64 25.80 -12.22
CA ALA E 152 -15.90 27.13 -11.66
C ALA E 152 -16.34 27.04 -10.21
N TRP E 153 -17.29 26.14 -9.91
CA TRP E 153 -17.78 26.03 -8.54
C TRP E 153 -16.69 25.55 -7.59
N ARG E 154 -15.81 24.67 -8.07
CA ARG E 154 -14.74 24.18 -7.20
C ARG E 154 -13.70 25.28 -6.93
N LEU E 155 -13.39 26.10 -7.93
CA LEU E 155 -12.43 27.19 -7.73
C LEU E 155 -13.01 28.26 -6.81
N ILE E 156 -14.22 28.73 -7.11
CA ILE E 156 -14.87 29.69 -6.22
C ILE E 156 -14.95 29.14 -4.80
N SER E 157 -15.27 27.85 -4.67
CA SER E 157 -15.33 27.23 -3.35
C SER E 157 -13.96 27.32 -2.66
N LEU E 158 -12.90 26.96 -3.38
CA LEU E 158 -11.56 27.09 -2.83
C LEU E 158 -11.33 28.49 -2.29
N VAL E 159 -11.66 29.51 -3.09
CA VAL E 159 -11.45 30.89 -2.66
C VAL E 159 -12.23 31.18 -1.38
N CYS E 160 -13.52 30.86 -1.38
CA CYS E 160 -14.35 31.15 -0.21
C CYS E 160 -13.79 30.50 1.04
N GLY E 161 -13.52 29.20 0.99
CA GLY E 161 -12.98 28.50 2.14
C GLY E 161 -11.67 29.08 2.64
N LEU E 162 -10.69 29.19 1.73
CA LEU E 162 -9.40 29.73 2.11
C LEU E 162 -9.54 31.12 2.73
N ASP E 163 -10.50 31.90 2.23
CA ASP E 163 -10.75 33.21 2.86
C ASP E 163 -11.29 33.03 4.27
N GLY E 164 -12.19 32.07 4.46
CA GLY E 164 -12.71 31.80 5.78
C GLY E 164 -11.64 31.40 6.77
N ILE E 165 -10.54 30.82 6.29
CA ILE E 165 -9.43 30.48 7.17
C ILE E 165 -8.39 31.60 7.25
N TYR E 166 -8.33 32.47 6.24
CA TYR E 166 -7.38 33.57 6.22
C TYR E 166 -7.74 34.62 7.27
N VAL E 167 -9.03 34.90 7.44
CA VAL E 167 -9.46 35.92 8.39
C VAL E 167 -9.22 35.49 9.83
N LEU E 168 -8.99 34.20 10.09
CA LEU E 168 -8.76 33.73 11.44
C LEU E 168 -7.36 34.03 11.95
N GLY E 169 -6.52 34.67 11.15
CA GLY E 169 -5.19 35.05 11.60
C GLY E 169 -4.15 33.96 11.50
N MET E 170 -4.41 32.90 10.75
CA MET E 170 -3.42 31.84 10.59
C MET E 170 -2.22 32.37 9.82
N PRO E 171 -1.02 32.40 10.40
CA PRO E 171 0.13 32.86 9.62
C PRO E 171 0.47 31.94 8.46
N GLU E 172 0.31 30.62 8.61
CA GLU E 172 0.56 29.72 7.50
C GLU E 172 -0.51 29.80 6.43
N VAL E 173 -1.60 30.51 6.67
CA VAL E 173 -2.57 30.86 5.64
C VAL E 173 -2.61 32.38 5.60
N ASP E 174 -1.75 32.97 4.78
CA ASP E 174 -1.64 34.40 4.61
C ASP E 174 -1.82 34.74 3.13
N ASP E 175 -1.57 36.00 2.77
CA ASP E 175 -1.71 36.41 1.38
C ASP E 175 -0.97 35.46 0.45
N ALA E 176 0.34 35.31 0.66
CA ALA E 176 1.17 34.50 -0.23
C ALA E 176 0.64 33.07 -0.30
N ALA E 177 0.33 32.47 0.85
CA ALA E 177 -0.19 31.10 0.85
C ALA E 177 -1.50 31.02 0.08
N PHE E 178 -2.39 31.98 0.29
CA PHE E 178 -3.63 32.04 -0.47
C PHE E 178 -3.34 31.97 -1.97
N THR E 179 -2.49 32.88 -2.45
CA THR E 179 -2.15 32.89 -3.87
C THR E 179 -1.60 31.54 -4.31
N ARG E 180 -0.64 30.99 -3.56
CA ARG E 180 -0.06 29.70 -3.90
C ARG E 180 -1.15 28.64 -4.10
N HIS E 181 -1.99 28.45 -3.09
CA HIS E 181 -3.06 27.45 -3.19
C HIS E 181 -3.91 27.69 -4.43
N LEU E 182 -4.34 28.94 -4.65
CA LEU E 182 -5.22 29.22 -5.77
C LEU E 182 -4.57 28.83 -7.09
N GLN E 183 -3.31 29.26 -7.30
CA GLN E 183 -2.60 28.87 -8.51
C GLN E 183 -2.49 27.36 -8.62
N HIS E 184 -2.29 26.67 -7.49
CA HIS E 184 -2.16 25.22 -7.52
C HIS E 184 -3.45 24.57 -8.03
N VAL E 185 -4.59 24.92 -7.44
CA VAL E 185 -5.84 24.30 -7.85
C VAL E 185 -6.15 24.64 -9.30
N ILE E 186 -5.80 25.85 -9.73
CA ILE E 186 -5.93 26.18 -11.16
C ILE E 186 -5.10 25.20 -11.99
N GLN E 187 -3.86 24.97 -11.59
CA GLN E 187 -3.00 24.05 -12.31
C GLN E 187 -3.60 22.65 -12.39
N LEU E 188 -4.15 22.16 -11.28
CA LEU E 188 -4.71 20.82 -11.27
C LEU E 188 -5.96 20.73 -12.14
N GLU E 189 -6.84 21.73 -12.06
CA GLU E 189 -8.11 21.66 -12.76
C GLU E 189 -7.95 21.85 -14.26
N LEU E 190 -6.96 22.65 -14.70
CA LEU E 190 -6.91 23.09 -16.09
C LEU E 190 -5.60 22.75 -16.80
N PHE E 191 -4.64 22.13 -16.14
CA PHE E 191 -3.34 21.85 -16.75
C PHE E 191 -2.85 20.46 -16.39
N SER E 192 -3.73 19.47 -16.50
CA SER E 192 -3.36 18.09 -16.21
C SER E 192 -2.32 17.58 -17.20
N GLY F 2 -27.04 11.22 42.81
CA GLY F 2 -26.33 11.49 44.05
C GLY F 2 -25.50 12.76 43.98
N TYR F 3 -24.49 12.85 44.84
CA TYR F 3 -23.60 14.01 44.91
C TYR F 3 -22.16 13.49 44.88
N LEU F 4 -21.60 13.41 43.68
CA LEU F 4 -20.31 12.79 43.45
C LEU F 4 -19.20 13.86 43.46
N ASN F 5 -18.01 13.48 42.99
CA ASN F 5 -16.82 14.30 43.10
C ASN F 5 -16.77 15.35 41.99
N ARG F 6 -15.63 16.03 41.89
CA ARG F 6 -15.48 17.15 40.97
C ARG F 6 -15.48 16.69 39.51
N GLU F 7 -14.56 15.80 39.15
CA GLU F 7 -14.32 15.49 37.74
C GLU F 7 -15.54 14.83 37.10
N GLU F 8 -16.08 13.79 37.74
CA GLU F 8 -17.23 13.10 37.17
C GLU F 8 -18.41 14.05 36.98
N ARG F 9 -18.65 14.92 37.96
CA ARG F 9 -19.70 15.92 37.82
C ARG F 9 -19.39 16.89 36.68
N ARG F 10 -18.11 17.18 36.45
CA ARG F 10 -17.73 17.97 35.29
C ARG F 10 -18.10 17.26 34.01
N GLU F 11 -17.95 15.93 33.98
CA GLU F 11 -18.35 15.20 32.79
C GLU F 11 -19.86 15.23 32.61
N THR F 12 -20.63 15.15 33.69
CA THR F 12 -22.08 15.22 33.56
C THR F 12 -22.52 16.58 33.04
N ILE F 13 -21.98 17.66 33.62
CA ILE F 13 -22.36 19.00 33.20
C ILE F 13 -21.92 19.25 31.76
N MET F 14 -20.71 18.82 31.42
CA MET F 14 -20.22 18.99 30.06
C MET F 14 -21.06 18.23 29.06
N GLN F 15 -21.51 17.02 29.42
CA GLN F 15 -22.40 16.26 28.55
C GLN F 15 -23.72 17.00 28.38
N ALA F 16 -24.26 17.55 29.46
CA ALA F 16 -25.47 18.37 29.36
C ALA F 16 -25.26 19.51 28.38
N ALA F 17 -24.17 20.27 28.55
CA ALA F 17 -23.88 21.37 27.65
C ALA F 17 -23.77 20.90 26.20
N MET F 18 -23.20 19.72 25.98
CA MET F 18 -23.08 19.18 24.63
C MET F 18 -24.45 18.89 24.03
N ARG F 19 -25.33 18.27 24.81
CA ARG F 19 -26.67 17.97 24.30
C ARG F 19 -27.44 19.24 24.00
N VAL F 20 -27.36 20.24 24.89
CA VAL F 20 -28.03 21.51 24.63
C VAL F 20 -27.45 22.19 23.40
N ALA F 21 -26.14 22.08 23.21
CA ALA F 21 -25.52 22.66 22.02
C ALA F 21 -26.04 22.00 20.75
N LEU F 22 -26.14 20.66 20.75
CA LEU F 22 -26.61 19.95 19.55
C LEU F 22 -28.11 20.08 19.35
N ASP F 23 -28.87 20.44 20.39
CA ASP F 23 -30.32 20.52 20.30
C ASP F 23 -30.83 21.92 19.99
N GLN F 24 -30.21 22.95 20.57
CA GLN F 24 -30.68 24.32 20.44
C GLN F 24 -29.64 25.26 19.87
N GLY F 25 -28.39 24.84 19.74
CA GLY F 25 -27.34 25.73 19.27
C GLY F 25 -26.84 26.62 20.39
N PHE F 26 -25.98 27.57 19.99
CA PHE F 26 -25.35 28.46 20.96
C PHE F 26 -26.40 29.31 21.69
N THR F 27 -27.48 29.69 21.01
CA THR F 27 -28.48 30.55 21.63
C THR F 27 -29.00 29.95 22.93
N GLY F 28 -29.27 28.65 22.94
CA GLY F 28 -29.85 27.98 24.08
C GLY F 28 -28.85 27.48 25.10
N MET F 29 -27.55 27.73 24.91
CA MET F 29 -26.54 27.28 25.85
C MET F 29 -26.39 28.25 27.01
N THR F 30 -27.49 28.58 27.66
CA THR F 30 -27.46 29.42 28.85
C THR F 30 -27.28 28.55 30.10
N VAL F 31 -26.65 29.13 31.12
CA VAL F 31 -26.55 28.44 32.40
C VAL F 31 -27.93 28.05 32.89
N ARG F 32 -28.92 28.90 32.64
CA ARG F 32 -30.29 28.63 33.08
C ARG F 32 -30.81 27.31 32.53
N ASN F 33 -30.52 27.02 31.27
CA ASN F 33 -31.04 25.80 30.64
C ASN F 33 -30.10 24.60 30.80
N ILE F 34 -28.79 24.82 30.81
CA ILE F 34 -27.87 23.71 30.99
C ILE F 34 -27.99 23.15 32.41
N ALA F 35 -28.13 24.03 33.40
CA ALA F 35 -28.38 23.55 34.76
C ALA F 35 -29.59 22.64 34.80
N THR F 36 -30.65 23.01 34.07
CA THR F 36 -31.84 22.17 34.00
C THR F 36 -31.53 20.84 33.32
N ALA F 37 -30.81 20.89 32.20
CA ALA F 37 -30.54 19.68 31.42
C ALA F 37 -29.65 18.70 32.19
N ALA F 38 -28.83 19.20 33.12
CA ALA F 38 -28.00 18.33 33.94
C ALA F 38 -28.69 17.88 35.21
N GLY F 39 -29.85 18.46 35.54
CA GLY F 39 -30.55 18.09 36.76
C GLY F 39 -29.95 18.67 38.01
N VAL F 40 -29.32 19.84 37.92
CA VAL F 40 -28.67 20.49 39.04
C VAL F 40 -29.07 21.95 39.07
N ALA F 41 -28.62 22.66 40.10
CA ALA F 41 -28.91 24.08 40.24
C ALA F 41 -27.96 24.91 39.39
N ALA F 42 -28.36 26.16 39.12
CA ALA F 42 -27.53 27.05 38.33
C ALA F 42 -26.17 27.26 38.96
N GLY F 43 -26.10 27.27 40.30
CA GLY F 43 -24.83 27.38 40.98
C GLY F 43 -23.95 26.15 40.90
N GLN F 44 -24.50 25.04 40.41
CA GLN F 44 -23.71 23.80 40.30
C GLN F 44 -22.69 23.91 39.17
N VAL F 45 -23.09 24.49 38.03
CA VAL F 45 -22.18 24.57 36.90
C VAL F 45 -21.05 25.55 37.16
N HIS F 46 -21.21 26.46 38.13
CA HIS F 46 -20.19 27.44 38.42
C HIS F 46 -19.10 26.93 39.36
N HIS F 47 -19.24 25.71 39.90
CA HIS F 47 -18.08 25.03 40.48
C HIS F 47 -17.01 24.78 39.44
N HIS F 48 -17.38 24.79 38.17
CA HIS F 48 -16.62 24.13 37.12
C HIS F 48 -16.30 25.09 35.97
N PHE F 49 -17.19 26.07 35.75
CA PHE F 49 -17.06 26.98 34.63
C PHE F 49 -17.37 28.38 35.12
N THR F 50 -16.33 29.22 35.25
CA THR F 50 -16.51 30.55 35.82
C THR F 50 -17.53 31.35 35.02
N SER F 51 -17.30 31.50 33.72
CA SER F 51 -18.16 32.30 32.86
C SER F 51 -18.96 31.38 31.93
N SER F 52 -20.03 31.95 31.36
CA SER F 52 -20.83 31.21 30.39
C SER F 52 -20.04 31.00 29.10
N GLY F 53 -19.25 31.99 28.68
CA GLY F 53 -18.48 31.86 27.46
C GLY F 53 -17.53 30.67 27.51
N GLU F 54 -16.92 30.43 28.67
CA GLU F 54 -16.05 29.27 28.84
C GLU F 54 -16.81 27.99 28.54
N LEU F 55 -17.99 27.83 29.14
CA LEU F 55 -18.78 26.62 28.93
C LEU F 55 -19.20 26.47 27.48
N LYS F 56 -19.71 27.55 26.88
CA LYS F 56 -20.10 27.50 25.47
C LYS F 56 -18.93 27.05 24.60
N SER F 57 -17.77 27.67 24.79
CA SER F 57 -16.62 27.37 23.95
C SER F 57 -16.17 25.93 24.13
N GLN F 58 -15.83 25.54 25.36
CA GLN F 58 -15.28 24.20 25.59
C GLN F 58 -16.29 23.12 25.19
N ALA F 59 -17.57 23.35 25.47
CA ALA F 59 -18.59 22.40 25.07
C ALA F 59 -18.63 22.24 23.55
N PHE F 60 -18.59 23.37 22.83
CA PHE F 60 -18.48 23.31 21.37
C PHE F 60 -17.29 22.46 20.94
N ILE F 61 -16.12 22.74 21.52
CA ILE F 61 -14.92 21.96 21.17
C ILE F 61 -15.19 20.48 21.33
N ARG F 62 -15.75 20.07 22.46
CA ARG F 62 -15.96 18.64 22.70
C ARG F 62 -16.97 18.07 21.72
N VAL F 63 -18.00 18.86 21.36
CA VAL F 63 -18.96 18.40 20.38
C VAL F 63 -18.27 18.10 19.06
N ILE F 64 -17.33 18.97 18.65
CA ILE F 64 -16.63 18.74 17.39
C ILE F 64 -15.70 17.54 17.49
N ARG F 65 -14.95 17.44 18.59
CA ARG F 65 -14.11 16.26 18.81
C ARG F 65 -14.93 14.98 18.66
N GLU F 66 -16.12 14.98 19.26
CA GLU F 66 -16.99 13.82 19.16
C GLU F 66 -17.40 13.59 17.71
N MET F 67 -17.78 14.64 17.00
CA MET F 67 -18.10 14.52 15.59
C MET F 67 -16.97 13.81 14.85
N MET F 68 -15.72 14.16 15.15
CA MET F 68 -14.59 13.53 14.50
C MET F 68 -14.43 12.08 14.92
N ASP F 69 -14.80 11.74 16.15
CA ASP F 69 -14.79 10.33 16.55
C ASP F 69 -15.88 9.54 15.81
N LEU F 70 -17.01 10.18 15.52
CA LEU F 70 -18.09 9.49 14.82
C LEU F 70 -17.74 9.27 13.34
N GLN F 71 -17.15 10.29 12.70
CA GLN F 71 -16.85 10.17 11.27
C GLN F 71 -15.61 9.33 11.00
N ARG F 72 -14.77 9.08 12.00
CA ARG F 72 -13.55 8.33 11.78
C ARG F 72 -13.86 6.87 11.45
N LEU F 73 -13.15 6.33 10.47
CA LEU F 73 -13.30 4.95 10.04
C LEU F 73 -12.13 4.11 10.52
N SER F 74 -12.25 2.80 10.33
CA SER F 74 -11.23 1.85 10.75
C SER F 74 -10.04 1.89 9.79
N ARG F 75 -8.86 1.59 10.34
CA ARG F 75 -7.66 1.47 9.51
C ARG F 75 -7.83 0.41 8.42
N THR F 76 -8.75 -0.54 8.62
CA THR F 76 -8.97 -1.58 7.62
C THR F 76 -9.56 -1.02 6.34
N ALA F 77 -10.34 0.06 6.44
CA ALA F 77 -10.93 0.66 5.25
C ALA F 77 -9.86 1.41 4.46
N GLY F 78 -10.15 1.59 3.16
CA GLY F 78 -9.24 2.33 2.31
C GLY F 78 -8.97 3.73 2.85
N TRP F 79 -7.73 4.19 2.66
CA TRP F 79 -7.36 5.51 3.14
C TRP F 79 -8.13 6.60 2.41
N ARG F 80 -8.39 6.41 1.12
CA ARG F 80 -9.25 7.33 0.39
C ARG F 80 -10.60 7.49 1.07
N GLU F 81 -11.24 6.37 1.39
CA GLU F 81 -12.54 6.41 2.05
C GLU F 81 -12.45 7.03 3.44
N GLN F 82 -11.36 6.74 4.16
CA GLN F 82 -11.15 7.37 5.46
C GLN F 82 -11.13 8.88 5.34
N LEU F 83 -10.33 9.40 4.41
CA LEU F 83 -10.23 10.84 4.21
C LEU F 83 -11.59 11.43 3.85
N PHE F 84 -12.27 10.82 2.87
CA PHE F 84 -13.59 11.31 2.49
C PHE F 84 -14.52 11.37 3.69
N SER F 85 -14.51 10.34 4.53
CA SER F 85 -15.35 10.37 5.73
C SER F 85 -14.95 11.50 6.64
N ALA F 86 -13.64 11.77 6.76
CA ALA F 86 -13.16 12.85 7.61
C ALA F 86 -13.44 14.22 7.03
N LEU F 87 -13.91 14.32 5.79
CA LEU F 87 -14.14 15.62 5.16
C LEU F 87 -15.60 15.91 4.85
N GLY F 88 -16.31 14.99 4.21
CA GLY F 88 -17.63 15.31 3.65
C GLY F 88 -18.73 14.29 3.81
N SER F 89 -18.78 13.56 4.93
CA SER F 89 -19.82 12.57 5.12
C SER F 89 -21.20 13.21 5.03
N GLU F 90 -22.09 12.56 4.28
CA GLU F 90 -23.47 13.03 4.12
C GLU F 90 -24.44 12.41 5.12
N ASP F 91 -23.94 11.77 6.17
CA ASP F 91 -24.81 11.13 7.14
C ASP F 91 -25.65 12.18 7.86
N GLY F 92 -26.97 11.96 7.86
CA GLY F 92 -27.86 12.90 8.53
C GLY F 92 -27.56 13.05 10.01
N ARG F 93 -27.03 12.01 10.64
CA ARG F 93 -26.72 12.07 12.07
C ARG F 93 -25.73 13.17 12.38
N LEU F 94 -24.91 13.59 11.41
CA LEU F 94 -23.94 14.66 11.62
C LEU F 94 -24.55 16.05 11.48
N GLU F 95 -25.75 16.16 10.90
CA GLU F 95 -26.36 17.48 10.69
C GLU F 95 -26.37 18.35 11.94
N PRO F 96 -26.82 17.89 13.11
CA PRO F 96 -26.81 18.79 14.28
C PRO F 96 -25.42 19.25 14.67
N TYR F 97 -24.40 18.43 14.45
CA TYR F 97 -23.03 18.89 14.64
C TYR F 97 -22.68 19.99 13.65
N ILE F 98 -22.91 19.72 12.36
CA ILE F 98 -22.62 20.69 11.30
C ILE F 98 -23.31 22.01 11.61
N ARG F 99 -24.64 21.96 11.82
CA ARG F 99 -25.38 23.17 12.16
C ARG F 99 -24.68 23.97 13.25
N LEU F 100 -24.15 23.28 14.26
CA LEU F 100 -23.42 23.98 15.32
C LEU F 100 -22.15 24.61 14.76
N TRP F 101 -21.31 23.80 14.10
CA TRP F 101 -20.08 24.32 13.51
C TRP F 101 -20.36 25.55 12.65
N ARG F 102 -21.30 25.42 11.71
CA ARG F 102 -21.71 26.56 10.91
C ARG F 102 -21.96 27.78 11.79
N GLN F 103 -22.86 27.61 12.78
CA GLN F 103 -23.19 28.72 13.66
C GLN F 103 -21.93 29.32 14.26
N ALA F 104 -21.03 28.46 14.75
CA ALA F 104 -19.78 28.93 15.33
C ALA F 104 -19.08 29.89 14.38
N GLN F 105 -18.91 29.48 13.11
CA GLN F 105 -18.19 30.31 12.15
C GLN F 105 -18.75 31.72 12.11
N LEU F 106 -20.06 31.87 12.27
CA LEU F 106 -20.64 33.22 12.25
C LEU F 106 -20.35 33.96 13.56
N LEU F 107 -20.57 33.30 14.69
CA LEU F 107 -20.38 33.96 15.98
C LEU F 107 -18.93 34.36 16.22
N ALA F 108 -17.98 33.85 15.44
CA ALA F 108 -16.60 34.28 15.56
C ALA F 108 -16.41 35.72 15.12
N ASP F 109 -17.34 36.26 14.32
CA ASP F 109 -17.19 37.63 13.86
C ASP F 109 -17.48 38.65 14.96
N SER F 110 -18.15 38.23 16.04
CA SER F 110 -18.56 39.15 17.09
C SER F 110 -18.23 38.67 18.50
N ASP F 111 -17.71 37.46 18.66
CA ASP F 111 -17.41 36.90 19.98
C ASP F 111 -15.99 36.36 19.96
N PRO F 112 -15.01 37.07 20.54
CA PRO F 112 -13.62 36.57 20.49
C PRO F 112 -13.45 35.15 21.01
N GLU F 113 -14.20 34.78 22.05
CA GLU F 113 -14.07 33.46 22.64
C GLU F 113 -14.48 32.38 21.64
N ILE F 114 -15.67 32.54 21.04
CA ILE F 114 -16.13 31.59 20.02
C ILE F 114 -15.16 31.56 18.86
N LYS F 115 -14.48 32.67 18.57
CA LYS F 115 -13.47 32.66 17.51
C LYS F 115 -12.28 31.80 17.90
N SER F 116 -11.80 31.92 19.15
CA SER F 116 -10.76 31.02 19.63
C SER F 116 -11.17 29.57 19.44
N ALA F 117 -12.36 29.20 19.94
CA ALA F 117 -12.80 27.83 19.81
C ALA F 117 -12.89 27.39 18.35
N TYR F 118 -13.41 28.25 17.49
CA TYR F 118 -13.60 27.89 16.09
C TYR F 118 -12.26 27.64 15.41
N LEU F 119 -11.30 28.55 15.61
CA LEU F 119 -9.97 28.33 15.08
C LEU F 119 -9.39 27.01 15.58
N LEU F 120 -9.57 26.73 16.88
CA LEU F 120 -9.05 25.48 17.43
C LEU F 120 -9.65 24.27 16.72
N THR F 121 -10.97 24.28 16.48
CA THR F 121 -11.59 23.14 15.81
C THR F 121 -11.14 23.03 14.36
N MET F 122 -10.88 24.16 13.70
CA MET F 122 -10.33 24.09 12.35
C MET F 122 -8.96 23.43 12.35
N ASN F 123 -8.13 23.75 13.35
CA ASN F 123 -6.83 23.10 13.44
C ASN F 123 -6.95 21.62 13.80
N LEU F 124 -7.96 21.24 14.58
CA LEU F 124 -8.19 19.81 14.83
C LEU F 124 -8.57 19.09 13.55
N TRP F 125 -9.57 19.61 12.84
CA TRP F 125 -9.96 19.05 11.55
C TRP F 125 -8.75 18.90 10.63
N HIS F 126 -7.96 19.96 10.51
CA HIS F 126 -6.75 19.92 9.70
C HIS F 126 -5.82 18.81 10.18
N ASP F 127 -5.66 18.67 11.49
CA ASP F 127 -4.77 17.63 12.02
C ASP F 127 -5.27 16.24 11.63
N GLU F 128 -6.59 16.02 11.64
CA GLU F 128 -7.13 14.74 11.20
C GLU F 128 -6.81 14.50 9.74
N ALA F 129 -7.16 15.46 8.88
CA ALA F 129 -6.87 15.31 7.45
C ALA F 129 -5.40 15.01 7.19
N VAL F 130 -4.50 15.68 7.91
CA VAL F 130 -3.08 15.46 7.73
C VAL F 130 -2.68 14.07 8.20
N ARG F 131 -3.26 13.61 9.31
CA ARG F 131 -2.96 12.25 9.76
C ARG F 131 -3.34 11.23 8.69
N ILE F 132 -4.54 11.37 8.13
CA ILE F 132 -4.99 10.41 7.12
C ILE F 132 -4.14 10.51 5.86
N ILE F 133 -3.72 11.72 5.48
CA ILE F 133 -2.93 11.88 4.27
C ILE F 133 -1.54 11.30 4.45
N ARG F 134 -0.93 11.50 5.63
CA ARG F 134 0.37 10.91 5.90
C ARG F 134 0.27 9.39 5.95
N ALA F 135 -0.78 8.86 6.57
CA ALA F 135 -0.93 7.41 6.67
C ALA F 135 -1.13 6.79 5.29
N GLY F 136 -2.02 7.37 4.48
CA GLY F 136 -2.24 6.86 3.15
C GLY F 136 -1.04 7.03 2.24
N HIS F 137 -0.28 8.11 2.44
CA HIS F 137 0.95 8.31 1.68
C HIS F 137 2.00 7.28 2.08
N ALA F 138 2.01 6.89 3.36
CA ALA F 138 2.93 5.86 3.82
C ALA F 138 2.52 4.49 3.31
N ALA F 139 1.22 4.24 3.18
CA ALA F 139 0.73 2.95 2.71
C ALA F 139 0.94 2.76 1.22
N GLY F 140 1.26 3.81 0.48
CA GLY F 140 1.44 3.71 -0.96
C GLY F 140 0.17 3.89 -1.76
N GLU F 141 -0.93 4.28 -1.14
CA GLU F 141 -2.18 4.57 -1.86
C GLU F 141 -2.22 5.98 -2.40
N PHE F 142 -1.76 6.96 -1.62
CA PHE F 142 -1.77 8.36 -2.05
C PHE F 142 -0.44 8.73 -2.69
N THR F 143 -0.52 9.63 -3.66
CA THR F 143 0.64 10.23 -4.31
C THR F 143 0.65 11.72 -3.97
N LEU F 144 1.70 12.17 -3.30
CA LEU F 144 1.79 13.53 -2.79
C LEU F 144 2.76 14.35 -3.64
N ARG F 145 2.21 15.32 -4.38
CA ARG F 145 3.01 16.31 -5.08
C ARG F 145 3.22 17.57 -4.25
N ASP F 146 2.73 17.59 -3.02
CA ASP F 146 2.88 18.72 -2.11
C ASP F 146 2.85 18.17 -0.69
N SER F 147 3.09 19.04 0.28
CA SER F 147 3.01 18.63 1.67
C SER F 147 1.60 18.18 2.01
N ALA F 148 1.49 17.25 2.96
CA ALA F 148 0.17 16.82 3.43
C ALA F 148 -0.59 17.98 4.04
N GLU F 149 0.10 18.94 4.64
CA GLU F 149 -0.57 20.06 5.28
C GLU F 149 -1.26 20.95 4.26
N ASN F 150 -0.55 21.35 3.21
CA ASN F 150 -1.15 22.16 2.16
C ASN F 150 -2.36 21.44 1.56
N ILE F 151 -2.18 20.16 1.22
CA ILE F 151 -3.29 19.37 0.69
C ILE F 151 -4.49 19.44 1.64
N ALA F 152 -4.23 19.26 2.93
CA ALA F 152 -5.31 19.31 3.91
C ALA F 152 -6.02 20.66 3.88
N TRP F 153 -5.26 21.76 3.87
CA TRP F 153 -5.87 23.08 3.86
C TRP F 153 -6.72 23.29 2.60
N ARG F 154 -6.25 22.80 1.45
CA ARG F 154 -7.01 22.97 0.22
C ARG F 154 -8.30 22.16 0.24
N LEU F 155 -8.24 20.91 0.72
CA LEU F 155 -9.45 20.11 0.81
C LEU F 155 -10.46 20.73 1.77
N ILE F 156 -10.02 21.06 2.99
CA ILE F 156 -10.93 21.68 3.95
C ILE F 156 -11.52 22.96 3.37
N SER F 157 -10.68 23.78 2.74
CA SER F 157 -11.18 25.00 2.10
C SER F 157 -12.30 24.66 1.11
N LEU F 158 -12.08 23.64 0.28
CA LEU F 158 -13.11 23.23 -0.67
C LEU F 158 -14.41 22.90 0.05
N VAL F 159 -14.33 22.07 1.09
CA VAL F 159 -15.55 21.67 1.82
C VAL F 159 -16.26 22.90 2.38
N CYS F 160 -15.51 23.81 2.97
CA CYS F 160 -16.11 25.01 3.58
C CYS F 160 -16.80 25.87 2.53
N GLY F 161 -16.11 26.17 1.43
CA GLY F 161 -16.72 27.00 0.39
C GLY F 161 -17.96 26.36 -0.20
N LEU F 162 -17.84 25.09 -0.58
CA LEU F 162 -19.00 24.37 -1.13
C LEU F 162 -20.16 24.37 -0.15
N ASP F 163 -19.87 24.27 1.15
CA ASP F 163 -20.93 24.35 2.15
C ASP F 163 -21.57 25.73 2.14
N GLY F 164 -20.74 26.79 2.08
CA GLY F 164 -21.27 28.13 2.04
C GLY F 164 -22.21 28.34 0.86
N ILE F 165 -21.90 27.71 -0.27
CA ILE F 165 -22.78 27.82 -1.44
C ILE F 165 -23.99 26.90 -1.28
N TYR F 166 -23.84 25.79 -0.56
CA TYR F 166 -24.93 24.83 -0.40
C TYR F 166 -26.04 25.39 0.47
N VAL F 167 -25.67 26.09 1.55
CA VAL F 167 -26.68 26.64 2.46
C VAL F 167 -27.51 27.72 1.79
N LEU F 168 -27.01 28.33 0.72
CA LEU F 168 -27.80 29.33 0.01
C LEU F 168 -29.01 28.75 -0.71
N GLY F 169 -29.13 27.42 -0.75
CA GLY F 169 -30.23 26.80 -1.47
C GLY F 169 -30.01 26.69 -2.95
N MET F 170 -28.77 26.82 -3.40
CA MET F 170 -28.49 26.80 -4.83
C MET F 170 -28.70 25.39 -5.38
N PRO F 171 -29.49 25.23 -6.46
CA PRO F 171 -29.73 23.88 -6.97
C PRO F 171 -28.51 23.25 -7.64
N GLU F 172 -27.66 24.06 -8.27
CA GLU F 172 -26.43 23.52 -8.86
C GLU F 172 -25.59 22.78 -7.84
N VAL F 173 -25.64 23.20 -6.58
CA VAL F 173 -24.75 22.69 -5.53
C VAL F 173 -25.65 22.00 -4.51
N ASP F 174 -25.87 20.70 -4.69
CA ASP F 174 -26.66 19.89 -3.78
C ASP F 174 -25.77 18.79 -3.19
N ASP F 175 -26.39 17.91 -2.41
CA ASP F 175 -25.63 16.83 -1.77
C ASP F 175 -24.83 16.05 -2.80
N ALA F 176 -25.51 15.50 -3.82
CA ALA F 176 -24.84 14.71 -4.84
C ALA F 176 -23.67 15.49 -5.45
N ALA F 177 -23.94 16.70 -5.93
CA ALA F 177 -22.87 17.52 -6.50
C ALA F 177 -21.75 17.73 -5.49
N PHE F 178 -22.09 17.94 -4.22
CA PHE F 178 -21.08 18.10 -3.18
C PHE F 178 -20.13 16.90 -3.16
N THR F 179 -20.68 15.70 -2.98
CA THR F 179 -19.86 14.50 -2.97
C THR F 179 -19.03 14.39 -4.23
N ARG F 180 -19.64 14.63 -5.39
CA ARG F 180 -18.89 14.60 -6.64
C ARG F 180 -17.65 15.49 -6.57
N HIS F 181 -17.84 16.74 -6.14
CA HIS F 181 -16.73 17.68 -6.07
C HIS F 181 -15.65 17.18 -5.11
N LEU F 182 -16.04 16.78 -3.90
CA LEU F 182 -15.05 16.32 -2.93
C LEU F 182 -14.23 15.16 -3.48
N GLN F 183 -14.91 14.12 -3.98
CA GLN F 183 -14.21 12.99 -4.56
C GLN F 183 -13.29 13.43 -5.70
N HIS F 184 -13.72 14.43 -6.47
CA HIS F 184 -12.91 14.88 -7.59
C HIS F 184 -11.62 15.54 -7.12
N VAL F 185 -11.71 16.45 -6.14
CA VAL F 185 -10.50 17.11 -5.66
C VAL F 185 -9.59 16.11 -4.96
N ILE F 186 -10.15 15.08 -4.32
CA ILE F 186 -9.30 14.03 -3.77
C ILE F 186 -8.58 13.30 -4.89
N GLN F 187 -9.30 13.01 -5.98
CA GLN F 187 -8.70 12.35 -7.13
C GLN F 187 -7.55 13.17 -7.70
N LEU F 188 -7.75 14.48 -7.86
CA LEU F 188 -6.72 15.33 -8.45
C LEU F 188 -5.53 15.50 -7.50
N GLU F 189 -5.80 15.64 -6.21
CA GLU F 189 -4.77 16.03 -5.26
C GLU F 189 -3.94 14.85 -4.79
N LEU F 190 -4.51 13.64 -4.75
CA LEU F 190 -3.82 12.49 -4.19
C LEU F 190 -3.70 11.30 -5.13
N PHE F 191 -4.20 11.40 -6.36
CA PHE F 191 -4.16 10.29 -7.31
C PHE F 191 -3.72 10.77 -8.69
N SER F 192 -2.65 11.55 -8.72
CA SER F 192 -2.08 12.02 -9.98
C SER F 192 -1.33 10.89 -10.69
N ASN G 5 -14.74 4.81 -11.08
CA ASN G 5 -14.21 3.66 -11.83
C ASN G 5 -14.51 2.36 -11.08
N ARG G 6 -13.70 1.33 -11.32
CA ARG G 6 -13.96 -0.03 -10.86
C ARG G 6 -14.67 -0.14 -9.51
N GLU G 7 -14.19 0.62 -8.51
CA GLU G 7 -14.71 0.42 -7.16
C GLU G 7 -16.18 0.76 -7.03
N GLU G 8 -16.69 1.72 -7.83
CA GLU G 8 -18.11 2.00 -7.78
C GLU G 8 -18.91 0.91 -8.50
N ARG G 9 -18.31 0.25 -9.49
CA ARG G 9 -18.90 -0.95 -10.05
C ARG G 9 -19.04 -2.03 -8.99
N ARG G 10 -17.93 -2.33 -8.30
CA ARG G 10 -17.98 -3.24 -7.17
C ARG G 10 -19.06 -2.82 -6.19
N GLU G 11 -19.25 -1.51 -6.00
CA GLU G 11 -20.21 -1.04 -5.01
C GLU G 11 -21.65 -1.23 -5.47
N THR G 12 -21.92 -1.10 -6.78
CA THR G 12 -23.25 -1.43 -7.27
C THR G 12 -23.51 -2.93 -7.16
N ILE G 13 -22.47 -3.76 -7.35
CA ILE G 13 -22.64 -5.19 -7.15
C ILE G 13 -22.94 -5.48 -5.68
N MET G 14 -22.18 -4.87 -4.77
CA MET G 14 -22.38 -5.11 -3.34
C MET G 14 -23.76 -4.66 -2.90
N GLN G 15 -24.18 -3.46 -3.31
CA GLN G 15 -25.50 -2.98 -2.95
C GLN G 15 -26.59 -3.88 -3.51
N ALA G 16 -26.41 -4.34 -4.76
CA ALA G 16 -27.34 -5.31 -5.32
C ALA G 16 -27.44 -6.54 -4.42
N ALA G 17 -26.29 -7.06 -3.97
CA ALA G 17 -26.28 -8.21 -3.08
C ALA G 17 -27.02 -7.90 -1.78
N MET G 18 -26.88 -6.67 -1.27
CA MET G 18 -27.59 -6.29 -0.05
C MET G 18 -29.09 -6.32 -0.26
N ARG G 19 -29.56 -5.76 -1.38
CA ARG G 19 -30.98 -5.80 -1.69
C ARG G 19 -31.47 -7.23 -1.89
N VAL G 20 -30.61 -8.11 -2.43
CA VAL G 20 -30.99 -9.51 -2.60
C VAL G 20 -31.12 -10.19 -1.25
N ALA G 21 -30.25 -9.84 -0.29
CA ALA G 21 -30.36 -10.40 1.05
C ALA G 21 -31.63 -9.90 1.74
N LEU G 22 -31.95 -8.62 1.58
CA LEU G 22 -33.12 -8.06 2.26
C LEU G 22 -34.43 -8.52 1.62
N ASP G 23 -34.44 -8.77 0.31
CA ASP G 23 -35.66 -9.13 -0.39
C ASP G 23 -35.88 -10.64 -0.47
N GLN G 24 -34.81 -11.42 -0.61
CA GLN G 24 -34.91 -12.85 -0.83
C GLN G 24 -34.22 -13.69 0.23
N GLY G 25 -33.33 -13.12 1.03
CA GLY G 25 -32.65 -13.87 2.07
C GLY G 25 -31.48 -14.67 1.53
N PHE G 26 -30.80 -15.35 2.45
CA PHE G 26 -29.61 -16.12 2.09
C PHE G 26 -29.89 -17.12 0.98
N THR G 27 -31.10 -17.69 0.94
CA THR G 27 -31.44 -18.63 -0.12
C THR G 27 -31.26 -18.00 -1.50
N GLY G 28 -31.52 -16.71 -1.63
CA GLY G 28 -31.50 -16.04 -2.90
C GLY G 28 -30.21 -15.35 -3.26
N MET G 29 -29.21 -15.37 -2.40
CA MET G 29 -27.96 -14.67 -2.68
C MET G 29 -27.06 -15.52 -3.57
N THR G 30 -27.59 -15.96 -4.70
CA THR G 30 -26.82 -16.65 -5.70
C THR G 30 -26.18 -15.65 -6.65
N VAL G 31 -25.22 -16.14 -7.44
CA VAL G 31 -24.54 -15.27 -8.40
C VAL G 31 -25.52 -14.80 -9.47
N ARG G 32 -26.43 -15.67 -9.90
CA ARG G 32 -27.40 -15.27 -10.91
C ARG G 32 -28.29 -14.13 -10.41
N ASN G 33 -28.79 -14.24 -9.18
CA ASN G 33 -29.71 -13.23 -8.67
C ASN G 33 -29.01 -11.90 -8.45
N ILE G 34 -27.79 -11.93 -7.92
CA ILE G 34 -27.06 -10.69 -7.68
C ILE G 34 -26.69 -10.04 -9.01
N ALA G 35 -26.13 -10.82 -9.93
CA ALA G 35 -25.81 -10.29 -11.26
C ALA G 35 -27.04 -9.67 -11.91
N THR G 36 -28.20 -10.30 -11.75
CA THR G 36 -29.43 -9.76 -12.33
C THR G 36 -29.81 -8.44 -11.66
N ALA G 37 -29.81 -8.41 -10.32
CA ALA G 37 -30.26 -7.22 -9.60
C ALA G 37 -29.31 -6.05 -9.81
N ALA G 38 -28.04 -6.33 -10.09
CA ALA G 38 -27.08 -5.26 -10.33
C ALA G 38 -27.11 -4.76 -11.77
N GLY G 39 -27.56 -5.57 -12.71
CA GLY G 39 -27.57 -5.20 -14.11
C GLY G 39 -26.32 -5.57 -14.86
N VAL G 40 -25.49 -6.45 -14.30
CA VAL G 40 -24.23 -6.84 -14.92
C VAL G 40 -24.29 -8.33 -15.25
N ALA G 41 -23.25 -8.79 -15.93
CA ALA G 41 -23.14 -10.21 -16.25
C ALA G 41 -22.67 -11.01 -15.04
N ALA G 42 -22.90 -12.32 -15.10
CA ALA G 42 -22.55 -13.19 -13.98
C ALA G 42 -21.05 -13.22 -13.73
N GLY G 43 -20.25 -13.05 -14.78
CA GLY G 43 -18.81 -13.08 -14.60
C GLY G 43 -18.25 -11.83 -13.96
N GLN G 44 -18.96 -10.70 -14.09
CA GLN G 44 -18.46 -9.45 -13.54
C GLN G 44 -18.41 -9.48 -12.02
N VAL G 45 -19.34 -10.17 -11.36
CA VAL G 45 -19.27 -10.27 -9.90
C VAL G 45 -18.13 -11.18 -9.49
N HIS G 46 -17.84 -12.22 -10.28
CA HIS G 46 -16.69 -13.06 -10.01
C HIS G 46 -15.37 -12.31 -10.19
N HIS G 47 -15.40 -11.17 -10.87
CA HIS G 47 -14.20 -10.36 -11.01
C HIS G 47 -13.90 -9.54 -9.75
N HIS G 48 -14.91 -9.31 -8.91
CA HIS G 48 -14.75 -8.51 -7.69
C HIS G 48 -14.81 -9.34 -6.42
N PHE G 49 -15.27 -10.58 -6.48
CA PHE G 49 -15.37 -11.43 -5.30
C PHE G 49 -14.94 -12.84 -5.68
N THR G 50 -13.86 -13.31 -5.07
CA THR G 50 -13.29 -14.61 -5.44
C THR G 50 -14.30 -15.74 -5.18
N SER G 51 -14.82 -15.79 -3.97
CA SER G 51 -15.78 -16.82 -3.57
C SER G 51 -17.18 -16.22 -3.43
N SER G 52 -18.18 -17.02 -3.78
CA SER G 52 -19.56 -16.60 -3.58
C SER G 52 -19.89 -16.50 -2.09
N GLY G 53 -19.29 -17.36 -1.27
CA GLY G 53 -19.52 -17.26 0.17
C GLY G 53 -18.96 -15.99 0.76
N GLU G 54 -17.79 -15.56 0.27
CA GLU G 54 -17.22 -14.29 0.72
C GLU G 54 -18.18 -13.13 0.46
N LEU G 55 -18.71 -13.05 -0.76
CA LEU G 55 -19.68 -12.01 -1.08
C LEU G 55 -20.91 -12.14 -0.19
N LYS G 56 -21.38 -13.37 0.03
CA LYS G 56 -22.54 -13.59 0.89
C LYS G 56 -22.33 -12.99 2.27
N SER G 57 -21.24 -13.39 2.93
CA SER G 57 -21.00 -12.94 4.30
C SER G 57 -20.73 -11.44 4.35
N GLN G 58 -19.90 -10.91 3.45
CA GLN G 58 -19.58 -9.49 3.47
C GLN G 58 -20.82 -8.65 3.22
N ALA G 59 -21.66 -9.06 2.28
CA ALA G 59 -22.92 -8.38 2.05
C ALA G 59 -23.80 -8.42 3.29
N PHE G 60 -23.87 -9.58 3.95
CA PHE G 60 -24.62 -9.68 5.20
C PHE G 60 -24.13 -8.64 6.21
N ILE G 61 -22.81 -8.57 6.42
CA ILE G 61 -22.26 -7.61 7.37
C ILE G 61 -22.65 -6.20 6.96
N ARG G 62 -22.62 -5.89 5.66
CA ARG G 62 -23.03 -4.56 5.21
C ARG G 62 -24.48 -4.29 5.58
N VAL G 63 -25.35 -5.30 5.40
CA VAL G 63 -26.75 -5.11 5.74
C VAL G 63 -26.91 -4.81 7.22
N ILE G 64 -26.18 -5.52 8.08
CA ILE G 64 -26.32 -5.29 9.52
C ILE G 64 -25.76 -3.93 9.90
N ARG G 65 -24.68 -3.49 9.26
CA ARG G 65 -24.19 -2.14 9.50
C ARG G 65 -25.25 -1.12 9.12
N GLU G 66 -25.94 -1.34 8.00
CA GLU G 66 -27.02 -0.44 7.61
C GLU G 66 -28.14 -0.45 8.64
N MET G 67 -28.47 -1.64 9.15
CA MET G 67 -29.48 -1.73 10.22
C MET G 67 -29.09 -0.90 11.42
N MET G 68 -27.86 -1.09 11.90
CA MET G 68 -27.39 -0.35 13.08
C MET G 68 -27.37 1.15 12.84
N ASP G 69 -27.12 1.57 11.59
CA ASP G 69 -27.24 2.99 11.27
C ASP G 69 -28.69 3.45 11.29
N LEU G 70 -29.62 2.57 10.91
CA LEU G 70 -31.03 2.96 10.88
C LEU G 70 -31.58 3.14 12.28
N GLN G 71 -31.25 2.24 13.21
CA GLN G 71 -31.80 2.26 14.56
C GLN G 71 -31.03 3.15 15.51
N ARG G 72 -29.98 3.84 15.03
CA ARG G 72 -29.22 4.73 15.89
C ARG G 72 -29.92 6.09 15.97
N LEU G 73 -29.98 6.62 17.19
CA LEU G 73 -30.67 7.87 17.45
C LEU G 73 -29.68 9.02 17.61
N SER G 74 -30.20 10.23 17.47
CA SER G 74 -29.39 11.43 17.69
C SER G 74 -28.85 11.46 19.11
N ARG G 75 -27.63 11.98 19.26
CA ARG G 75 -27.07 12.16 20.59
C ARG G 75 -27.97 13.02 21.48
N THR G 76 -28.85 13.82 20.86
CA THR G 76 -29.77 14.65 21.64
C THR G 76 -30.77 13.81 22.42
N ALA G 77 -31.12 12.64 21.91
CA ALA G 77 -32.09 11.77 22.58
C ALA G 77 -31.54 11.30 23.92
N GLY G 78 -32.46 10.93 24.81
CA GLY G 78 -32.07 10.39 26.09
C GLY G 78 -31.26 9.11 25.94
N TRP G 79 -30.39 8.86 26.91
CA TRP G 79 -29.51 7.70 26.83
C TRP G 79 -30.28 6.40 26.97
N ARG G 80 -31.27 6.36 27.85
CA ARG G 80 -32.17 5.21 27.92
C ARG G 80 -32.77 4.91 26.54
N GLU G 81 -33.24 5.97 25.86
CA GLU G 81 -33.85 5.78 24.54
C GLU G 81 -32.81 5.33 23.52
N GLN G 82 -31.61 5.90 23.56
CA GLN G 82 -30.55 5.48 22.64
C GLN G 82 -30.26 3.99 22.81
N LEU G 83 -30.04 3.55 24.05
CA LEU G 83 -29.75 2.15 24.30
C LEU G 83 -30.90 1.26 23.85
N PHE G 84 -32.14 1.60 24.25
CA PHE G 84 -33.29 0.83 23.80
C PHE G 84 -33.28 0.69 22.29
N SER G 85 -33.22 1.81 21.56
CA SER G 85 -33.26 1.75 20.11
C SER G 85 -32.12 0.92 19.55
N ALA G 86 -30.97 0.93 20.23
CA ALA G 86 -29.86 0.08 19.81
C ALA G 86 -30.13 -1.39 20.06
N LEU G 87 -31.09 -1.73 20.92
CA LEU G 87 -31.35 -3.13 21.27
C LEU G 87 -32.62 -3.69 20.66
N GLY G 88 -33.73 -2.96 20.68
CA GLY G 88 -35.01 -3.47 20.24
C GLY G 88 -35.90 -2.48 19.48
N SER G 89 -35.30 -1.56 18.72
CA SER G 89 -36.06 -0.51 18.05
C SER G 89 -37.32 -1.07 17.40
N GLU G 90 -38.43 -0.35 17.56
CA GLU G 90 -39.72 -0.73 17.01
C GLU G 90 -39.92 -0.28 15.57
N ASP G 91 -38.88 0.20 14.91
CA ASP G 91 -39.02 0.77 13.58
C ASP G 91 -39.42 -0.32 12.59
N GLY G 92 -40.55 -0.12 11.92
CA GLY G 92 -41.05 -1.10 10.96
C GLY G 92 -40.13 -1.32 9.78
N ARG G 93 -39.19 -0.41 9.54
CA ARG G 93 -38.25 -0.56 8.43
C ARG G 93 -37.21 -1.63 8.70
N LEU G 94 -37.09 -2.11 9.94
CA LEU G 94 -36.07 -3.09 10.30
C LEU G 94 -36.49 -4.52 10.03
N GLU G 95 -37.75 -4.77 9.69
CA GLU G 95 -38.26 -6.13 9.56
C GLU G 95 -37.42 -6.99 8.62
N PRO G 96 -37.08 -6.56 7.41
CA PRO G 96 -36.26 -7.43 6.55
C PRO G 96 -34.86 -7.65 7.10
N TYR G 97 -34.30 -6.67 7.81
CA TYR G 97 -32.98 -6.85 8.41
C TYR G 97 -33.03 -7.93 9.48
N ILE G 98 -34.01 -7.86 10.38
CA ILE G 98 -34.14 -8.83 11.46
C ILE G 98 -34.25 -10.24 10.88
N ARG G 99 -35.20 -10.43 9.95
CA ARG G 99 -35.34 -11.73 9.31
C ARG G 99 -34.02 -12.24 8.78
N LEU G 100 -33.15 -11.35 8.31
CA LEU G 100 -31.84 -11.77 7.84
C LEU G 100 -30.96 -12.21 9.01
N TRP G 101 -30.87 -11.36 10.04
CA TRP G 101 -30.06 -11.70 11.21
C TRP G 101 -30.44 -13.07 11.74
N ARG G 102 -31.72 -13.27 12.07
CA ARG G 102 -32.21 -14.58 12.48
C ARG G 102 -31.65 -15.67 11.58
N GLN G 103 -31.84 -15.53 10.27
CA GLN G 103 -31.38 -16.53 9.33
C GLN G 103 -29.89 -16.79 9.50
N ALA G 104 -29.09 -15.72 9.55
CA ALA G 104 -27.64 -15.88 9.69
C ALA G 104 -27.30 -16.70 10.91
N GLN G 105 -28.11 -16.62 11.96
CA GLN G 105 -27.88 -17.44 13.15
C GLN G 105 -27.99 -18.92 12.82
N LEU G 106 -29.12 -19.33 12.23
CA LEU G 106 -29.32 -20.73 11.94
C LEU G 106 -28.25 -21.27 11.00
N LEU G 107 -28.02 -20.57 9.88
CA LEU G 107 -26.98 -20.99 8.96
C LEU G 107 -25.59 -20.99 9.59
N ALA G 108 -25.41 -20.26 10.69
CA ALA G 108 -24.12 -20.28 11.38
C ALA G 108 -23.81 -21.66 11.97
N ASP G 109 -24.81 -22.54 12.04
CA ASP G 109 -24.60 -23.89 12.56
C ASP G 109 -24.02 -24.84 11.51
N SER G 110 -24.08 -24.49 10.23
CA SER G 110 -23.62 -25.35 9.16
C SER G 110 -22.74 -24.62 8.16
N ASP G 111 -22.36 -23.38 8.43
CA ASP G 111 -21.52 -22.61 7.52
C ASP G 111 -20.48 -21.80 8.30
N PRO G 112 -19.21 -22.21 8.31
CA PRO G 112 -18.22 -21.45 9.11
C PRO G 112 -18.09 -20.00 8.70
N GLU G 113 -18.21 -19.70 7.41
CA GLU G 113 -18.07 -18.32 6.95
C GLU G 113 -19.17 -17.43 7.52
N ILE G 114 -20.43 -17.88 7.40
CA ILE G 114 -21.54 -17.14 7.99
C ILE G 114 -21.42 -17.12 9.50
N LYS G 115 -20.76 -18.11 10.10
CA LYS G 115 -20.57 -18.10 11.54
C LYS G 115 -19.61 -16.99 11.95
N SER G 116 -18.50 -16.83 11.23
CA SER G 116 -17.58 -15.73 11.50
C SER G 116 -18.26 -14.38 11.26
N ALA G 117 -19.05 -14.28 10.19
CA ALA G 117 -19.77 -13.04 9.94
C ALA G 117 -20.74 -12.73 11.08
N TYR G 118 -21.46 -13.75 11.55
CA TYR G 118 -22.43 -13.56 12.62
C TYR G 118 -21.75 -13.15 13.91
N LEU G 119 -20.63 -13.79 14.24
CA LEU G 119 -19.86 -13.37 15.41
C LEU G 119 -19.38 -11.93 15.27
N LEU G 120 -18.95 -11.55 14.06
CA LEU G 120 -18.52 -10.18 13.81
C LEU G 120 -19.65 -9.20 14.09
N THR G 121 -20.84 -9.47 13.56
CA THR G 121 -21.98 -8.60 13.80
C THR G 121 -22.38 -8.59 15.28
N MET G 122 -22.25 -9.71 15.98
CA MET G 122 -22.54 -9.72 17.41
C MET G 122 -21.58 -8.81 18.16
N ASN G 123 -20.29 -8.86 17.82
CA ASN G 123 -19.33 -7.97 18.47
C ASN G 123 -19.58 -6.51 18.12
N LEU G 124 -20.08 -6.23 16.90
CA LEU G 124 -20.45 -4.86 16.57
C LEU G 124 -21.63 -4.39 17.43
N TRP G 125 -22.67 -5.23 17.53
CA TRP G 125 -23.80 -4.91 18.39
C TRP G 125 -23.35 -4.64 19.82
N HIS G 126 -22.52 -5.55 20.35
CA HIS G 126 -21.99 -5.37 21.70
C HIS G 126 -21.21 -4.07 21.82
N ASP G 127 -20.41 -3.73 20.81
CA ASP G 127 -19.63 -2.50 20.86
C ASP G 127 -20.53 -1.29 20.92
N GLU G 128 -21.61 -1.28 20.14
CA GLU G 128 -22.56 -0.16 20.21
C GLU G 128 -23.19 -0.07 21.60
N ALA G 129 -23.72 -1.18 22.10
CA ALA G 129 -24.35 -1.18 23.42
C ALA G 129 -23.38 -0.66 24.48
N VAL G 130 -22.14 -1.14 24.45
CA VAL G 130 -21.14 -0.67 25.40
C VAL G 130 -20.90 0.82 25.24
N ARG G 131 -20.84 1.30 23.99
CA ARG G 131 -20.63 2.72 23.75
C ARG G 131 -21.72 3.54 24.44
N ILE G 132 -22.98 3.16 24.23
CA ILE G 132 -24.08 3.96 24.77
C ILE G 132 -24.13 3.84 26.29
N ILE G 133 -23.83 2.67 26.83
CA ILE G 133 -23.85 2.51 28.29
C ILE G 133 -22.76 3.38 28.93
N ARG G 134 -21.55 3.35 28.36
CA ARG G 134 -20.47 4.20 28.86
C ARG G 134 -20.85 5.67 28.76
N ALA G 135 -21.43 6.07 27.63
CA ALA G 135 -21.76 7.49 27.44
C ALA G 135 -22.84 7.94 28.43
N GLY G 136 -23.89 7.13 28.58
CA GLY G 136 -24.94 7.48 29.54
C GLY G 136 -24.47 7.45 30.97
N HIS G 137 -23.46 6.61 31.27
CA HIS G 137 -22.84 6.65 32.58
C HIS G 137 -22.10 7.95 32.80
N ALA G 138 -21.27 8.34 31.82
CA ALA G 138 -20.55 9.61 31.91
C ALA G 138 -21.52 10.78 32.06
N ALA G 139 -22.67 10.71 31.39
CA ALA G 139 -23.65 11.78 31.46
C ALA G 139 -24.39 11.81 32.79
N GLY G 140 -24.21 10.80 33.65
CA GLY G 140 -24.87 10.76 34.94
C GLY G 140 -26.25 10.14 34.95
N GLU G 141 -26.73 9.63 33.81
CA GLU G 141 -28.05 9.03 33.76
C GLU G 141 -28.02 7.56 34.15
N PHE G 142 -26.98 6.83 33.74
CA PHE G 142 -26.88 5.40 34.04
C PHE G 142 -26.10 5.17 35.32
N THR G 143 -26.57 4.21 36.10
CA THR G 143 -25.90 3.76 37.32
C THR G 143 -25.36 2.37 37.07
N LEU G 144 -24.05 2.20 37.25
CA LEU G 144 -23.37 0.95 36.93
C LEU G 144 -23.03 0.22 38.22
N ARG G 145 -23.69 -0.93 38.44
CA ARG G 145 -23.29 -1.88 39.46
C ARG G 145 -22.43 -3.00 38.87
N ASP G 146 -22.24 -3.02 37.56
CA ASP G 146 -21.37 -3.96 36.89
C ASP G 146 -20.73 -3.25 35.71
N SER G 147 -19.80 -3.93 35.05
CA SER G 147 -19.13 -3.34 33.90
C SER G 147 -20.09 -3.20 32.73
N ALA G 148 -19.83 -2.20 31.89
CA ALA G 148 -20.68 -1.97 30.73
C ALA G 148 -20.72 -3.19 29.82
N GLU G 149 -19.59 -3.90 29.68
CA GLU G 149 -19.56 -5.07 28.81
C GLU G 149 -20.53 -6.14 29.29
N ASN G 150 -20.47 -6.47 30.58
CA ASN G 150 -21.35 -7.49 31.13
C ASN G 150 -22.82 -7.11 30.94
N ILE G 151 -23.17 -5.88 31.29
CA ILE G 151 -24.55 -5.41 31.13
C ILE G 151 -24.97 -5.56 29.68
N ALA G 152 -24.12 -5.11 28.75
CA ALA G 152 -24.44 -5.21 27.33
C ALA G 152 -24.73 -6.66 26.93
N TRP G 153 -23.87 -7.58 27.37
CA TRP G 153 -24.10 -9.00 27.03
C TRP G 153 -25.42 -9.49 27.60
N ARG G 154 -25.75 -9.08 28.84
CA ARG G 154 -27.01 -9.54 29.44
C ARG G 154 -28.21 -9.01 28.68
N LEU G 155 -28.19 -7.72 28.30
CA LEU G 155 -29.29 -7.13 27.55
C LEU G 155 -29.44 -7.80 26.19
N ILE G 156 -28.36 -7.85 25.42
CA ILE G 156 -28.40 -8.52 24.11
C ILE G 156 -28.94 -9.93 24.27
N SER G 157 -28.50 -10.63 25.32
CA SER G 157 -29.04 -11.96 25.58
C SER G 157 -30.54 -11.92 25.77
N LEU G 158 -31.04 -10.92 26.49
CA LEU G 158 -32.48 -10.78 26.68
C LEU G 158 -33.19 -10.64 25.35
N VAL G 159 -32.69 -9.75 24.48
CA VAL G 159 -33.34 -9.52 23.19
C VAL G 159 -33.32 -10.81 22.36
N CYS G 160 -32.17 -11.46 22.27
CA CYS G 160 -32.06 -12.70 21.50
C CYS G 160 -33.04 -13.75 21.99
N GLY G 161 -33.03 -14.02 23.30
CA GLY G 161 -33.91 -15.03 23.84
C GLY G 161 -35.38 -14.71 23.61
N LEU G 162 -35.81 -13.51 24.03
CA LEU G 162 -37.20 -13.13 23.82
C LEU G 162 -37.60 -13.21 22.37
N ASP G 163 -36.66 -12.97 21.44
CA ASP G 163 -36.96 -13.19 20.04
C ASP G 163 -37.18 -14.67 19.76
N GLY G 164 -36.30 -15.53 20.30
CA GLY G 164 -36.47 -16.96 20.14
C GLY G 164 -37.82 -17.45 20.62
N ILE G 165 -38.40 -16.75 21.60
CA ILE G 165 -39.73 -17.10 22.08
C ILE G 165 -40.83 -16.42 21.25
N TYR G 166 -40.54 -15.24 20.69
CA TYR G 166 -41.54 -14.51 19.92
C TYR G 166 -41.85 -15.21 18.60
N VAL G 167 -40.85 -15.83 17.99
CA VAL G 167 -41.05 -16.51 16.72
C VAL G 167 -41.88 -17.77 16.90
N LEU G 168 -41.96 -18.31 18.12
CA LEU G 168 -42.75 -19.51 18.36
C LEU G 168 -44.24 -19.24 18.45
N GLY G 169 -44.64 -17.98 18.57
CA GLY G 169 -46.04 -17.62 18.59
C GLY G 169 -46.65 -17.50 19.96
N MET G 170 -45.85 -17.22 20.98
CA MET G 170 -46.38 -17.05 22.33
C MET G 170 -47.30 -15.85 22.38
N PRO G 171 -48.58 -16.00 22.73
CA PRO G 171 -49.47 -14.82 22.72
C PRO G 171 -49.13 -13.78 23.78
N GLU G 172 -48.59 -14.19 24.92
CA GLU G 172 -48.23 -13.23 25.95
C GLU G 172 -46.91 -12.52 25.67
N VAL G 173 -46.22 -12.89 24.59
CA VAL G 173 -45.00 -12.19 24.16
C VAL G 173 -45.30 -11.64 22.78
N ASP G 174 -45.81 -10.42 22.74
CA ASP G 174 -46.09 -9.71 21.50
C ASP G 174 -45.18 -8.48 21.42
N ASP G 175 -45.40 -7.66 20.39
CA ASP G 175 -44.57 -6.47 20.19
C ASP G 175 -44.52 -5.61 21.45
N ALA G 176 -45.70 -5.19 21.93
CA ALA G 176 -45.76 -4.34 23.11
C ALA G 176 -45.08 -4.99 24.30
N ALA G 177 -45.44 -6.25 24.59
CA ALA G 177 -44.86 -6.94 25.74
C ALA G 177 -43.34 -7.07 25.59
N PHE G 178 -42.86 -7.29 24.37
CA PHE G 178 -41.42 -7.32 24.13
C PHE G 178 -40.79 -6.00 24.55
N THR G 179 -41.33 -4.88 24.05
CA THR G 179 -40.84 -3.57 24.44
C THR G 179 -40.80 -3.42 25.96
N ARG G 180 -41.89 -3.81 26.63
CA ARG G 180 -41.94 -3.67 28.08
C ARG G 180 -40.85 -4.50 28.77
N HIS G 181 -40.65 -5.74 28.33
CA HIS G 181 -39.57 -6.55 28.90
C HIS G 181 -38.24 -5.83 28.76
N LEU G 182 -37.94 -5.32 27.57
CA LEU G 182 -36.64 -4.68 27.34
C LEU G 182 -36.47 -3.46 28.23
N GLN G 183 -37.48 -2.57 28.24
CA GLN G 183 -37.41 -1.41 29.12
C GLN G 183 -37.20 -1.82 30.56
N HIS G 184 -37.89 -2.88 31.01
CA HIS G 184 -37.75 -3.34 32.38
C HIS G 184 -36.32 -3.72 32.69
N VAL G 185 -35.70 -4.57 31.85
CA VAL G 185 -34.34 -4.99 32.14
C VAL G 185 -33.38 -3.80 32.07
N ILE G 186 -33.66 -2.81 31.22
CA ILE G 186 -32.88 -1.59 31.25
C ILE G 186 -32.98 -0.93 32.63
N GLN G 187 -34.20 -0.81 33.14
CA GLN G 187 -34.39 -0.21 34.46
C GLN G 187 -33.57 -0.94 35.52
N LEU G 188 -33.62 -2.28 35.52
CA LEU G 188 -32.91 -3.02 36.55
C LEU G 188 -31.40 -2.89 36.39
N GLU G 189 -30.90 -2.85 35.16
CA GLU G 189 -29.47 -2.88 34.94
C GLU G 189 -28.82 -1.52 35.12
N LEU G 190 -29.56 -0.42 34.93
CA LEU G 190 -28.95 0.89 34.84
C LEU G 190 -29.63 1.97 35.69
N PHE G 191 -30.64 1.61 36.50
CA PHE G 191 -31.38 2.61 37.24
C PHE G 191 -31.68 2.12 38.66
N SER G 192 -30.69 1.55 39.32
CA SER G 192 -30.85 1.09 40.69
C SER G 192 -31.21 2.26 41.62
N LEU H 4 -44.69 -60.21 24.40
CA LEU H 4 -45.10 -58.97 25.07
C LEU H 4 -46.21 -58.29 24.27
N ASN H 5 -46.78 -57.24 24.85
CA ASN H 5 -47.87 -56.51 24.21
C ASN H 5 -47.34 -55.21 23.61
N ARG H 6 -48.26 -54.40 23.08
CA ARG H 6 -47.88 -53.26 22.26
C ARG H 6 -47.09 -52.23 23.07
N GLU H 7 -47.61 -51.84 24.24
CA GLU H 7 -47.13 -50.63 24.89
C GLU H 7 -45.74 -50.81 25.49
N GLU H 8 -45.43 -51.99 26.04
CA GLU H 8 -44.12 -52.18 26.64
C GLU H 8 -43.03 -52.30 25.57
N ARG H 9 -43.33 -52.94 24.45
CA ARG H 9 -42.41 -52.92 23.31
C ARG H 9 -42.21 -51.49 22.82
N ARG H 10 -43.30 -50.72 22.74
CA ARG H 10 -43.19 -49.31 22.35
C ARG H 10 -42.33 -48.54 23.33
N GLU H 11 -42.36 -48.91 24.62
CA GLU H 11 -41.55 -48.23 25.61
C GLU H 11 -40.07 -48.59 25.44
N THR H 12 -39.78 -49.88 25.21
CA THR H 12 -38.41 -50.28 24.90
C THR H 12 -37.87 -49.48 23.72
N ILE H 13 -38.67 -49.41 22.65
CA ILE H 13 -38.27 -48.62 21.48
C ILE H 13 -38.06 -47.17 21.87
N MET H 14 -38.96 -46.61 22.68
CA MET H 14 -38.85 -45.20 23.06
C MET H 14 -37.53 -44.93 23.78
N GLN H 15 -37.23 -45.74 24.79
CA GLN H 15 -35.97 -45.57 25.52
C GLN H 15 -34.77 -45.73 24.58
N ALA H 16 -34.88 -46.64 23.60
CA ALA H 16 -33.81 -46.74 22.61
C ALA H 16 -33.63 -45.41 21.89
N ALA H 17 -34.72 -44.85 21.37
CA ALA H 17 -34.64 -43.56 20.70
C ALA H 17 -34.05 -42.49 21.61
N MET H 18 -34.34 -42.55 22.90
CA MET H 18 -33.78 -41.60 23.85
C MET H 18 -32.27 -41.77 23.95
N ARG H 19 -31.81 -43.01 24.11
CA ARG H 19 -30.37 -43.26 24.19
C ARG H 19 -29.66 -42.81 22.93
N VAL H 20 -30.27 -43.03 21.76
CA VAL H 20 -29.65 -42.61 20.50
C VAL H 20 -29.70 -41.10 20.36
N ALA H 21 -30.70 -40.45 20.95
CA ALA H 21 -30.75 -38.98 20.91
C ALA H 21 -29.67 -38.38 21.79
N LEU H 22 -29.47 -38.93 23.00
CA LEU H 22 -28.45 -38.42 23.90
C LEU H 22 -27.04 -38.77 23.42
N ASP H 23 -26.90 -39.89 22.71
CA ASP H 23 -25.59 -40.35 22.28
C ASP H 23 -25.21 -39.84 20.90
N GLN H 24 -26.17 -39.50 20.04
CA GLN H 24 -25.87 -39.13 18.66
C GLN H 24 -26.64 -37.92 18.14
N GLY H 25 -27.68 -37.46 18.82
CA GLY H 25 -28.45 -36.34 18.32
C GLY H 25 -29.50 -36.76 17.31
N PHE H 26 -30.22 -35.77 16.78
CA PHE H 26 -31.31 -36.05 15.84
C PHE H 26 -30.79 -36.69 14.56
N THR H 27 -29.59 -36.31 14.12
CA THR H 27 -29.08 -36.79 12.83
C THR H 27 -28.96 -38.32 12.84
N GLY H 28 -28.57 -38.89 13.97
CA GLY H 28 -28.41 -40.33 14.08
C GLY H 28 -29.65 -41.10 14.44
N MET H 29 -30.79 -40.43 14.60
CA MET H 29 -32.03 -41.09 15.00
C MET H 29 -32.75 -41.71 13.80
N THR H 30 -32.01 -42.56 13.09
CA THR H 30 -32.61 -43.31 12.00
C THR H 30 -33.34 -44.54 12.53
N VAL H 31 -34.30 -45.01 11.76
CA VAL H 31 -35.02 -46.23 12.14
C VAL H 31 -34.05 -47.39 12.29
N ARG H 32 -33.02 -47.44 11.43
CA ARG H 32 -32.03 -48.51 11.50
C ARG H 32 -31.29 -48.48 12.84
N ASN H 33 -30.72 -47.32 13.19
CA ASN H 33 -29.92 -47.24 14.41
C ASN H 33 -30.77 -47.43 15.66
N ILE H 34 -31.96 -46.84 15.69
CA ILE H 34 -32.83 -46.98 16.86
C ILE H 34 -33.28 -48.43 17.01
N ALA H 35 -33.73 -49.03 15.91
CA ALA H 35 -34.14 -50.43 15.96
C ALA H 35 -33.01 -51.33 16.44
N THR H 36 -31.78 -51.06 16.00
CA THR H 36 -30.64 -51.83 16.49
C THR H 36 -30.43 -51.60 17.98
N ALA H 37 -30.54 -50.35 18.44
CA ALA H 37 -30.34 -50.05 19.85
C ALA H 37 -31.37 -50.74 20.73
N ALA H 38 -32.60 -50.89 20.23
CA ALA H 38 -33.64 -51.54 21.01
C ALA H 38 -33.53 -53.06 20.97
N GLY H 39 -32.77 -53.61 20.03
CA GLY H 39 -32.65 -55.05 19.91
C GLY H 39 -33.78 -55.72 19.15
N VAL H 40 -34.53 -54.96 18.36
CA VAL H 40 -35.62 -55.51 17.57
C VAL H 40 -35.41 -55.16 16.10
N ALA H 41 -36.30 -55.62 15.24
CA ALA H 41 -36.20 -55.34 13.81
C ALA H 41 -36.74 -53.96 13.50
N ALA H 42 -36.29 -53.40 12.38
CA ALA H 42 -36.74 -52.08 11.96
C ALA H 42 -38.25 -52.08 11.71
N GLY H 43 -38.74 -53.07 10.98
CA GLY H 43 -40.16 -53.15 10.64
C GLY H 43 -41.08 -53.09 11.83
N GLN H 44 -40.52 -53.25 13.03
CA GLN H 44 -41.33 -53.17 14.25
C GLN H 44 -41.83 -51.74 14.49
N VAL H 45 -40.96 -50.75 14.31
CA VAL H 45 -41.31 -49.39 14.73
C VAL H 45 -42.47 -48.85 13.92
N HIS H 46 -42.53 -49.18 12.63
CA HIS H 46 -43.63 -48.72 11.80
C HIS H 46 -44.98 -49.22 12.31
N HIS H 47 -44.98 -50.24 13.16
CA HIS H 47 -46.19 -50.65 13.86
C HIS H 47 -46.48 -49.79 15.08
N HIS H 48 -45.48 -49.07 15.59
CA HIS H 48 -45.63 -48.24 16.77
C HIS H 48 -45.56 -46.75 16.50
N PHE H 49 -44.88 -46.33 15.43
CA PHE H 49 -44.68 -44.92 15.12
C PHE H 49 -45.06 -44.67 13.66
N THR H 50 -46.12 -43.90 13.46
CA THR H 50 -46.59 -43.63 12.10
C THR H 50 -45.50 -42.98 11.26
N SER H 51 -44.96 -41.86 11.74
CA SER H 51 -43.93 -41.11 11.04
C SER H 51 -42.64 -41.10 11.84
N SER H 52 -41.52 -40.96 11.14
CA SER H 52 -40.23 -40.78 11.81
C SER H 52 -40.19 -39.48 12.60
N GLY H 53 -40.82 -38.42 12.09
CA GLY H 53 -40.87 -37.18 12.84
C GLY H 53 -41.65 -37.30 14.14
N GLU H 54 -42.69 -38.12 14.16
CA GLU H 54 -43.39 -38.41 15.42
C GLU H 54 -42.44 -39.07 16.41
N LEU H 55 -41.64 -40.01 15.94
CA LEU H 55 -40.70 -40.71 16.82
C LEU H 55 -39.66 -39.75 17.38
N LYS H 56 -38.97 -39.02 16.50
CA LYS H 56 -37.94 -38.10 16.96
C LYS H 56 -38.53 -37.01 17.86
N SER H 57 -39.74 -36.54 17.55
CA SER H 57 -40.33 -35.47 18.34
C SER H 57 -40.73 -35.95 19.73
N GLN H 58 -41.51 -37.04 19.79
CA GLN H 58 -41.93 -37.55 21.10
C GLN H 58 -40.72 -37.97 21.94
N ALA H 59 -39.78 -38.67 21.32
CA ALA H 59 -38.55 -39.04 22.04
C ALA H 59 -37.84 -37.80 22.57
N PHE H 60 -37.76 -36.75 21.75
CA PHE H 60 -37.14 -35.50 22.21
C PHE H 60 -37.86 -34.97 23.44
N ILE H 61 -39.19 -34.86 23.37
CA ILE H 61 -39.97 -34.36 24.50
C ILE H 61 -39.61 -35.15 25.76
N ARG H 62 -39.58 -36.48 25.64
CA ARG H 62 -39.29 -37.29 26.83
C ARG H 62 -37.86 -37.10 27.32
N VAL H 63 -36.90 -36.90 26.42
CA VAL H 63 -35.54 -36.62 26.85
C VAL H 63 -35.49 -35.33 27.65
N ILE H 64 -36.28 -34.32 27.24
CA ILE H 64 -36.26 -33.06 27.95
C ILE H 64 -36.97 -33.17 29.30
N ARG H 65 -38.09 -33.89 29.35
CA ARG H 65 -38.73 -34.16 30.63
C ARG H 65 -37.74 -34.81 31.58
N GLU H 66 -37.02 -35.84 31.10
CA GLU H 66 -35.97 -36.45 31.91
C GLU H 66 -34.97 -35.41 32.38
N MET H 67 -34.47 -34.57 31.46
CA MET H 67 -33.54 -33.51 31.83
C MET H 67 -34.08 -32.69 32.99
N MET H 68 -35.33 -32.25 32.89
CA MET H 68 -35.93 -31.45 33.93
C MET H 68 -35.98 -32.20 35.25
N ASP H 69 -36.14 -33.53 35.20
CA ASP H 69 -36.03 -34.31 36.43
C ASP H 69 -34.60 -34.30 36.97
N LEU H 70 -33.60 -34.41 36.08
CA LEU H 70 -32.21 -34.49 36.52
C LEU H 70 -31.77 -33.21 37.22
N GLN H 71 -32.14 -32.06 36.67
CA GLN H 71 -31.69 -30.76 37.17
C GLN H 71 -32.47 -30.31 38.41
N ARG H 72 -33.39 -31.14 38.90
CA ARG H 72 -34.22 -30.77 40.04
C ARG H 72 -33.49 -30.99 41.35
N LEU H 73 -33.79 -30.15 42.33
CA LEU H 73 -33.25 -30.27 43.68
C LEU H 73 -34.35 -30.69 44.65
N SER H 74 -33.91 -31.05 45.86
CA SER H 74 -34.84 -31.36 46.94
C SER H 74 -35.56 -30.09 47.38
N ARG H 75 -36.86 -30.21 47.68
CA ARG H 75 -37.61 -29.06 48.14
C ARG H 75 -37.00 -28.42 49.37
N THR H 76 -36.23 -29.17 50.15
CA THR H 76 -35.58 -28.62 51.33
C THR H 76 -34.51 -27.60 51.00
N ALA H 77 -33.99 -27.62 49.78
CA ALA H 77 -32.97 -26.67 49.37
C ALA H 77 -33.59 -25.30 49.12
N GLY H 78 -32.76 -24.26 49.21
CA GLY H 78 -33.24 -22.92 49.00
C GLY H 78 -33.91 -22.75 47.65
N TRP H 79 -34.88 -21.85 47.60
CA TRP H 79 -35.64 -21.65 46.37
C TRP H 79 -34.80 -20.96 45.31
N ARG H 80 -33.88 -20.08 45.70
CA ARG H 80 -32.95 -19.51 44.73
C ARG H 80 -32.11 -20.61 44.09
N GLU H 81 -31.63 -21.55 44.90
CA GLU H 81 -30.84 -22.66 44.39
C GLU H 81 -31.68 -23.53 43.45
N GLN H 82 -32.92 -23.83 43.83
CA GLN H 82 -33.80 -24.60 42.96
C GLN H 82 -34.00 -23.89 41.62
N LEU H 83 -34.23 -22.58 41.64
CA LEU H 83 -34.42 -21.83 40.40
C LEU H 83 -33.15 -21.88 39.54
N PHE H 84 -32.01 -21.55 40.14
CA PHE H 84 -30.76 -21.55 39.38
C PHE H 84 -30.48 -22.92 38.77
N SER H 85 -30.84 -23.99 39.49
CA SER H 85 -30.65 -25.31 38.93
C SER H 85 -31.64 -25.58 37.81
N ALA H 86 -32.84 -25.01 37.91
CA ALA H 86 -33.85 -25.17 36.86
C ALA H 86 -33.54 -24.36 35.61
N LEU H 87 -32.63 -23.39 35.71
CA LEU H 87 -32.29 -22.54 34.57
C LEU H 87 -30.92 -22.83 33.99
N GLY H 88 -29.90 -23.06 34.82
CA GLY H 88 -28.54 -23.18 34.34
C GLY H 88 -27.66 -24.22 35.03
N SER H 89 -28.25 -25.32 35.49
CA SER H 89 -27.49 -26.34 36.22
C SER H 89 -26.13 -26.61 35.57
N GLU H 90 -25.11 -26.69 36.41
CA GLU H 90 -23.74 -26.91 35.97
C GLU H 90 -23.33 -28.39 36.01
N ASP H 91 -24.29 -29.30 36.07
CA ASP H 91 -23.99 -30.72 36.14
C ASP H 91 -23.57 -31.21 34.77
N GLY H 92 -22.38 -31.82 34.69
CA GLY H 92 -21.88 -32.30 33.41
C GLY H 92 -22.80 -33.31 32.75
N ARG H 93 -23.50 -34.11 33.55
CA ARG H 93 -24.39 -35.13 33.00
C ARG H 93 -25.50 -34.55 32.14
N LEU H 94 -25.69 -33.23 32.15
CA LEU H 94 -26.70 -32.60 31.33
C LEU H 94 -26.20 -32.19 29.96
N GLU H 95 -24.89 -32.21 29.73
CA GLU H 95 -24.35 -31.76 28.45
C GLU H 95 -24.97 -32.47 27.26
N PRO H 96 -25.19 -33.78 27.26
CA PRO H 96 -25.86 -34.42 26.12
C PRO H 96 -27.28 -33.93 25.92
N TYR H 97 -27.99 -33.62 27.01
CA TYR H 97 -29.35 -33.11 26.89
C TYR H 97 -29.35 -31.71 26.26
N ILE H 98 -28.56 -30.80 26.84
CA ILE H 98 -28.46 -29.45 26.29
C ILE H 98 -28.24 -29.50 24.78
N ARG H 99 -27.19 -30.21 24.36
CA ARG H 99 -26.92 -30.39 22.94
C ARG H 99 -28.20 -30.69 22.18
N LEU H 100 -28.89 -31.77 22.57
CA LEU H 100 -30.11 -32.16 21.87
C LEU H 100 -31.06 -30.97 21.79
N TRP H 101 -31.35 -30.34 22.94
CA TRP H 101 -32.25 -29.19 22.95
C TRP H 101 -31.85 -28.20 21.86
N ARG H 102 -30.57 -27.82 21.83
CA ARG H 102 -30.09 -26.89 20.81
C ARG H 102 -30.54 -27.33 19.43
N GLN H 103 -30.20 -28.57 19.05
CA GLN H 103 -30.58 -29.07 17.74
C GLN H 103 -32.05 -28.81 17.47
N ALA H 104 -32.92 -29.19 18.42
CA ALA H 104 -34.35 -29.02 18.22
C ALA H 104 -34.66 -27.60 17.77
N GLN H 105 -34.15 -26.61 18.51
CA GLN H 105 -34.39 -25.22 18.16
C GLN H 105 -34.11 -24.98 16.69
N LEU H 106 -32.90 -25.31 16.25
CA LEU H 106 -32.57 -25.16 14.84
C LEU H 106 -33.56 -25.91 13.97
N LEU H 107 -33.77 -27.20 14.26
CA LEU H 107 -34.66 -28.00 13.44
C LEU H 107 -36.10 -27.51 13.51
N ALA H 108 -36.44 -26.68 14.50
CA ALA H 108 -37.78 -26.12 14.54
C ALA H 108 -38.07 -25.24 13.34
N ASP H 109 -37.03 -24.73 12.68
CA ASP H 109 -37.24 -23.85 11.53
C ASP H 109 -37.61 -24.61 10.26
N SER H 110 -37.35 -25.92 10.22
CA SER H 110 -37.59 -26.71 9.03
C SER H 110 -38.51 -27.90 9.24
N ASP H 111 -38.86 -28.23 10.48
CA ASP H 111 -39.68 -29.40 10.79
C ASP H 111 -40.82 -28.97 11.70
N PRO H 112 -42.03 -28.76 11.17
CA PRO H 112 -43.15 -28.30 12.02
C PRO H 112 -43.37 -29.16 13.25
N GLU H 113 -43.26 -30.48 13.12
CA GLU H 113 -43.47 -31.36 14.27
C GLU H 113 -42.45 -31.06 15.38
N ILE H 114 -41.17 -31.03 15.03
CA ILE H 114 -40.14 -30.72 16.02
C ILE H 114 -40.33 -29.31 16.56
N LYS H 115 -40.85 -28.39 15.75
CA LYS H 115 -41.14 -27.05 16.25
C LYS H 115 -42.21 -27.10 17.33
N SER H 116 -43.28 -27.87 17.11
CA SER H 116 -44.31 -28.02 18.12
C SER H 116 -43.72 -28.63 19.39
N ALA H 117 -42.93 -29.69 19.24
CA ALA H 117 -42.28 -30.28 20.41
C ALA H 117 -41.44 -29.26 21.15
N TYR H 118 -40.69 -28.44 20.42
CA TYR H 118 -39.82 -27.45 21.06
C TYR H 118 -40.65 -26.41 21.81
N LEU H 119 -41.75 -25.96 21.21
CA LEU H 119 -42.67 -25.07 21.91
C LEU H 119 -43.12 -25.69 23.22
N LEU H 120 -43.49 -26.98 23.17
CA LEU H 120 -43.92 -27.67 24.38
C LEU H 120 -42.82 -27.69 25.43
N THR H 121 -41.58 -27.97 25.02
CA THR H 121 -40.49 -28.00 25.99
C THR H 121 -40.25 -26.61 26.61
N MET H 122 -40.36 -25.56 25.79
CA MET H 122 -40.22 -24.20 26.33
C MET H 122 -41.32 -23.90 27.34
N ASN H 123 -42.55 -24.32 27.07
CA ASN H 123 -43.65 -24.05 28.00
C ASN H 123 -43.53 -24.87 29.27
N LEU H 124 -43.01 -26.10 29.19
CA LEU H 124 -42.72 -26.86 30.40
C LEU H 124 -41.67 -26.14 31.23
N TRP H 125 -40.55 -25.77 30.59
CA TRP H 125 -39.52 -24.98 31.27
C TRP H 125 -40.14 -23.77 31.98
N HIS H 126 -40.92 -22.99 31.24
CA HIS H 126 -41.54 -21.80 31.82
C HIS H 126 -42.42 -22.14 33.01
N ASP H 127 -43.18 -23.24 32.91
CA ASP H 127 -44.03 -23.64 34.02
C ASP H 127 -43.20 -23.98 35.26
N GLU H 128 -42.09 -24.69 35.08
CA GLU H 128 -41.23 -24.99 36.22
C GLU H 128 -40.69 -23.71 36.85
N ALA H 129 -40.13 -22.82 36.02
CA ALA H 129 -39.63 -21.55 36.55
C ALA H 129 -40.71 -20.81 37.33
N VAL H 130 -41.93 -20.77 36.79
CA VAL H 130 -43.03 -20.07 37.47
C VAL H 130 -43.34 -20.75 38.80
N ARG H 131 -43.34 -22.08 38.82
CA ARG H 131 -43.59 -22.79 40.07
C ARG H 131 -42.57 -22.41 41.13
N ILE H 132 -41.29 -22.38 40.74
CA ILE H 132 -40.24 -22.07 41.71
C ILE H 132 -40.33 -20.62 42.16
N ILE H 133 -40.66 -19.70 41.24
CA ILE H 133 -40.75 -18.29 41.60
C ILE H 133 -41.91 -18.06 42.54
N ARG H 134 -43.07 -18.66 42.25
CA ARG H 134 -44.21 -18.54 43.14
C ARG H 134 -43.90 -19.12 44.52
N ALA H 135 -43.35 -20.35 44.54
CA ALA H 135 -43.05 -21.00 45.81
C ALA H 135 -42.10 -20.15 46.64
N GLY H 136 -40.98 -19.70 46.03
CA GLY H 136 -40.04 -18.84 46.72
C GLY H 136 -40.60 -17.50 47.12
N HIS H 137 -41.64 -17.02 46.42
CA HIS H 137 -42.32 -15.81 46.84
C HIS H 137 -43.13 -16.05 48.10
N ALA H 138 -43.98 -17.10 48.10
CA ALA H 138 -44.78 -17.42 49.27
C ALA H 138 -43.89 -17.71 50.48
N ALA H 139 -42.71 -18.29 50.26
CA ALA H 139 -41.81 -18.61 51.35
C ALA H 139 -41.12 -17.37 51.93
N GLY H 140 -41.26 -16.21 51.29
CA GLY H 140 -40.60 -15.01 51.74
C GLY H 140 -39.16 -14.88 51.31
N GLU H 141 -38.70 -15.73 50.40
CA GLU H 141 -37.32 -15.69 49.93
C GLU H 141 -37.16 -14.83 48.69
N PHE H 142 -38.17 -14.76 47.83
CA PHE H 142 -38.14 -13.96 46.62
C PHE H 142 -38.94 -12.68 46.81
N THR H 143 -38.48 -11.62 46.14
CA THR H 143 -39.15 -10.32 46.14
C THR H 143 -39.58 -10.02 44.71
N LEU H 144 -40.89 -9.92 44.49
CA LEU H 144 -41.46 -9.78 43.16
C LEU H 144 -41.88 -8.34 42.91
N ARG H 145 -41.30 -7.73 41.87
CA ARG H 145 -41.77 -6.47 41.33
C ARG H 145 -42.59 -6.66 40.06
N ASP H 146 -42.80 -7.91 39.64
CA ASP H 146 -43.54 -8.22 38.43
C ASP H 146 -44.09 -9.63 38.58
N SER H 147 -44.93 -10.04 37.64
CA SER H 147 -45.53 -11.36 37.71
C SER H 147 -44.48 -12.45 37.50
N ALA H 148 -44.74 -13.62 38.06
CA ALA H 148 -43.80 -14.72 37.93
C ALA H 148 -43.64 -15.16 36.48
N GLU H 149 -44.68 -14.97 35.67
CA GLU H 149 -44.60 -15.35 34.26
C GLU H 149 -43.59 -14.47 33.52
N ASN H 150 -43.66 -13.15 33.74
CA ASN H 150 -42.73 -12.25 33.06
C ASN H 150 -41.29 -12.50 33.51
N ILE H 151 -41.07 -12.64 34.82
CA ILE H 151 -39.74 -12.92 35.33
C ILE H 151 -39.22 -14.23 34.74
N ALA H 152 -40.08 -15.24 34.67
CA ALA H 152 -39.66 -16.52 34.11
C ALA H 152 -39.25 -16.37 32.64
N TRP H 153 -40.05 -15.65 31.85
CA TRP H 153 -39.71 -15.47 30.45
C TRP H 153 -38.41 -14.69 30.28
N ARG H 154 -38.16 -13.69 31.14
CA ARG H 154 -36.95 -12.91 31.01
C ARG H 154 -35.71 -13.71 31.41
N LEU H 155 -35.83 -14.53 32.45
CA LEU H 155 -34.71 -15.37 32.86
C LEU H 155 -34.42 -16.44 31.81
N ILE H 156 -35.46 -17.13 31.34
CA ILE H 156 -35.29 -18.12 30.29
C ILE H 156 -34.66 -17.47 29.06
N SER H 157 -35.15 -16.27 28.69
CA SER H 157 -34.59 -15.56 27.55
C SER H 157 -33.11 -15.26 27.76
N LEU H 158 -32.74 -14.83 28.98
CA LEU H 158 -31.33 -14.60 29.28
C LEU H 158 -30.52 -15.86 29.04
N VAL H 159 -30.98 -17.00 29.56
CA VAL H 159 -30.24 -18.25 29.41
C VAL H 159 -30.09 -18.59 27.93
N CYS H 160 -31.18 -18.48 27.17
CA CYS H 160 -31.15 -18.85 25.75
C CYS H 160 -30.19 -17.95 24.97
N GLY H 161 -30.32 -16.64 25.13
CA GLY H 161 -29.42 -15.73 24.44
C GLY H 161 -27.97 -15.98 24.80
N LEU H 162 -27.68 -16.08 26.10
CA LEU H 162 -26.31 -16.32 26.53
C LEU H 162 -25.77 -17.64 25.98
N ASP H 163 -26.64 -18.63 25.76
CA ASP H 163 -26.18 -19.85 25.10
C ASP H 163 -25.87 -19.59 23.63
N GLY H 164 -26.79 -18.91 22.94
CA GLY H 164 -26.57 -18.55 21.55
C GLY H 164 -25.30 -17.76 21.33
N ILE H 165 -24.81 -17.07 22.36
CA ILE H 165 -23.51 -16.42 22.27
C ILE H 165 -22.39 -17.35 22.70
N TYR H 166 -22.65 -18.23 23.68
CA TYR H 166 -21.63 -19.14 24.17
C TYR H 166 -21.15 -20.10 23.09
N VAL H 167 -22.08 -20.60 22.26
CA VAL H 167 -21.69 -21.53 21.22
C VAL H 167 -20.79 -20.87 20.19
N LEU H 168 -20.88 -19.54 20.05
CA LEU H 168 -20.02 -18.83 19.11
C LEU H 168 -18.56 -18.88 19.53
N GLY H 169 -18.28 -19.15 20.80
CA GLY H 169 -16.92 -19.36 21.25
C GLY H 169 -16.18 -18.12 21.69
N MET H 170 -16.88 -17.09 22.15
CA MET H 170 -16.18 -15.90 22.61
C MET H 170 -15.61 -16.14 24.00
N PRO H 171 -14.36 -15.72 24.26
CA PRO H 171 -13.70 -16.11 25.51
C PRO H 171 -14.29 -15.47 26.75
N GLU H 172 -14.81 -14.25 26.66
CA GLU H 172 -15.38 -13.60 27.83
C GLU H 172 -16.75 -14.16 28.22
N VAL H 173 -17.33 -15.01 27.39
CA VAL H 173 -18.58 -15.70 27.71
C VAL H 173 -18.25 -17.19 27.72
N ASP H 174 -17.87 -17.70 28.88
CA ASP H 174 -17.57 -19.10 29.10
C ASP H 174 -18.51 -19.64 30.17
N ASP H 175 -18.29 -20.88 30.60
CA ASP H 175 -19.13 -21.50 31.61
C ASP H 175 -19.28 -20.61 32.83
N ALA H 176 -18.14 -20.25 33.44
CA ALA H 176 -18.16 -19.44 34.66
C ALA H 176 -18.90 -18.13 34.43
N ALA H 177 -18.55 -17.42 33.35
CA ALA H 177 -19.24 -16.17 33.04
C ALA H 177 -20.73 -16.38 32.90
N PHE H 178 -21.13 -17.43 32.18
CA PHE H 178 -22.54 -17.78 32.07
C PHE H 178 -23.20 -17.82 33.45
N THR H 179 -22.63 -18.62 34.35
CA THR H 179 -23.17 -18.70 35.70
C THR H 179 -23.26 -17.32 36.35
N ARG H 180 -22.20 -16.52 36.23
CA ARG H 180 -22.20 -15.18 36.81
C ARG H 180 -23.41 -14.39 36.34
N HIS H 181 -23.65 -14.37 35.02
CA HIS H 181 -24.74 -13.57 34.48
C HIS H 181 -26.08 -14.08 34.97
N LEU H 182 -26.29 -15.41 34.94
CA LEU H 182 -27.57 -15.95 35.38
C LEU H 182 -27.84 -15.61 36.85
N GLN H 183 -26.85 -15.82 37.71
CA GLN H 183 -26.98 -15.42 39.11
C GLN H 183 -27.29 -13.94 39.24
N HIS H 184 -26.67 -13.12 38.38
CA HIS H 184 -26.89 -11.67 38.46
C HIS H 184 -28.33 -11.31 38.15
N VAL H 185 -28.88 -11.86 37.06
CA VAL H 185 -30.25 -11.52 36.70
C VAL H 185 -31.24 -12.10 37.69
N ILE H 186 -30.93 -13.23 38.32
CA ILE H 186 -31.75 -13.71 39.42
C ILE H 186 -31.75 -12.68 40.54
N GLN H 187 -30.55 -12.22 40.93
CA GLN H 187 -30.45 -11.19 41.97
C GLN H 187 -31.29 -9.98 41.63
N LEU H 188 -31.21 -9.50 40.38
CA LEU H 188 -31.93 -8.28 40.02
C LEU H 188 -33.43 -8.50 39.95
N GLU H 189 -33.87 -9.69 39.52
CA GLU H 189 -35.29 -9.93 39.31
C GLU H 189 -36.02 -10.29 40.59
N LEU H 190 -35.34 -10.88 41.58
CA LEU H 190 -36.02 -11.44 42.73
C LEU H 190 -35.44 -11.01 44.08
N PHE H 191 -34.41 -10.17 44.11
CA PHE H 191 -33.75 -9.82 45.37
C PHE H 191 -33.46 -8.32 45.44
N SER H 192 -34.48 -7.51 45.14
CA SER H 192 -34.33 -6.07 45.25
C SER H 192 -34.35 -5.64 46.71
C1 MGR I . 29.37 23.93 -32.51
C2 MGR I . 29.42 24.28 -33.99
C3 MGR I . 30.38 25.19 -34.45
C4 MGR I . 30.44 25.51 -35.80
C5 MGR I . 29.56 24.93 -36.69
C6 MGR I . 28.60 24.03 -36.23
C7 MGR I . 28.53 23.71 -34.89
C8 MGR I . 28.06 23.42 -31.89
C9 MGR I . 28.06 22.24 -31.17
C10 MGR I . 26.89 21.77 -30.60
C11 MGR I . 25.70 22.49 -30.76
C12 MGR I . 25.71 23.66 -31.48
C13 MGR I . 26.89 24.14 -32.06
C14 MGR I . 30.50 23.80 -31.83
C15 MGR I . 30.61 24.38 -30.42
C16 MGR I . 31.91 24.23 -29.63
C17 MGR I . 33.11 23.52 -30.25
C18 MGR I . 32.99 22.94 -31.66
C19 MGR I . 31.69 23.08 -32.45
C22 MGR I . 23.53 22.97 -29.63
C23 MGR I . 24.12 20.60 -30.14
C24 MGR I . 34.17 23.52 -28.14
C25 MGR I . 35.49 23.43 -30.26
N2 MGR I . 24.46 22.01 -30.18
N3 MGR I . 34.18 23.39 -29.60
H31 MGR I . 30.98 25.57 -33.85
H41 MGR I . 31.08 26.11 -36.10
H51 MGR I . 29.59 25.15 -37.60
H61 MGR I . 28.00 23.64 -36.83
H71 MGR I . 27.90 23.11 -34.58
H91 MGR I . 28.85 21.76 -31.05
H101 MGR I . 26.88 20.98 -30.12
H121 MGR I . 24.92 24.14 -31.60
H131 MGR I . 26.89 24.93 -32.54
H151 MGR I . 29.89 24.82 -30.04
H161 MGR I . 31.98 24.58 -28.77
H181 MGR I . 33.71 22.50 -32.05
H191 MGR I . 31.62 22.73 -33.31
H221 MGR I . 23.18 23.54 -30.34
H222 MGR I . 22.79 22.50 -29.21
H223 MGR I . 23.97 23.53 -28.97
H231 MGR I . 23.56 20.38 -30.90
H232 MGR I . 24.94 20.06 -30.19
H233 MGR I . 23.65 20.40 -29.32
H241 MGR I . 35.06 23.36 -27.80
H242 MGR I . 33.89 24.41 -27.91
H243 MGR I . 33.55 22.87 -27.77
H251 MGR I . 36.00 24.17 -29.91
H252 MGR I . 35.36 23.56 -31.21
H253 MGR I . 35.95 22.59 -30.10
C1 MGR J . 21.72 5.41 -23.42
C2 MGR J . 22.61 4.33 -22.82
C3 MGR J . 22.08 3.06 -22.57
C4 MGR J . 22.88 2.07 -22.03
C5 MGR J . 24.21 2.34 -21.72
C6 MGR J . 24.73 3.59 -21.96
C7 MGR J . 23.93 4.58 -22.51
C8 MGR J . 21.97 6.87 -23.03
C9 MGR J . 21.88 7.88 -23.98
C10 MGR J . 22.11 9.19 -23.61
C11 MGR J . 22.43 9.51 -22.30
C12 MGR J . 22.52 8.50 -21.36
C13 MGR J . 22.28 7.19 -21.72
C14 MGR J . 21.00 5.11 -24.49
C15 MGR J . 19.58 5.66 -24.66
C16 MGR J . 18.76 5.30 -25.88
C17 MGR J . 19.34 4.39 -26.96
C18 MGR J . 20.75 3.84 -26.80
C19 MGR J . 21.57 4.20 -25.57
C22 MGR J . 22.43 11.28 -20.52
C23 MGR J . 23.15 11.88 -22.85
C24 MGR J . 17.67 5.03 -28.49
C25 MGR J . 18.64 2.72 -28.49
N2 MGR J . 22.67 10.88 -21.90
N3 MGR J . 18.66 4.10 -27.97
H31 MGR J . 21.20 2.88 -22.79
H41 MGR J . 22.53 1.23 -21.87
H51 MGR J . 24.74 1.67 -21.35
H61 MGR J . 25.62 3.77 -21.75
H71 MGR J . 24.29 5.43 -22.67
H91 MGR J . 21.67 7.67 -24.86
H101 MGR J . 22.05 9.87 -24.25
H121 MGR J . 22.72 8.71 -20.48
H131 MGR J . 22.34 6.50 -21.08
H151 MGR J . 19.22 6.22 -24.00
H161 MGR J . 17.90 5.64 -25.98
H181 MGR J . 21.11 3.29 -27.45
H191 MGR J . 22.44 3.87 -25.47
H221 MGR J . 23.05 10.81 -19.94
H222 MGR J . 22.56 12.23 -20.43
H223 MGR J . 21.52 11.06 -20.27
H231 MGR J . 22.41 12.45 -23.13
H232 MGR J . 23.53 11.43 -23.62
H233 MGR J . 23.83 12.42 -22.42
H241 MGR J . 16.97 5.17 -27.82
H242 MGR J . 18.10 5.88 -28.69
H243 MGR J . 17.27 4.67 -29.29
H251 MGR J . 18.97 2.72 -29.40
H252 MGR J . 19.21 2.17 -27.93
H253 MGR J . 17.73 2.39 -28.48
C1 MGR K . 21.67 -21.11 -6.98
C2 MGR K . 21.48 -19.59 -7.06
C3 MGR K . 21.08 -19.01 -8.25
C4 MGR K . 20.88 -17.63 -8.33
C5 MGR K . 21.11 -16.84 -7.22
C6 MGR K . 21.51 -17.42 -6.03
C7 MGR K . 21.69 -18.80 -5.95
C8 MGR K . 22.75 -21.71 -6.06
C9 MGR K . 22.51 -22.91 -5.42
C10 MGR K . 23.48 -23.46 -4.59
C11 MGR K . 24.69 -22.81 -4.40
C12 MGR K . 24.91 -21.61 -5.05
C13 MGR K . 23.96 -21.05 -5.88
C14 MGR K . 20.79 -21.90 -7.57
C15 MGR K . 21.24 -23.18 -8.27
C16 MGR K . 20.23 -24.09 -8.95
C17 MGR K . 18.74 -23.73 -8.96
C18 MGR K . 18.29 -22.44 -8.26
C19 MGR K . 19.31 -21.53 -7.57
C22 MGR K . 27.10 -23.03 -3.73
C23 MGR K . 25.33 -24.31 -2.48
C24 MGR K . 18.22 -25.88 -9.71
C25 MGR K . 16.79 -23.92 -10.29
N2 MGR K . 25.70 -23.39 -3.54
N3 MGR K . 17.91 -24.47 -9.53
H31 MGR K . 20.92 -19.54 -9.00
H41 MGR K . 20.62 -17.25 -9.14
H51 MGR K . 20.98 -15.92 -7.28
H61 MGR K . 21.65 -16.89 -5.28
H71 MGR K . 21.97 -19.18 -5.15
H91 MGR K . 21.70 -23.35 -5.53
H101 MGR K . 23.32 -24.27 -4.16
H121 MGR K . 25.74 -21.17 -4.93
H131 MGR K . 24.11 -20.25 -6.31
H151 MGR K . 22.14 -23.41 -8.28
H161 MGR K . 20.51 -24.87 -9.38
H181 MGR K . 17.38 -22.21 -8.25
H191 MGR K . 19.02 -20.75 -7.15
H221 MGR K . 27.66 -23.55 -3.13
H222 MGR K . 27.35 -23.21 -4.65
H223 MGR K . 27.23 -22.09 -3.55
H231 MGR K . 25.24 -25.19 -2.85
H232 MGR K . 26.02 -24.31 -1.80
H233 MGR K . 24.49 -24.03 -2.09
H241 MGR K . 18.40 -26.29 -8.85
H242 MGR K . 18.99 -25.97 -10.28
H243 MGR K . 17.46 -26.33 -10.12
H251 MGR K . 16.85 -24.22 -11.21
H252 MGR K . 15.96 -24.22 -9.90
H253 MGR K . 16.84 -22.94 -10.26
C1 MGR L . 21.94 -33.16 11.06
C2 MGR L . 20.88 -34.19 11.45
C3 MGR L . 20.78 -34.64 12.76
C4 MGR L . 19.80 -35.57 13.10
C5 MGR L . 18.94 -36.05 12.14
C6 MGR L . 19.04 -35.61 10.83
C7 MGR L . 20.01 -34.68 10.49
C8 MGR L . 22.51 -33.24 9.65
C9 MGR L . 22.64 -32.12 8.86
C10 MGR L . 23.17 -32.22 7.58
C11 MGR L . 23.56 -33.44 7.08
C12 MGR L . 23.44 -34.58 7.87
C13 MGR L . 22.92 -34.48 9.14
C14 MGR L . 22.20 -32.13 11.85
C15 MGR L . 23.61 -31.55 11.95
C16 MGR L . 23.90 -30.37 12.88
C17 MGR L . 22.79 -29.73 13.70
C18 MGR L . 21.37 -30.31 13.59
C19 MGR L . 21.08 -31.50 12.68
C22 MGR L . 24.61 -34.84 5.27
C23 MGR L . 24.19 -32.39 4.87
C24 MGR L . 24.12 -27.86 14.16
C25 MGR L . 22.41 -28.67 15.77
N2 MGR L . 24.11 -33.56 5.74
N3 MGR L . 23.02 -28.76 14.45
H31 MGR L . 21.36 -34.31 13.41
H41 MGR L . 19.75 -35.86 13.98
H51 MGR L . 18.29 -36.68 12.37
H61 MGR L . 18.45 -35.93 10.19
H71 MGR L . 20.07 -34.37 9.61
H91 MGR L . 22.38 -31.29 9.19
H101 MGR L . 23.25 -31.45 7.05
H121 MGR L . 23.70 -35.40 7.54
H131 MGR L . 22.83 -35.24 9.68
H151 MGR L . 24.30 -31.94 11.45
H161 MGR L . 24.76 -30.03 12.93
H181 MGR L . 20.68 -29.93 14.10
H191 MGR L . 20.21 -31.84 12.62
H221 MGR L . 25.01 -34.74 4.39
H222 MGR L . 25.27 -35.19 5.88
H223 MGR L . 23.87 -35.47 5.21
H231 MGR L . 23.34 -31.93 4.89
H232 MGR L . 24.39 -32.68 3.96
H233 MGR L . 24.88 -31.80 5.18
H241 MGR L . 24.96 -28.36 14.20
H242 MGR L . 24.01 -27.49 13.27
H243 MGR L . 24.14 -27.14 14.81
H251 MGR L . 21.87 -27.86 15.83
H252 MGR L . 21.84 -29.44 15.93
H253 MGR L . 23.10 -28.64 16.45
C1 MGR M . -11.39 37.34 -2.67
C2 MGR M . -11.46 37.70 -4.16
C3 MGR M . -10.62 38.69 -4.66
C4 MGR M . -10.69 39.01 -6.00
C5 MGR M . -11.58 38.37 -6.84
C6 MGR M . -12.41 37.38 -6.33
C7 MGR M . -12.35 37.05 -4.99
C8 MGR M . -12.68 36.93 -1.95
C9 MGR M . -12.68 35.96 -0.97
C10 MGR M . -13.86 35.60 -0.35
C11 MGR M . -15.05 36.19 -0.73
C12 MGR M . -15.07 37.16 -1.72
C13 MGR M . -13.88 37.53 -2.34
C14 MGR M . -10.22 37.29 -2.07
C15 MGR M . -10.01 37.87 -0.68
C16 MGR M . -8.64 37.82 -0.01
C17 MGR M . -7.45 37.18 -0.74
C18 MGR M . -7.66 36.60 -2.14
C19 MGR M . -9.03 36.65 -2.80
C22 MGR M . -17.16 36.87 0.45
C23 MGR M . -16.71 34.44 -0.01
C24 MGR M . -6.20 36.96 1.24
C25 MGR M . -5.12 37.46 -0.96
N2 MGR M . -16.31 35.83 -0.09
N3 MGR M . -6.32 37.13 -0.20
H31 MGR M . -10.03 39.13 -4.10
H41 MGR M . -10.13 39.68 -6.34
H51 MGR M . -11.61 38.58 -7.74
H61 MGR M . -13.00 36.94 -6.89
H71 MGR M . -12.91 36.40 -4.65
H91 MGR M . -11.88 35.56 -0.72
H101 MGR M . -13.87 34.95 0.32
H121 MGR M . -15.86 37.55 -1.97
H131 MGR M . -13.88 38.16 -3.00
H151 MGR M . -10.73 38.27 -0.22
H161 MGR M . -8.52 38.17 0.84
H181 MGR M . -6.95 36.21 -2.59
H191 MGR M . -9.15 36.31 -3.65
H221 MGR M . -16.65 37.42 1.07
H222 MGR M . -17.48 37.43 -0.28
H223 MGR M . -17.91 36.47 0.90
H231 MGR M . -17.10 34.27 0.86
H232 MGR M . -15.94 33.87 -0.14
H233 MGR M . -17.37 34.25 -0.70
H241 MGR M . -5.27 36.89 1.49
H242 MGR M . -6.67 36.16 1.52
H243 MGR M . -6.60 37.72 1.69
H251 MGR M . -4.67 38.20 -0.54
H252 MGR M . -4.52 36.69 -0.98
H253 MGR M . -5.36 37.70 -1.87
C1 MGR N . -19.35 19.47 6.69
C2 MGR N . -18.51 18.32 7.25
C3 MGR N . -19.08 17.08 7.46
C4 MGR N . -18.31 16.04 7.97
C5 MGR N . -16.99 16.25 8.27
C6 MGR N . -16.41 17.49 8.06
C7 MGR N . -17.17 18.53 7.55
C8 MGR N . -19.02 20.90 7.11
C9 MGR N . -19.01 21.92 6.17
C10 MGR N . -18.70 23.21 6.56
C11 MGR N . -18.41 23.50 7.89
C12 MGR N . -18.42 22.48 8.82
C13 MGR N . -18.73 21.18 8.43
C14 MGR N . -20.19 19.24 5.69
C15 MGR N . -21.56 19.89 5.67
C16 MGR N . -22.54 19.61 4.52
C17 MGR N . -22.15 18.67 3.39
C18 MGR N . -20.77 18.00 3.41
C19 MGR N . -19.79 18.29 4.56
C22 MGR N . -18.36 25.26 9.67
C23 MGR N . -17.51 25.80 7.36
C24 MGR N . -23.94 19.46 2.09
C25 MGR N . -23.01 17.16 1.77
N2 MGR N . -18.09 24.85 8.30
N3 MGR N . -22.95 18.45 2.45
H31 MGR N . -19.98 16.95 7.26
H41 MGR N . -18.71 15.22 8.11
H51 MGR N . -16.47 15.55 8.62
H61 MGR N . -15.51 17.63 8.27
H71 MGR N . -16.79 19.37 7.41
H91 MGR N . -19.20 21.73 5.28
H101 MGR N . -18.70 23.90 5.93
H121 MGR N . -18.23 22.65 9.71
H131 MGR N . -18.73 20.49 9.06
H151 MGR N . -21.81 20.47 6.36
H161 MGR N . -23.37 20.03 4.52
H181 MGR N . -20.52 17.43 2.73
H191 MGR N . -18.97 17.88 4.57
H221 MGR N . -17.79 24.75 10.28
H222 MGR N . -18.16 26.21 9.77
H223 MGR N . -19.29 25.11 9.88
H231 MGR N . -16.99 25.31 6.71
H232 MGR N . -16.94 26.42 7.84
H233 MGR N . -18.21 26.28 6.91
H241 MGR N . -24.54 19.61 2.84
H242 MGR N . -23.49 20.29 1.86
H243 MGR N . -24.45 19.15 1.32
H251 MGR N . -22.36 16.56 2.16
H252 MGR N . -22.82 17.29 0.83
H253 MGR N . -23.90 16.79 1.88
C1 MGR O . -34.15 -7.48 17.07
C2 MGR O . -33.35 -6.18 17.10
C3 MGR O . -33.93 -4.99 16.67
C4 MGR O . -33.21 -3.81 16.69
C5 MGR O . -31.90 -3.82 17.14
C6 MGR O . -31.31 -4.99 17.56
C7 MGR O . -32.04 -6.18 17.54
C8 MGR O . -33.36 -8.78 16.96
C9 MGR O . -33.62 -9.85 17.81
C10 MGR O . -32.89 -11.03 17.70
C11 MGR O . -31.89 -11.13 16.75
C12 MGR O . -31.63 -10.07 15.91
C13 MGR O . -32.35 -8.90 16.02
C14 MGR O . -35.42 -7.48 17.43
C15 MGR O . -36.43 -8.41 16.76
C16 MGR O . -37.90 -8.39 17.18
C17 MGR O . -38.38 -7.44 18.27
C18 MGR O . -37.38 -6.51 18.95
C19 MGR O . -35.91 -6.53 18.52
C22 MGR O . -30.40 -12.60 15.38
C23 MGR O . -31.03 -13.30 17.71
C24 MGR O . -40.42 -8.61 18.41
C25 MGR O . -40.26 -6.19 18.99
N2 MGR O . -31.11 -12.35 16.62
N3 MGR O . -39.59 -7.43 18.62
H31 MGR O . -34.82 -4.99 16.37
H41 MGR O . -33.61 -3.02 16.41
H51 MGR O . -31.42 -3.02 17.15
H61 MGR O . -30.43 -4.99 17.86
H71 MGR O . -31.65 -6.97 17.82
H91 MGR O . -34.30 -9.78 18.44
H101 MGR O . -33.07 -11.74 18.27
H121 MGR O . -30.96 -10.13 15.27
H131 MGR O . -32.17 -8.18 15.45
H151 MGR O . -36.14 -9.00 16.09
H161 MGR O . -38.50 -8.97 16.76
H181 MGR O . -37.66 -5.93 19.61
H191 MGR O . -35.30 -5.96 18.94
H221 MGR O . -29.70 -11.94 15.26
H222 MGR O . -29.99 -13.49 15.42
H223 MGR O . -31.01 -12.57 14.63
H231 MGR O . -30.20 -13.78 17.67
H232 MGR O . -31.76 -13.94 17.64
H233 MGR O . -31.09 -12.84 18.56
H241 MGR O . -40.02 -9.37 18.86
H242 MGR O . -40.48 -8.80 17.46
H243 MGR O . -41.30 -8.45 18.77
H251 MGR O . -40.58 -6.24 19.89
H252 MGR O . -39.64 -5.45 18.91
H253 MGR O . -41.00 -6.04 18.39
C1 MGR P . -28.89 -24.67 29.39
C2 MGR P . -29.73 -25.19 30.56
C3 MGR P . -29.18 -26.06 31.49
C4 MGR P . -29.94 -26.53 32.55
C5 MGR P . -31.26 -26.14 32.68
C6 MGR P . -31.82 -25.27 31.76
C7 MGR P . -31.06 -24.80 30.69
C8 MGR P . -29.59 -24.38 28.06
C9 MGR P . -29.21 -23.27 27.31
C10 MGR P . -29.85 -23.02 26.10
C11 MGR P . -30.86 -23.86 25.64
C12 MGR P . -31.23 -24.96 26.40
C13 MGR P . -30.59 -25.21 27.61
C14 MGR P . -27.65 -24.28 29.61
C15 MGR P . -26.55 -24.52 28.58
C16 MGR P . -25.12 -24.07 28.85
C17 MGR P . -24.76 -23.39 30.18
C18 MGR P . -25.85 -23.15 31.21
C19 MGR P . -27.28 -23.60 30.93
C22 MGR P . -32.04 -24.69 23.60
C23 MGR P . -31.68 -22.22 23.91
C24 MGR P . -22.71 -22.64 29.29
C25 MGR P . -22.98 -23.19 31.71
N2 MGR P . -31.53 -23.59 24.39
N3 MGR P . -23.58 -23.01 30.40
H31 MGR P . -28.29 -26.32 31.41
H41 MGR P . -29.56 -27.12 33.17
H51 MGR P . -31.77 -26.45 33.39
H61 MGR P . -32.71 -25.02 31.85
H71 MGR P . -31.44 -24.22 30.08
H91 MGR P . -28.55 -22.71 27.61
H101 MGR P . -29.61 -22.28 25.59
H121 MGR P . -31.91 -25.52 26.10
H131 MGR P . -30.84 -25.96 28.11
H151 MGR P . -26.76 -24.94 27.77
H161 MGR P . -24.46 -24.22 28.21
H181 MGR P . -25.65 -22.73 32.01
H191 MGR P . -27.95 -23.45 31.56
H221 MGR P . -32.38 -24.36 22.75
H222 MGR P . -32.75 -25.13 24.07
H223 MGR P . -31.33 -25.32 23.42
H231 MGR P . -31.68 -21.61 24.66
H232 MGR P . -32.53 -22.14 23.43
H233 MGR P . -30.96 -22.00 23.31
H241 MGR P . -21.85 -22.33 29.64
H242 MGR P . -22.57 -23.40 28.71
H243 MGR P . -23.13 -21.92 28.79
H251 MGR P . -22.72 -22.33 32.06
H252 MGR P . -22.19 -23.75 31.63
H253 MGR P . -23.62 -23.61 32.30
#